data_1P4T
# 
_entry.id   1P4T 
# 
_audit_conform.dict_name       mmcif_pdbx.dic 
_audit_conform.dict_version    5.381 
_audit_conform.dict_location   http://mmcif.pdb.org/dictionaries/ascii/mmcif_pdbx.dic 
# 
loop_
_database_2.database_id 
_database_2.database_code 
_database_2.pdbx_database_accession 
_database_2.pdbx_DOI 
PDB   1P4T         pdb_00001p4t 10.2210/pdb1p4t/pdb 
RCSB  RCSB019007   ?            ?                   
WWPDB D_1000019007 ?            ?                   
# 
_pdbx_database_status.status_code                     REL 
_pdbx_database_status.entry_id                        1P4T 
_pdbx_database_status.recvd_initial_deposition_date   2003-04-24 
_pdbx_database_status.deposit_site                    RCSB 
_pdbx_database_status.process_site                    RCSB 
_pdbx_database_status.status_code_sf                  REL 
_pdbx_database_status.SG_entry                        . 
_pdbx_database_status.pdb_format_compatible           Y 
_pdbx_database_status.status_code_mr                  ? 
_pdbx_database_status.status_code_cs                  ? 
_pdbx_database_status.status_code_nmr_data            ? 
_pdbx_database_status.methods_development_category    ? 
# 
loop_
_audit_author.name 
_audit_author.pdbx_ordinal 
'Vandeputte-Rutten, L.' 1 
'Bos, M.P.'             2 
'Tommassen, J.'         3 
'Gros, P.'              4 
# 
_citation.id                        primary 
_citation.title                     
;Crystal structure of Neisserial Surface Protein A (NspA),  
a conserved outer membrane protein with vaccine potential
;
_citation.journal_abbrev            J.Biol.Chem. 
_citation.journal_volume            278 
_citation.page_first                24825 
_citation.page_last                 24830 
_citation.year                      2003 
_citation.journal_id_ASTM           JBCHA3 
_citation.country                   US 
_citation.journal_id_ISSN           0021-9258 
_citation.journal_id_CSD            0071 
_citation.book_publisher            ? 
_citation.pdbx_database_id_PubMed   12716881 
_citation.pdbx_database_id_DOI      10.1074/jbc.M302803200 
# 
loop_
_citation_author.citation_id 
_citation_author.name 
_citation_author.ordinal 
_citation_author.identifier_ORCID 
primary 'Vandeputte-Rutten, L.' 1 ? 
primary 'Bos, M.P.'             2 ? 
primary 'Tommassen, J.'         3 ? 
primary 'Gros, P.'              4 ? 
# 
_cell.entry_id           1P4T 
_cell.length_a           97.372 
_cell.length_b           97.372 
_cell.length_c           171.939 
_cell.angle_alpha        90.00 
_cell.angle_beta         90.00 
_cell.angle_gamma        120.00 
_cell.Z_PDB              18 
_cell.pdbx_unique_axis   ? 
# 
_symmetry.entry_id                         1P4T 
_symmetry.space_group_name_H-M             'H 3 2' 
_symmetry.pdbx_full_space_group_name_H-M   ? 
_symmetry.cell_setting                     ? 
_symmetry.Int_Tables_number                155 
# 
loop_
_entity.id 
_entity.type 
_entity.src_method 
_entity.pdbx_description 
_entity.formula_weight 
_entity.pdbx_number_of_molecules 
_entity.pdbx_ec 
_entity.pdbx_mutation 
_entity.pdbx_fragment 
_entity.details 
1 polymer     man 'outer membrane protein NspA'          16582.434 1 ? ? ? ? 
2 non-polymer syn 'SULFATE ION'                          96.063    1 ? ? ? ? 
3 non-polymer syn 'PENTAETHYLENE GLYCOL MONODECYL ETHER' 378.544   5 ? ? ? ? 
4 non-polymer syn ETHANOLAMINE                           61.083    1 ? ? ? ? 
5 water       nat water                                  18.015    9 ? ? ? ? 
# 
_entity_name_com.entity_id   1 
_entity_name_com.name        'Neisserial surface protein A, NspA' 
# 
_entity_poly.entity_id                      1 
_entity_poly.type                           'polypeptide(L)' 
_entity_poly.nstd_linkage                   no 
_entity_poly.nstd_monomer                   no 
_entity_poly.pdbx_seq_one_letter_code       
;EGASGFYVQADAAHAKASSSLGSAKGFSPRISAGYRINDLRFAVDYTRYKNYKAPSTDFKLYSIGASAIYDFDTQSPVKP
YLGARLSLNRASVDLGGSDSFSQTSIGLGVLTGVSYAVTPNVDLDAGYRYNYIGKVNTVKNVRSGELSAGVRVKF
;
_entity_poly.pdbx_seq_one_letter_code_can   
;EGASGFYVQADAAHAKASSSLGSAKGFSPRISAGYRINDLRFAVDYTRYKNYKAPSTDFKLYSIGASAIYDFDTQSPVKP
YLGARLSLNRASVDLGGSDSFSQTSIGLGVLTGVSYAVTPNVDLDAGYRYNYIGKVNTVKNVRSGELSAGVRVKF
;
_entity_poly.pdbx_strand_id                 A 
_entity_poly.pdbx_target_identifier         ? 
# 
loop_
_entity_poly_seq.entity_id 
_entity_poly_seq.num 
_entity_poly_seq.mon_id 
_entity_poly_seq.hetero 
1 1   GLU n 
1 2   GLY n 
1 3   ALA n 
1 4   SER n 
1 5   GLY n 
1 6   PHE n 
1 7   TYR n 
1 8   VAL n 
1 9   GLN n 
1 10  ALA n 
1 11  ASP n 
1 12  ALA n 
1 13  ALA n 
1 14  HIS n 
1 15  ALA n 
1 16  LYS n 
1 17  ALA n 
1 18  SER n 
1 19  SER n 
1 20  SER n 
1 21  LEU n 
1 22  GLY n 
1 23  SER n 
1 24  ALA n 
1 25  LYS n 
1 26  GLY n 
1 27  PHE n 
1 28  SER n 
1 29  PRO n 
1 30  ARG n 
1 31  ILE n 
1 32  SER n 
1 33  ALA n 
1 34  GLY n 
1 35  TYR n 
1 36  ARG n 
1 37  ILE n 
1 38  ASN n 
1 39  ASP n 
1 40  LEU n 
1 41  ARG n 
1 42  PHE n 
1 43  ALA n 
1 44  VAL n 
1 45  ASP n 
1 46  TYR n 
1 47  THR n 
1 48  ARG n 
1 49  TYR n 
1 50  LYS n 
1 51  ASN n 
1 52  TYR n 
1 53  LYS n 
1 54  ALA n 
1 55  PRO n 
1 56  SER n 
1 57  THR n 
1 58  ASP n 
1 59  PHE n 
1 60  LYS n 
1 61  LEU n 
1 62  TYR n 
1 63  SER n 
1 64  ILE n 
1 65  GLY n 
1 66  ALA n 
1 67  SER n 
1 68  ALA n 
1 69  ILE n 
1 70  TYR n 
1 71  ASP n 
1 72  PHE n 
1 73  ASP n 
1 74  THR n 
1 75  GLN n 
1 76  SER n 
1 77  PRO n 
1 78  VAL n 
1 79  LYS n 
1 80  PRO n 
1 81  TYR n 
1 82  LEU n 
1 83  GLY n 
1 84  ALA n 
1 85  ARG n 
1 86  LEU n 
1 87  SER n 
1 88  LEU n 
1 89  ASN n 
1 90  ARG n 
1 91  ALA n 
1 92  SER n 
1 93  VAL n 
1 94  ASP n 
1 95  LEU n 
1 96  GLY n 
1 97  GLY n 
1 98  SER n 
1 99  ASP n 
1 100 SER n 
1 101 PHE n 
1 102 SER n 
1 103 GLN n 
1 104 THR n 
1 105 SER n 
1 106 ILE n 
1 107 GLY n 
1 108 LEU n 
1 109 GLY n 
1 110 VAL n 
1 111 LEU n 
1 112 THR n 
1 113 GLY n 
1 114 VAL n 
1 115 SER n 
1 116 TYR n 
1 117 ALA n 
1 118 VAL n 
1 119 THR n 
1 120 PRO n 
1 121 ASN n 
1 122 VAL n 
1 123 ASP n 
1 124 LEU n 
1 125 ASP n 
1 126 ALA n 
1 127 GLY n 
1 128 TYR n 
1 129 ARG n 
1 130 TYR n 
1 131 ASN n 
1 132 TYR n 
1 133 ILE n 
1 134 GLY n 
1 135 LYS n 
1 136 VAL n 
1 137 ASN n 
1 138 THR n 
1 139 VAL n 
1 140 LYS n 
1 141 ASN n 
1 142 VAL n 
1 143 ARG n 
1 144 SER n 
1 145 GLY n 
1 146 GLU n 
1 147 LEU n 
1 148 SER n 
1 149 ALA n 
1 150 GLY n 
1 151 VAL n 
1 152 ARG n 
1 153 VAL n 
1 154 LYS n 
1 155 PHE n 
# 
_entity_src_gen.entity_id                          1 
_entity_src_gen.pdbx_src_id                        1 
_entity_src_gen.pdbx_alt_source_flag               sample 
_entity_src_gen.pdbx_seq_type                      ? 
_entity_src_gen.pdbx_beg_seq_num                   ? 
_entity_src_gen.pdbx_end_seq_num                   ? 
_entity_src_gen.gene_src_common_name               ? 
_entity_src_gen.gene_src_genus                     Neisseria 
_entity_src_gen.pdbx_gene_src_gene                 nspa 
_entity_src_gen.gene_src_species                   ? 
_entity_src_gen.gene_src_strain                    ? 
_entity_src_gen.gene_src_tissue                    ? 
_entity_src_gen.gene_src_tissue_fraction           ? 
_entity_src_gen.gene_src_details                   ? 
_entity_src_gen.pdbx_gene_src_fragment             ? 
_entity_src_gen.pdbx_gene_src_scientific_name      'Neisseria meningitidis' 
_entity_src_gen.pdbx_gene_src_ncbi_taxonomy_id     487 
_entity_src_gen.pdbx_gene_src_variant              ? 
_entity_src_gen.pdbx_gene_src_cell_line            ? 
_entity_src_gen.pdbx_gene_src_atcc                 ? 
_entity_src_gen.pdbx_gene_src_organ                ? 
_entity_src_gen.pdbx_gene_src_organelle            ? 
_entity_src_gen.pdbx_gene_src_cell                 ? 
_entity_src_gen.pdbx_gene_src_cellular_location    ? 
_entity_src_gen.host_org_common_name               ? 
_entity_src_gen.pdbx_host_org_scientific_name      'Escherichia coli BL21(DE3)' 
_entity_src_gen.pdbx_host_org_ncbi_taxonomy_id     469008 
_entity_src_gen.host_org_genus                     Escherichia 
_entity_src_gen.pdbx_host_org_gene                 ? 
_entity_src_gen.pdbx_host_org_organ                ? 
_entity_src_gen.host_org_species                   'Escherichia coli' 
_entity_src_gen.pdbx_host_org_tissue               ? 
_entity_src_gen.pdbx_host_org_tissue_fraction      ? 
_entity_src_gen.pdbx_host_org_strain               'BL21(DE3)' 
_entity_src_gen.pdbx_host_org_variant              ? 
_entity_src_gen.pdbx_host_org_cell_line            ? 
_entity_src_gen.pdbx_host_org_atcc                 ? 
_entity_src_gen.pdbx_host_org_culture_collection   ? 
_entity_src_gen.pdbx_host_org_cell                 ? 
_entity_src_gen.pdbx_host_org_organelle            ? 
_entity_src_gen.pdbx_host_org_cellular_location    ? 
_entity_src_gen.pdbx_host_org_vector_type          plasmid 
_entity_src_gen.pdbx_host_org_vector               ? 
_entity_src_gen.host_org_details                   ? 
_entity_src_gen.expression_system_id               ? 
_entity_src_gen.plasmid_name                       pET11a 
_entity_src_gen.plasmid_details                    ? 
_entity_src_gen.pdbx_description                   ? 
# 
_struct_ref.id                         1 
_struct_ref.db_name                    UNP 
_struct_ref.db_code                    Q9RP17_NEIME 
_struct_ref.pdbx_db_accession          Q9RP17 
_struct_ref.entity_id                  1 
_struct_ref.pdbx_seq_one_letter_code   
;EGASGFYVQADAAHAKASSSLGSAKGFSPRISAGYRINDLRFAVDYTRYKNYKAPSTDFKLYSIGASAIYDFDTQSPVKP
YLGARLSLNRASVDLGGSDSFSQTSIGLGVLTGVSYAVTPNVDLDAGYRYNYIGKVNTVKNVRSGELSAGVRVKF
;
_struct_ref.pdbx_align_begin           20 
_struct_ref.pdbx_db_isoform            ? 
# 
_struct_ref_seq.align_id                      1 
_struct_ref_seq.ref_id                        1 
_struct_ref_seq.pdbx_PDB_id_code              1P4T 
_struct_ref_seq.pdbx_strand_id                A 
_struct_ref_seq.seq_align_beg                 1 
_struct_ref_seq.pdbx_seq_align_beg_ins_code   ? 
_struct_ref_seq.seq_align_end                 155 
_struct_ref_seq.pdbx_seq_align_end_ins_code   ? 
_struct_ref_seq.pdbx_db_accession             Q9RP17 
_struct_ref_seq.db_align_beg                  20 
_struct_ref_seq.pdbx_db_align_beg_ins_code    ? 
_struct_ref_seq.db_align_end                  174 
_struct_ref_seq.pdbx_db_align_end_ins_code    ? 
_struct_ref_seq.pdbx_auth_seq_align_beg       1 
_struct_ref_seq.pdbx_auth_seq_align_end       155 
# 
loop_
_chem_comp.id 
_chem_comp.type 
_chem_comp.mon_nstd_flag 
_chem_comp.name 
_chem_comp.pdbx_synonyms 
_chem_comp.formula 
_chem_comp.formula_weight 
ALA 'L-peptide linking'               y ALANINE                                ? 'C3 H7 N O2'     89.093  
ARG 'L-peptide linking'               y ARGININE                               ? 'C6 H15 N4 O2 1' 175.209 
ASN 'L-peptide linking'               y ASPARAGINE                             ? 'C4 H8 N2 O3'    132.118 
ASP 'L-peptide linking'               y 'ASPARTIC ACID'                        ? 'C4 H7 N O4'     133.103 
CXE non-polymer                       . 'PENTAETHYLENE GLYCOL MONODECYL ETHER' ? 'C20 H42 O6'     378.544 
ETA 'L-peptide COOH carboxy terminus' . ETHANOLAMINE                           ? 'C2 H7 N O'      61.083  
GLN 'L-peptide linking'               y GLUTAMINE                              ? 'C5 H10 N2 O3'   146.144 
GLU 'L-peptide linking'               y 'GLUTAMIC ACID'                        ? 'C5 H9 N O4'     147.129 
GLY 'peptide linking'                 y GLYCINE                                ? 'C2 H5 N O2'     75.067  
HIS 'L-peptide linking'               y HISTIDINE                              ? 'C6 H10 N3 O2 1' 156.162 
HOH non-polymer                       . WATER                                  ? 'H2 O'           18.015  
ILE 'L-peptide linking'               y ISOLEUCINE                             ? 'C6 H13 N O2'    131.173 
LEU 'L-peptide linking'               y LEUCINE                                ? 'C6 H13 N O2'    131.173 
LYS 'L-peptide linking'               y LYSINE                                 ? 'C6 H15 N2 O2 1' 147.195 
PHE 'L-peptide linking'               y PHENYLALANINE                          ? 'C9 H11 N O2'    165.189 
PRO 'L-peptide linking'               y PROLINE                                ? 'C5 H9 N O2'     115.130 
SER 'L-peptide linking'               y SERINE                                 ? 'C3 H7 N O3'     105.093 
SO4 non-polymer                       . 'SULFATE ION'                          ? 'O4 S -2'        96.063  
THR 'L-peptide linking'               y THREONINE                              ? 'C4 H9 N O3'     119.119 
TYR 'L-peptide linking'               y TYROSINE                               ? 'C9 H11 N O3'    181.189 
VAL 'L-peptide linking'               y VALINE                                 ? 'C5 H11 N O2'    117.146 
# 
_exptl.entry_id          1P4T 
_exptl.method            'X-RAY DIFFRACTION' 
_exptl.crystals_number   1 
# 
_exptl_crystal.id                    1 
_exptl_crystal.density_meas          ? 
_exptl_crystal.density_Matthews      4.73 
_exptl_crystal.density_percent_sol   73.99 
_exptl_crystal.description           ? 
# 
_exptl_crystal_grow.crystal_id      1 
_exptl_crystal_grow.method          'VAPOR DIFFUSION, HANGING DROP' 
_exptl_crystal_grow.temp            277 
_exptl_crystal_grow.temp_details    ? 
_exptl_crystal_grow.pH              6.6 
_exptl_crystal_grow.pdbx_details    
;0.06%  n-decylpentaoxyethylene (c10e5), 12% (w/v) PEG 3000, 0.1 M lithium sulfate, 
0.1 M N-(2-acetamido)iminodiacetic acid (ADA), 2% (v/v) isopropanol, pH 6.6, VAPOR DIFFUSION, HANGING DROP, temperature 277K
;
_exptl_crystal_grow.pdbx_pH_range   . 
# 
_diffrn.id                     1 
_diffrn.ambient_temp           100 
_diffrn.ambient_temp_details   ? 
_diffrn.crystal_id             1 
# 
_diffrn_detector.diffrn_id              1 
_diffrn_detector.detector               CCD 
_diffrn_detector.type                   'ADSC QUANTUM 4' 
_diffrn_detector.pdbx_collection_date   2002-05-04 
_diffrn_detector.details                'TOROIDAL MIRROR' 
# 
_diffrn_radiation.diffrn_id                        1 
_diffrn_radiation.wavelength_id                    1 
_diffrn_radiation.pdbx_monochromatic_or_laue_m_l   M 
_diffrn_radiation.monochromator                    'DIAMOND (111)' 
_diffrn_radiation.pdbx_diffrn_protocol             'SINGLE WAVELENGTH' 
_diffrn_radiation.pdbx_scattering_type             x-ray 
# 
_diffrn_radiation_wavelength.id           1 
_diffrn_radiation_wavelength.wavelength   0.933 
_diffrn_radiation_wavelength.wt           1.0 
# 
_diffrn_source.diffrn_id                   1 
_diffrn_source.source                      SYNCHROTRON 
_diffrn_source.type                        'ESRF BEAMLINE ID14-1' 
_diffrn_source.pdbx_synchrotron_site       ESRF 
_diffrn_source.pdbx_synchrotron_beamline   ID14-1 
_diffrn_source.pdbx_wavelength             ? 
_diffrn_source.pdbx_wavelength_list        0.933 
# 
_reflns.entry_id                     1P4T 
_reflns.observed_criterion_sigma_F   -3.7 
_reflns.observed_criterion_sigma_I   -3.7 
_reflns.d_resolution_high            2.55 
_reflns.d_resolution_low             40 
_reflns.number_all                   10503 
_reflns.number_obs                   10350 
_reflns.percent_possible_obs         98.6 
_reflns.pdbx_Rmerge_I_obs            0.07 
_reflns.pdbx_Rsym_value              0.07 
_reflns.pdbx_netI_over_sigmaI        19 
_reflns.B_iso_Wilson_estimate        69.8 
_reflns.pdbx_redundancy              12.1 
_reflns.R_free_details               ? 
_reflns.limit_h_max                  ? 
_reflns.limit_h_min                  ? 
_reflns.limit_k_max                  ? 
_reflns.limit_k_min                  ? 
_reflns.limit_l_max                  ? 
_reflns.limit_l_min                  ? 
_reflns.observed_criterion_F_max     ? 
_reflns.observed_criterion_F_min     ? 
_reflns.pdbx_ordinal                 1 
_reflns.pdbx_diffrn_id               1 
# 
_reflns_shell.d_res_high             2.55 
_reflns_shell.d_res_low              2.64 
_reflns_shell.percent_possible_all   99.7 
_reflns_shell.Rmerge_I_obs           0.375 
_reflns_shell.pdbx_Rsym_value        0.375 
_reflns_shell.meanI_over_sigI_obs    5.2 
_reflns_shell.pdbx_redundancy        8.7 
_reflns_shell.percent_possible_obs   ? 
_reflns_shell.number_unique_all      1029 
_reflns_shell.pdbx_ordinal           1 
_reflns_shell.pdbx_diffrn_id         1 
# 
_refine.entry_id                                 1P4T 
_refine.ls_number_reflns_obs                     10340 
_refine.ls_number_reflns_all                     10340 
_refine.pdbx_ls_sigma_I                          0 
_refine.pdbx_ls_sigma_F                          0 
_refine.pdbx_data_cutoff_high_absF               ? 
_refine.pdbx_data_cutoff_low_absF                ? 
_refine.pdbx_data_cutoff_high_rms_absF           ? 
_refine.ls_d_res_low                             30.15 
_refine.ls_d_res_high                            2.55 
_refine.ls_percent_reflns_obs                    100.00 
_refine.ls_R_factor_obs                          0.22664 
_refine.ls_R_factor_all                          ? 
_refine.ls_R_factor_R_work                       0.22514 
_refine.ls_R_factor_R_free                       0.25791 
_refine.ls_R_factor_R_free_error                 ? 
_refine.ls_R_factor_R_free_error_details         ? 
_refine.ls_percent_reflns_R_free                 4.8 
_refine.ls_number_reflns_R_free                  501 
_refine.ls_number_parameters                     ? 
_refine.ls_number_restraints                     ? 
_refine.occupancy_min                            ? 
_refine.occupancy_max                            ? 
_refine.correlation_coeff_Fo_to_Fc               0.927 
_refine.correlation_coeff_Fo_to_Fc_free          0.922 
_refine.B_iso_mean                               39.103 
_refine.aniso_B[1][1]                            -0.40 
_refine.aniso_B[2][2]                            -0.40 
_refine.aniso_B[3][3]                            0.59 
_refine.aniso_B[1][2]                            -0.20 
_refine.aniso_B[1][3]                            0.00 
_refine.aniso_B[2][3]                            0.00 
_refine.solvent_model_details                    'BABINET MODEL WITH MASK' 
_refine.solvent_model_param_ksol                 ? 
_refine.solvent_model_param_bsol                 ? 
_refine.pdbx_solvent_vdw_probe_radii             1.40 
_refine.pdbx_solvent_ion_probe_radii             0.80 
_refine.pdbx_solvent_shrinkage_radii             0.80 
_refine.pdbx_ls_cross_valid_method               THROUGHOUT 
_refine.details                                  ? 
_refine.pdbx_starting_model                      ? 
_refine.pdbx_method_to_determine_struct          SAD 
_refine.pdbx_isotropic_thermal_model             isotropic 
_refine.pdbx_stereochemistry_target_values       'Engh & Huber' 
_refine.pdbx_stereochem_target_val_spec_case     ? 
_refine.pdbx_R_Free_selection_details            RANDOM 
_refine.pdbx_overall_ESU_R                       0.314 
_refine.pdbx_overall_ESU_R_Free                  0.245 
_refine.overall_SU_ML                            0.148 
_refine.overall_SU_B                             6.572 
_refine.ls_redundancy_reflns_obs                 ? 
_refine.B_iso_min                                ? 
_refine.B_iso_max                                ? 
_refine.overall_SU_R_Cruickshank_DPI             ? 
_refine.overall_SU_R_free                        ? 
_refine.pdbx_refine_id                           'X-RAY DIFFRACTION' 
_refine.pdbx_TLS_residual_ADP_flag               'LIKELY RESIDUAL' 
_refine.pdbx_diffrn_id                           1 
_refine.pdbx_overall_phase_error                 ? 
_refine.pdbx_overall_SU_R_free_Cruickshank_DPI   ? 
_refine.pdbx_overall_SU_R_Blow_DPI               ? 
_refine.pdbx_overall_SU_R_free_Blow_DPI          ? 
# 
_refine_hist.pdbx_refine_id                   'X-RAY DIFFRACTION' 
_refine_hist.cycle_id                         LAST 
_refine_hist.pdbx_number_atoms_protein        1161 
_refine_hist.pdbx_number_atoms_nucleic_acid   0 
_refine_hist.pdbx_number_atoms_ligand         92 
_refine_hist.number_atoms_solvent             9 
_refine_hist.number_atoms_total               1262 
_refine_hist.d_res_high                       2.55 
_refine_hist.d_res_low                        30.15 
# 
loop_
_refine_ls_restr.type 
_refine_ls_restr.dev_ideal 
_refine_ls_restr.dev_ideal_target 
_refine_ls_restr.weight 
_refine_ls_restr.number 
_refine_ls_restr.pdbx_refine_id 
_refine_ls_restr.pdbx_restraint_function 
r_bond_refined_d         0.016 0.021 ? 1326 'X-RAY DIFFRACTION' ? 
r_bond_other_d           0.002 0.020 ? 1265 'X-RAY DIFFRACTION' ? 
r_angle_refined_deg      1.739 2.030 ? 1744 'X-RAY DIFFRACTION' ? 
r_angle_other_deg        0.796 3.000 ? 2957 'X-RAY DIFFRACTION' ? 
r_dihedral_angle_1_deg   8.318 5.000 ? 154  'X-RAY DIFFRACTION' ? 
r_chiral_restr           0.099 0.200 ? 176  'X-RAY DIFFRACTION' ? 
r_gen_planes_refined     0.005 0.020 ? 1371 'X-RAY DIFFRACTION' ? 
r_gen_planes_other       0.003 0.020 ? 270  'X-RAY DIFFRACTION' ? 
r_nbd_refined            0.200 0.200 ? 171  'X-RAY DIFFRACTION' ? 
r_nbd_other              0.244 0.200 ? 1365 'X-RAY DIFFRACTION' ? 
r_nbtor_other            0.088 0.200 ? 931  'X-RAY DIFFRACTION' ? 
r_xyhbond_nbd_refined    0.161 0.200 ? 22   'X-RAY DIFFRACTION' ? 
r_symmetry_vdw_refined   0.123 0.200 ? 8    'X-RAY DIFFRACTION' ? 
r_symmetry_vdw_other     0.184 0.200 ? 72   'X-RAY DIFFRACTION' ? 
r_symmetry_hbond_refined 0.094 0.200 ? 4    'X-RAY DIFFRACTION' ? 
r_mcbond_it              0.684 1.500 ? 767  'X-RAY DIFFRACTION' ? 
r_mcangle_it             1.351 2.000 ? 1216 'X-RAY DIFFRACTION' ? 
r_scbond_it              2.018 3.000 ? 559  'X-RAY DIFFRACTION' ? 
r_scangle_it             3.330 4.500 ? 528  'X-RAY DIFFRACTION' ? 
# 
_refine_ls_shell.pdbx_total_number_of_bins_used   20 
_refine_ls_shell.d_res_high                       2.550 
_refine_ls_shell.d_res_low                        2.616 
_refine_ls_shell.number_reflns_R_work             694 
_refine_ls_shell.R_factor_R_work                  0.236 
_refine_ls_shell.percent_reflns_obs               ? 
_refine_ls_shell.R_factor_R_free                  0.452 
_refine_ls_shell.R_factor_R_free_error            ? 
_refine_ls_shell.percent_reflns_R_free            ? 
_refine_ls_shell.number_reflns_R_free             39 
_refine_ls_shell.number_reflns_obs                ? 
_refine_ls_shell.redundancy_reflns_obs            ? 
_refine_ls_shell.number_reflns_all                ? 
_refine_ls_shell.pdbx_refine_id                   'X-RAY DIFFRACTION' 
_refine_ls_shell.R_factor_all                     ? 
# 
_struct.entry_id                  1P4T 
_struct.title                     'Crystal structure of Neisserial surface protein A (NspA)' 
_struct.pdbx_model_details        ? 
_struct.pdbx_CASP_flag            ? 
_struct.pdbx_model_type_details   ? 
# 
_struct_keywords.entry_id        1P4T 
_struct_keywords.pdbx_keywords   'MEMBRANE PROTEIN' 
_struct_keywords.text            'beta barrel, outer membrane protein, MEMBRANE PROTEIN' 
# 
loop_
_struct_asym.id 
_struct_asym.pdbx_blank_PDB_chainid_flag 
_struct_asym.pdbx_modified 
_struct_asym.entity_id 
_struct_asym.details 
A N N 1 ? 
B N N 2 ? 
C N N 3 ? 
D N N 3 ? 
E N N 3 ? 
F N N 3 ? 
G N N 3 ? 
H N N 4 ? 
I N N 5 ? 
# 
_struct_biol.id                    1 
_struct_biol.details               'NspA is a monomer' 
_struct_biol.pdbx_parent_biol_id   ? 
# 
_struct_sheet.id               A 
_struct_sheet.type             ? 
_struct_sheet.number_strands   13 
_struct_sheet.details          ? 
# 
loop_
_struct_sheet_order.sheet_id 
_struct_sheet_order.range_id_1 
_struct_sheet_order.range_id_2 
_struct_sheet_order.offset 
_struct_sheet_order.sense 
A 1  2  ? anti-parallel 
A 2  3  ? anti-parallel 
A 3  4  ? anti-parallel 
A 4  5  ? anti-parallel 
A 5  6  ? anti-parallel 
A 6  7  ? anti-parallel 
A 7  8  ? anti-parallel 
A 8  9  ? anti-parallel 
A 9  10 ? anti-parallel 
A 10 11 ? anti-parallel 
A 11 12 ? anti-parallel 
A 12 13 ? anti-parallel 
# 
loop_
_struct_sheet_range.sheet_id 
_struct_sheet_range.id 
_struct_sheet_range.beg_label_comp_id 
_struct_sheet_range.beg_label_asym_id 
_struct_sheet_range.beg_label_seq_id 
_struct_sheet_range.pdbx_beg_PDB_ins_code 
_struct_sheet_range.end_label_comp_id 
_struct_sheet_range.end_label_asym_id 
_struct_sheet_range.end_label_seq_id 
_struct_sheet_range.pdbx_end_PDB_ins_code 
_struct_sheet_range.beg_auth_comp_id 
_struct_sheet_range.beg_auth_asym_id 
_struct_sheet_range.beg_auth_seq_id 
_struct_sheet_range.end_auth_comp_id 
_struct_sheet_range.end_auth_asym_id 
_struct_sheet_range.end_auth_seq_id 
A 1  SER A 4   ? SER A 18  ? SER A 4   SER A 18  
A 2  SER A 23  ? PHE A 27  ? SER A 23  PHE A 27  
A 3  LEU A 40  ? ASN A 51  ? LEU A 40  ASN A 51  
A 4  ARG A 30  ? ILE A 37  ? ARG A 30  ILE A 37  
A 5  SER A 4   ? SER A 18  ? SER A 4   SER A 18  
A 6  VAL A 139 ? LYS A 154 ? VAL A 139 LYS A 154 
A 7  VAL A 122 ? VAL A 136 ? VAL A 122 VAL A 136 
A 8  SER A 105 ? THR A 119 ? SER A 105 THR A 119 
A 9  VAL A 78  ? LEU A 95  ? VAL A 78  LEU A 95  
A 10 SER A 98  ? PHE A 101 ? SER A 98  PHE A 101 
A 11 VAL A 78  ? LEU A 95  ? VAL A 78  LEU A 95  
A 12 LYS A 60  ? ASP A 71  ? LYS A 60  ASP A 71  
A 13 LEU A 40  ? ASN A 51  ? LEU A 40  ASN A 51  
# 
loop_
_pdbx_struct_sheet_hbond.sheet_id 
_pdbx_struct_sheet_hbond.range_id_1 
_pdbx_struct_sheet_hbond.range_id_2 
_pdbx_struct_sheet_hbond.range_1_label_atom_id 
_pdbx_struct_sheet_hbond.range_1_label_comp_id 
_pdbx_struct_sheet_hbond.range_1_label_asym_id 
_pdbx_struct_sheet_hbond.range_1_label_seq_id 
_pdbx_struct_sheet_hbond.range_1_PDB_ins_code 
_pdbx_struct_sheet_hbond.range_1_auth_atom_id 
_pdbx_struct_sheet_hbond.range_1_auth_comp_id 
_pdbx_struct_sheet_hbond.range_1_auth_asym_id 
_pdbx_struct_sheet_hbond.range_1_auth_seq_id 
_pdbx_struct_sheet_hbond.range_2_label_atom_id 
_pdbx_struct_sheet_hbond.range_2_label_comp_id 
_pdbx_struct_sheet_hbond.range_2_label_asym_id 
_pdbx_struct_sheet_hbond.range_2_label_seq_id 
_pdbx_struct_sheet_hbond.range_2_PDB_ins_code 
_pdbx_struct_sheet_hbond.range_2_auth_atom_id 
_pdbx_struct_sheet_hbond.range_2_auth_comp_id 
_pdbx_struct_sheet_hbond.range_2_auth_asym_id 
_pdbx_struct_sheet_hbond.range_2_auth_seq_id 
A 1  2  N ALA A 17  ? N ALA A 17  O ALA A 24  ? O ALA A 24  
A 2  3  O PHE A 27  ? O PHE A 27  N LYS A 50  ? N LYS A 50  
A 3  4  N TYR A 46  ? N TYR A 46  O ILE A 31  ? O ILE A 31  
A 4  5  N ARG A 36  ? N ARG A 36  O SER A 4   ? O SER A 4   
A 5  6  N SER A 18  ? N SER A 18  O ARG A 143 ? O ARG A 143 
A 6  7  O ARG A 152 ? O ARG A 152 N ASP A 123 ? N ASP A 123 
A 7  8  N TYR A 132 ? N TYR A 132 O LEU A 108 ? O LEU A 108 
A 8  9  O SER A 115 ? O SER A 115 N LYS A 79  ? N LYS A 79  
A 9  10 N LEU A 95  ? N LEU A 95  O SER A 98  ? O SER A 98  
A 10 11 N SER A 100 ? N SER A 100 O VAL A 93  ? O VAL A 93  
A 11 12 N SER A 92  ? N SER A 92  O LYS A 60  ? O LYS A 60  
A 12 13 N ILE A 69  ? N ILE A 69  O ARG A 41  ? O ARG A 41  
# 
loop_
_struct_site.id 
_struct_site.pdbx_evidence_code 
_struct_site.pdbx_auth_asym_id 
_struct_site.pdbx_auth_comp_id 
_struct_site.pdbx_auth_seq_id 
_struct_site.pdbx_auth_ins_code 
_struct_site.pdbx_num_residues 
_struct_site.details 
AC1 Software A SO4 156 ? 3 'BINDING SITE FOR RESIDUE SO4 A 156' 
AC2 Software A CXE 157 ? 5 'BINDING SITE FOR RESIDUE CXE A 157' 
AC3 Software A CXE 200 ? 7 'BINDING SITE FOR RESIDUE CXE A 200' 
AC4 Software A CXE 300 ? 3 'BINDING SITE FOR RESIDUE CXE A 300' 
AC5 Software A CXE 400 ? 3 'BINDING SITE FOR RESIDUE CXE A 400' 
AC6 Software A CXE 500 ? 6 'BINDING SITE FOR RESIDUE CXE A 500' 
AC7 Software A ETA 501 ? 6 'BINDING SITE FOR RESIDUE ETA A 501' 
# 
loop_
_struct_site_gen.id 
_struct_site_gen.site_id 
_struct_site_gen.pdbx_num_res 
_struct_site_gen.label_comp_id 
_struct_site_gen.label_asym_id 
_struct_site_gen.label_seq_id 
_struct_site_gen.pdbx_auth_ins_code 
_struct_site_gen.auth_comp_id 
_struct_site_gen.auth_asym_id 
_struct_site_gen.auth_seq_id 
_struct_site_gen.label_atom_id 
_struct_site_gen.label_alt_id 
_struct_site_gen.symmetry 
_struct_site_gen.details 
1  AC1 3 HIS A 14  ? HIS A 14  . ? 1_555  ? 
2  AC1 3 LYS A 25  ? LYS A 25  . ? 1_555  ? 
3  AC1 3 ARG A 48  ? ARG A 48  . ? 3_665  ? 
4  AC2 5 ASP A 11  ? ASP A 11  . ? 1_555  ? 
5  AC2 5 ARG A 30  ? ARG A 30  . ? 1_555  ? 
6  AC2 5 ALA A 149 ? ALA A 149 . ? 1_555  ? 
7  AC2 5 VAL A 151 ? VAL A 151 . ? 1_555  ? 
8  AC2 5 CXE D .   ? CXE A 200 . ? 2_655  ? 
9  AC3 7 ALA A 12  ? ALA A 12  . ? 1_555  ? 
10 AC3 7 ALA A 13  ? ALA A 13  . ? 1_555  ? 
11 AC3 7 ILE A 31  ? ILE A 31  . ? 3_665  ? 
12 AC3 7 TYR A 52  ? TYR A 52  . ? 1_555  ? 
13 AC3 7 LEU A 147 ? LEU A 147 . ? 1_555  ? 
14 AC3 7 SER A 148 ? SER A 148 . ? 1_555  ? 
15 AC3 7 CXE C .   ? CXE A 157 . ? 3_665  ? 
16 AC4 3 TYR A 70  ? TYR A 70  . ? 12_555 ? 
17 AC4 3 LEU A 82  ? LEU A 82  . ? 12_555 ? 
18 AC4 3 LEU A 108 ? LEU A 108 . ? 1_555  ? 
19 AC5 3 TYR A 35  ? TYR A 35  . ? 1_555  ? 
20 AC5 3 ALA A 66  ? ALA A 66  . ? 1_555  ? 
21 AC5 3 ILE A 106 ? ILE A 106 . ? 12_555 ? 
22 AC6 6 SER A 19  ? SER A 19  . ? 1_555  ? 
23 AC6 6 GLY A 22  ? GLY A 22  . ? 1_555  ? 
24 AC6 6 SER A 23  ? SER A 23  . ? 1_555  ? 
25 AC6 6 SER A 100 ? SER A 100 . ? 1_555  ? 
26 AC6 6 SER A 102 ? SER A 102 . ? 1_555  ? 
27 AC6 6 ASN A 137 ? ASN A 137 . ? 1_555  ? 
28 AC7 6 ARG A 30  ? ARG A 30  . ? 1_555  ? 
29 AC7 6 ARG A 41  ? ARG A 41  . ? 1_555  ? 
30 AC7 6 ILE A 69  ? ILE A 69  . ? 1_555  ? 
31 AC7 6 TYR A 81  ? TYR A 81  . ? 1_555  ? 
32 AC7 6 ASP A 125 ? ASP A 125 . ? 1_555  ? 
33 AC7 6 ARG A 152 ? ARG A 152 . ? 1_555  ? 
# 
_atom_sites.entry_id                    1P4T 
_atom_sites.fract_transf_matrix[1][1]   0.00035694 
_atom_sites.fract_transf_matrix[1][2]   0.00248824 
_atom_sites.fract_transf_matrix[1][3]   0.01158910 
_atom_sites.fract_transf_matrix[2][1]   0.00945766 
_atom_sites.fract_transf_matrix[2][2]   -0.00310972 
_atom_sites.fract_transf_matrix[2][3]   0.00644346 
_atom_sites.fract_transf_matrix[3][1]   0.00248661 
_atom_sites.fract_transf_matrix[3][2]   0.00512424 
_atom_sites.fract_transf_matrix[3][3]   -0.00117679 
_atom_sites.fract_transf_vector[1]      0.483709 
_atom_sites.fract_transf_vector[2]      0.201754 
_atom_sites.fract_transf_vector[3]      0.193047 
# 
loop_
_atom_type.symbol 
C 
N 
O 
S 
# 
loop_
_atom_site.group_PDB 
_atom_site.id 
_atom_site.type_symbol 
_atom_site.label_atom_id 
_atom_site.label_alt_id 
_atom_site.label_comp_id 
_atom_site.label_asym_id 
_atom_site.label_entity_id 
_atom_site.label_seq_id 
_atom_site.pdbx_PDB_ins_code 
_atom_site.Cartn_x 
_atom_site.Cartn_y 
_atom_site.Cartn_z 
_atom_site.occupancy 
_atom_site.B_iso_or_equiv 
_atom_site.pdbx_formal_charge 
_atom_site.auth_seq_id 
_atom_site.auth_comp_id 
_atom_site.auth_asym_id 
_atom_site.auth_atom_id 
_atom_site.pdbx_PDB_model_num 
ATOM   1    N N   . GLU A 1 1   ? -18.747 -14.863 -7.518  1.00 50.13 ? 1   GLU A N   1 
ATOM   2    C CA  . GLU A 1 1   ? -19.745 -15.980 -7.650  1.00 50.17 ? 1   GLU A CA  1 
ATOM   3    C C   . GLU A 1 1   ? -20.361 -16.345 -6.286  1.00 49.09 ? 1   GLU A C   1 
ATOM   4    O O   . GLU A 1 1   ? -21.493 -16.895 -6.255  1.00 49.45 ? 1   GLU A O   1 
ATOM   5    C CB  . GLU A 1 1   ? -19.091 -17.229 -8.291  1.00 50.71 ? 1   GLU A CB  1 
ATOM   6    N N   . GLY A 1 2   ? -19.602 -16.062 -5.208  1.00 46.95 ? 2   GLY A N   1 
ATOM   7    C CA  . GLY A 1 2   ? -19.983 -16.263 -3.809  1.00 45.95 ? 2   GLY A CA  1 
ATOM   8    C C   . GLY A 1 2   ? -18.901 -15.771 -2.813  1.00 45.27 ? 2   GLY A C   1 
ATOM   9    O O   . GLY A 1 2   ? -17.996 -16.522 -2.422  1.00 44.74 ? 2   GLY A O   1 
ATOM   10   N N   . ALA A 1 3   ? -18.982 -14.504 -2.399  1.00 44.45 ? 3   ALA A N   1 
ATOM   11   C CA  . ALA A 1 3   ? -17.930 -13.880 -1.561  1.00 43.73 ? 3   ALA A CA  1 
ATOM   12   C C   . ALA A 1 3   ? -17.973 -14.312 -0.099  1.00 43.37 ? 3   ALA A C   1 
ATOM   13   O O   . ALA A 1 3   ? -19.030 -14.637 0.435   1.00 43.31 ? 3   ALA A O   1 
ATOM   14   C CB  . ALA A 1 3   ? -18.007 -12.365 -1.639  1.00 43.58 ? 3   ALA A CB  1 
ATOM   15   N N   . SER A 1 4   ? -16.813 -14.253 0.554   1.00 42.79 ? 4   SER A N   1 
ATOM   16   C CA  . SER A 1 4   ? -16.637 -14.784 1.918   1.00 41.96 ? 4   SER A CA  1 
ATOM   17   C C   . SER A 1 4   ? -15.436 -14.125 2.632   1.00 40.89 ? 4   SER A C   1 
ATOM   18   O O   . SER A 1 4   ? -14.715 -13.321 2.058   1.00 40.97 ? 4   SER A O   1 
ATOM   19   C CB  . SER A 1 4   ? -16.507 -16.332 1.889   1.00 41.93 ? 4   SER A CB  1 
ATOM   20   O OG  . SER A 1 4   ? -15.212 -16.788 1.465   1.00 41.62 ? 4   SER A OG  1 
ATOM   21   N N   . GLY A 1 5   ? -15.257 -14.443 3.901   1.00 39.82 ? 5   GLY A N   1 
ATOM   22   C CA  . GLY A 1 5   ? -14.089 -14.002 4.662   1.00 38.97 ? 5   GLY A CA  1 
ATOM   23   C C   . GLY A 1 5   ? -13.689 -12.538 4.516   1.00 38.28 ? 5   GLY A C   1 
ATOM   24   O O   . GLY A 1 5   ? -12.451 -12.240 4.514   1.00 38.33 ? 5   GLY A O   1 
ATOM   25   N N   . PHE A 1 6   ? -14.705 -11.661 4.374   1.00 35.96 ? 6   PHE A N   1 
ATOM   26   C CA  . PHE A 1 6   ? -14.585 -10.214 4.589   1.00 34.79 ? 6   PHE A CA  1 
ATOM   27   C C   . PHE A 1 6   ? -13.628 -9.871  5.730   1.00 33.29 ? 6   PHE A C   1 
ATOM   28   O O   . PHE A 1 6   ? -13.594 -10.552 6.753   1.00 32.29 ? 6   PHE A O   1 
ATOM   29   C CB  . PHE A 1 6   ? -15.931 -9.573  4.916   1.00 34.82 ? 6   PHE A CB  1 
ATOM   30   C CG  . PHE A 1 6   ? -16.909 -9.543  3.749   1.00 37.90 ? 6   PHE A CG  1 
ATOM   31   C CD1 . PHE A 1 6   ? -17.790 -10.624 3.517   1.00 39.20 ? 6   PHE A CD1 1 
ATOM   32   C CD2 . PHE A 1 6   ? -16.966 -8.428  2.887   1.00 40.01 ? 6   PHE A CD2 1 
ATOM   33   C CE1 . PHE A 1 6   ? -18.683 -10.599 2.438   1.00 39.89 ? 6   PHE A CE1 1 
ATOM   34   C CE2 . PHE A 1 6   ? -17.872 -8.390  1.810   1.00 39.34 ? 6   PHE A CE2 1 
ATOM   35   C CZ  . PHE A 1 6   ? -18.725 -9.474  1.588   1.00 40.08 ? 6   PHE A CZ  1 
ATOM   36   N N   . TYR A 1 7   ? -12.878 -8.779  5.561   1.00 31.97 ? 7   TYR A N   1 
ATOM   37   C CA  . TYR A 1 7   ? -11.872 -8.415  6.529   1.00 31.03 ? 7   TYR A CA  1 
ATOM   38   C C   . TYR A 1 7   ? -11.407 -6.958  6.475   1.00 30.90 ? 7   TYR A C   1 
ATOM   39   O O   . TYR A 1 7   ? -11.649 -6.243  5.509   1.00 30.39 ? 7   TYR A O   1 
ATOM   40   C CB  . TYR A 1 7   ? -10.675 -9.350  6.324   1.00 30.88 ? 7   TYR A CB  1 
ATOM   41   C CG  . TYR A 1 7   ? -9.815  -9.029  5.124   1.00 28.17 ? 7   TYR A CG  1 
ATOM   42   C CD1 . TYR A 1 7   ? -9.936  -9.728  3.932   1.00 26.57 ? 7   TYR A CD1 1 
ATOM   43   C CD2 . TYR A 1 7   ? -8.864  -8.017  5.195   1.00 29.72 ? 7   TYR A CD2 1 
ATOM   44   C CE1 . TYR A 1 7   ? -9.130  -9.438  2.836   1.00 26.37 ? 7   TYR A CE1 1 
ATOM   45   C CE2 . TYR A 1 7   ? -8.030  -7.715  4.111   1.00 28.47 ? 7   TYR A CE2 1 
ATOM   46   C CZ  . TYR A 1 7   ? -8.163  -8.421  2.936   1.00 28.83 ? 7   TYR A CZ  1 
ATOM   47   O OH  . TYR A 1 7   ? -7.292  -8.090  1.900   1.00 26.99 ? 7   TYR A OH  1 
ATOM   48   N N   . VAL A 1 8   ? -10.726 -6.545  7.542   1.00 30.98 ? 8   VAL A N   1 
ATOM   49   C CA  . VAL A 1 8   ? -10.034 -5.274  7.613   1.00 31.25 ? 8   VAL A CA  1 
ATOM   50   C C   . VAL A 1 8   ? -8.585  -5.483  8.044   1.00 31.66 ? 8   VAL A C   1 
ATOM   51   O O   . VAL A 1 8   ? -8.279  -6.390  8.792   1.00 31.04 ? 8   VAL A O   1 
ATOM   52   C CB  . VAL A 1 8   ? -10.656 -4.320  8.608   1.00 30.61 ? 8   VAL A CB  1 
ATOM   53   C CG1 . VAL A 1 8   ? -12.056 -3.945  8.196   1.00 31.48 ? 8   VAL A CG1 1 
ATOM   54   C CG2 . VAL A 1 8   ? -10.694 -4.937  9.932   1.00 32.71 ? 8   VAL A CG2 1 
ATOM   55   N N   . GLN A 1 9   ? -7.713  -4.596  7.592   1.00 32.27 ? 9   GLN A N   1 
ATOM   56   C CA  . GLN A 1 9   ? -6.297  -4.702  7.855   1.00 32.57 ? 9   GLN A CA  1 
ATOM   57   C C   . GLN A 1 9   ? -5.710  -3.315  8.054   1.00 32.28 ? 9   GLN A C   1 
ATOM   58   O O   . GLN A 1 9   ? -6.069  -2.368  7.372   1.00 30.71 ? 9   GLN A O   1 
ATOM   59   C CB  . GLN A 1 9   ? -5.602  -5.406  6.688   1.00 33.07 ? 9   GLN A CB  1 
ATOM   60   C CG  . GLN A 1 9   ? -4.096  -5.524  6.836   1.00 35.11 ? 9   GLN A CG  1 
ATOM   61   C CD  . GLN A 1 9   ? -3.434  -6.462  5.837   1.00 36.99 ? 9   GLN A CD  1 
ATOM   62   O OE1 . GLN A 1 9   ? -4.095  -7.329  5.256   1.00 39.06 ? 9   GLN A OE1 1 
ATOM   63   N NE2 . GLN A 1 9   ? -2.111  -6.322  5.670   1.00 33.82 ? 9   GLN A NE2 1 
ATOM   64   N N   . ALA A 1 10  ? -4.784  -3.228  8.995   1.00 32.74 ? 10  ALA A N   1 
ATOM   65   C CA  . ALA A 1 10  ? -4.013  -2.034  9.234   1.00 33.40 ? 10  ALA A CA  1 
ATOM   66   C C   . ALA A 1 10  ? -2.528  -2.412  9.177   1.00 34.30 ? 10  ALA A C   1 
ATOM   67   O O   . ALA A 1 10  ? -2.149  -3.396  9.753   1.00 34.38 ? 10  ALA A O   1 
ATOM   68   C CB  . ALA A 1 10  ? -4.376  -1.459  10.564  1.00 33.28 ? 10  ALA A CB  1 
ATOM   69   N N   . ASP A 1 11  ? -1.724  -1.642  8.433   1.00 35.44 ? 11  ASP A N   1 
ATOM   70   C CA  . ASP A 1 11  ? -0.279  -1.827  8.304   1.00 35.59 ? 11  ASP A CA  1 
ATOM   71   C C   . ASP A 1 11  ? 0.478   -0.528  8.575   1.00 35.13 ? 11  ASP A C   1 
ATOM   72   O O   . ASP A 1 11  ? 0.001   0.573   8.350   1.00 35.33 ? 11  ASP A O   1 
ATOM   73   C CB  . ASP A 1 11  ? 0.106   -2.271  6.912   1.00 36.36 ? 11  ASP A CB  1 
ATOM   74   C CG  . ASP A 1 11  ? -0.755  -3.435  6.384   1.00 40.30 ? 11  ASP A CG  1 
ATOM   75   O OD1 . ASP A 1 11  ? -0.508  -4.633  6.700   1.00 44.27 ? 11  ASP A OD1 1 
ATOM   76   O OD2 . ASP A 1 11  ? -1.717  -3.240  5.623   1.00 48.70 ? 11  ASP A OD2 1 
ATOM   77   N N   . ALA A 1 12  ? 1.669   -0.706  9.098   1.00 34.40 ? 12  ALA A N   1 
ATOM   78   C CA  . ALA A 1 12  ? 2.664   0.313   9.247   1.00 34.12 ? 12  ALA A CA  1 
ATOM   79   C C   . ALA A 1 12  ? 3.765   -0.018  8.249   1.00 33.80 ? 12  ALA A C   1 
ATOM   80   O O   . ALA A 1 12  ? 4.115   -1.171  8.042   1.00 33.34 ? 12  ALA A O   1 
ATOM   81   C CB  . ALA A 1 12  ? 3.209   0.326   10.721  1.00 33.51 ? 12  ALA A CB  1 
ATOM   82   N N   . ALA A 1 13  ? 4.340   1.004   7.643   1.00 34.97 ? 13  ALA A N   1 
ATOM   83   C CA  . ALA A 1 13  ? 5.326   0.804   6.587   1.00 34.84 ? 13  ALA A CA  1 
ATOM   84   C C   . ALA A 1 13  ? 6.432   1.834   6.595   1.00 34.65 ? 13  ALA A C   1 
ATOM   85   O O   . ALA A 1 13  ? 6.192   3.036   6.754   1.00 33.94 ? 13  ALA A O   1 
ATOM   86   C CB  . ALA A 1 13  ? 4.629   0.816   5.262   1.00 35.14 ? 13  ALA A CB  1 
ATOM   87   N N   . HIS A 1 14  ? 7.652   1.324   6.443   1.00 35.00 ? 14  HIS A N   1 
ATOM   88   C CA  . HIS A 1 14  ? 8.811   2.105   6.061   1.00 34.71 ? 14  HIS A CA  1 
ATOM   89   C C   . HIS A 1 14  ? 8.843   2.156   4.528   1.00 33.97 ? 14  HIS A C   1 
ATOM   90   O O   . HIS A 1 14  ? 8.782   1.138   3.875   1.00 32.67 ? 14  HIS A O   1 
ATOM   91   C CB  . HIS A 1 14  ? 10.085  1.489   6.637   1.00 34.97 ? 14  HIS A CB  1 
ATOM   92   C CG  . HIS A 1 14  ? 11.333  2.270   6.327   1.00 38.56 ? 14  HIS A CG  1 
ATOM   93   N ND1 . HIS A 1 14  ? 12.198  2.717   7.292   1.00 42.99 ? 14  HIS A ND1 1 
ATOM   94   C CD2 . HIS A 1 14  ? 11.856  2.690   5.152   1.00 44.46 ? 14  HIS A CD2 1 
ATOM   95   C CE1 . HIS A 1 14  ? 13.203  3.362   6.734   1.00 43.38 ? 14  HIS A CE1 1 
ATOM   96   N NE2 . HIS A 1 14  ? 13.013  3.372   5.434   1.00 44.51 ? 14  HIS A NE2 1 
ATOM   97   N N   . ALA A 1 15  ? 8.973   3.364   3.972   1.00 33.72 ? 15  ALA A N   1 
ATOM   98   C CA  . ALA A 1 15  ? 8.825   3.605   2.538   1.00 33.19 ? 15  ALA A CA  1 
ATOM   99   C C   . ALA A 1 15  ? 9.976   4.416   2.016   1.00 33.10 ? 15  ALA A C   1 
ATOM   100  O O   . ALA A 1 15  ? 10.618  5.164   2.736   1.00 32.28 ? 15  ALA A O   1 
ATOM   101  C CB  . ALA A 1 15  ? 7.521   4.352   2.264   1.00 33.02 ? 15  ALA A CB  1 
ATOM   102  N N   . LYS A 1 16  ? 10.220  4.261   0.733   1.00 33.14 ? 16  LYS A N   1 
ATOM   103  C CA  . LYS A 1 16  ? 11.169  5.086   -0.002  1.00 33.19 ? 16  LYS A CA  1 
ATOM   104  C C   . LYS A 1 16  ? 10.425  5.600   -1.247  1.00 33.05 ? 16  LYS A C   1 
ATOM   105  O O   . LYS A 1 16  ? 9.898   4.816   -2.028  1.00 32.94 ? 16  LYS A O   1 
ATOM   106  C CB  . LYS A 1 16  ? 12.379  4.266   -0.407  1.00 32.44 ? 16  LYS A CB  1 
ATOM   107  C CG  . LYS A 1 16  ? 13.472  5.110   -1.010  1.00 36.02 ? 16  LYS A CG  1 
ATOM   108  C CD  . LYS A 1 16  ? 14.529  4.242   -1.689  1.00 38.57 ? 16  LYS A CD  1 
ATOM   109  C CE  . LYS A 1 16  ? 15.872  4.931   -1.815  1.00 38.14 ? 16  LYS A CE  1 
ATOM   110  N NZ  . LYS A 1 16  ? 16.795  4.042   -2.581  1.00 38.49 ? 16  LYS A NZ  1 
ATOM   111  N N   . ALA A 1 17  ? 10.347  6.903   -1.418  1.00 33.46 ? 17  ALA A N   1 
ATOM   112  C CA  . ALA A 1 17  ? 9.748   7.466   -2.621  1.00 34.14 ? 17  ALA A CA  1 
ATOM   113  C C   . ALA A 1 17  ? 10.870  7.984   -3.488  1.00 34.20 ? 17  ALA A C   1 
ATOM   114  O O   . ALA A 1 17  ? 11.781  8.625   -2.988  1.00 34.28 ? 17  ALA A O   1 
ATOM   115  C CB  . ALA A 1 17  ? 8.804   8.588   -2.255  1.00 34.46 ? 17  ALA A CB  1 
ATOM   116  N N   . SER A 1 18  ? 10.805  7.722   -4.783  1.00 34.52 ? 18  SER A N   1 
ATOM   117  C CA  . SER A 1 18  ? 11.780  8.284   -5.725  1.00 34.86 ? 18  SER A CA  1 
ATOM   118  C C   . SER A 1 18  ? 11.181  8.912   -6.977  1.00 34.89 ? 18  SER A C   1 
ATOM   119  O O   . SER A 1 18  ? 10.018  8.723   -7.304  1.00 34.88 ? 18  SER A O   1 
ATOM   120  C CB  . SER A 1 18  ? 12.764  7.212   -6.129  1.00 34.78 ? 18  SER A CB  1 
ATOM   121  O OG  . SER A 1 18  ? 13.155  6.518   -4.966  1.00 36.52 ? 18  SER A OG  1 
ATOM   122  N N   . SER A 1 19  ? 12.016  9.672   -7.667  1.00 34.97 ? 19  SER A N   1 
ATOM   123  C CA  . SER A 1 19  ? 11.654  10.343  -8.888  1.00 34.78 ? 19  SER A CA  1 
ATOM   124  C C   . SER A 1 19  ? 12.952  10.728  -9.590  1.00 35.05 ? 19  SER A C   1 
ATOM   125  O O   . SER A 1 19  ? 14.029  10.352  -9.143  1.00 34.74 ? 19  SER A O   1 
ATOM   126  C CB  . SER A 1 19  ? 10.821  11.568  -8.554  1.00 35.00 ? 19  SER A CB  1 
ATOM   127  O OG  . SER A 1 19  ? 11.567  12.510  -7.786  1.00 35.49 ? 19  SER A OG  1 
ATOM   128  N N   . SER A 1 20  ? 12.849  11.469  -10.688 1.00 35.62 ? 20  SER A N   1 
ATOM   129  C CA  . SER A 1 20  ? 14.027  11.995  -11.387 1.00 36.59 ? 20  SER A CA  1 
ATOM   130  C C   . SER A 1 20  ? 14.796  13.057  -10.577 1.00 37.06 ? 20  SER A C   1 
ATOM   131  O O   . SER A 1 20  ? 15.939  13.371  -10.899 1.00 37.12 ? 20  SER A O   1 
ATOM   132  C CB  . SER A 1 20  ? 13.606  12.605  -12.723 1.00 36.59 ? 20  SER A CB  1 
ATOM   133  O OG  . SER A 1 20  ? 12.512  13.503  -12.548 1.00 36.75 ? 20  SER A OG  1 
ATOM   134  N N   . LEU A 1 21  ? 14.149  13.600  -9.540  1.00 37.69 ? 21  LEU A N   1 
ATOM   135  C CA  . LEU A 1 21  ? 14.700  14.667  -8.690  1.00 37.77 ? 21  LEU A CA  1 
ATOM   136  C C   . LEU A 1 21  ? 15.499  14.124  -7.509  1.00 36.75 ? 21  LEU A C   1 
ATOM   137  O O   . LEU A 1 21  ? 16.413  14.772  -7.020  1.00 37.49 ? 21  LEU A O   1 
ATOM   138  C CB  . LEU A 1 21  ? 13.567  15.555  -8.136  1.00 38.29 ? 21  LEU A CB  1 
ATOM   139  C CG  . LEU A 1 21  ? 12.574  16.181  -9.138  1.00 39.71 ? 21  LEU A CG  1 
ATOM   140  C CD1 . LEU A 1 21  ? 11.444  16.897  -8.373  1.00 41.13 ? 21  LEU A CD1 1 
ATOM   141  C CD2 . LEU A 1 21  ? 13.267  17.122  -10.135 1.00 39.21 ? 21  LEU A CD2 1 
ATOM   142  N N   . GLY A 1 22  ? 15.143  12.948  -7.041  1.00 35.32 ? 22  GLY A N   1 
ATOM   143  C CA  . GLY A 1 22  ? 15.852  12.339  -5.936  1.00 34.58 ? 22  GLY A CA  1 
ATOM   144  C C   . GLY A 1 22  ? 14.985  11.344  -5.189  1.00 33.61 ? 22  GLY A C   1 
ATOM   145  O O   . GLY A 1 22  ? 13.914  10.980  -5.635  1.00 33.38 ? 22  GLY A O   1 
ATOM   146  N N   . SER A 1 23  ? 15.448  10.899  -4.038  1.00 32.50 ? 23  SER A N   1 
ATOM   147  C CA  . SER A 1 23  ? 14.651  10.001  -3.247  1.00 31.77 ? 23  SER A CA  1 
ATOM   148  C C   . SER A 1 23  ? 14.584  10.469  -1.808  1.00 30.67 ? 23  SER A C   1 
ATOM   149  O O   . SER A 1 23  ? 15.376  11.289  -1.373  1.00 30.35 ? 23  SER A O   1 
ATOM   150  C CB  . SER A 1 23  ? 15.181  8.572   -3.377  1.00 31.72 ? 23  SER A CB  1 
ATOM   151  O OG  . SER A 1 23  ? 16.494  8.483   -2.877  1.00 33.00 ? 23  SER A OG  1 
ATOM   152  N N   . ALA A 1 24  ? 13.592  9.952   -1.101  1.00 29.69 ? 24  ALA A N   1 
ATOM   153  C CA  . ALA A 1 24  ? 13.306  10.334  0.263   1.00 29.18 ? 24  ALA A CA  1 
ATOM   154  C C   . ALA A 1 24  ? 12.756  9.125   1.004   1.00 29.32 ? 24  ALA A C   1 
ATOM   155  O O   . ALA A 1 24  ? 12.260  8.172   0.411   1.00 27.87 ? 24  ALA A O   1 
ATOM   156  C CB  . ALA A 1 24  ? 12.309  11.456  0.292   1.00 29.12 ? 24  ALA A CB  1 
ATOM   157  N N   . LYS A 1 25  ? 12.857  9.182   2.318   1.00 29.88 ? 25  LYS A N   1 
ATOM   158  C CA  . LYS A 1 25  ? 12.487  8.071   3.153   1.00 30.46 ? 25  LYS A CA  1 
ATOM   159  C C   . LYS A 1 25  ? 11.400  8.509   4.083   1.00 30.71 ? 25  LYS A C   1 
ATOM   160  O O   . LYS A 1 25  ? 11.392  9.627   4.534   1.00 31.34 ? 25  LYS A O   1 
ATOM   161  C CB  . LYS A 1 25  ? 13.727  7.543   3.880   1.00 30.39 ? 25  LYS A CB  1 
ATOM   162  C CG  . LYS A 1 25  ? 14.481  6.535   2.981   1.00 32.48 ? 25  LYS A CG  1 
ATOM   163  C CD  . LYS A 1 25  ? 15.892  6.341   3.441   1.00 35.41 ? 25  LYS A CD  1 
ATOM   164  C CE  . LYS A 1 25  ? 16.603  5.204   2.682   1.00 37.22 ? 25  LYS A CE  1 
ATOM   165  N NZ  . LYS A 1 25  ? 18.100  5.220   2.975   1.00 36.63 ? 25  LYS A NZ  1 
ATOM   166  N N   . GLY A 1 26  ? 10.455  7.631   4.358   1.00 31.48 ? 26  GLY A N   1 
ATOM   167  C CA  . GLY A 1 26  ? 9.442   7.954   5.324   1.00 32.33 ? 26  GLY A CA  1 
ATOM   168  C C   . GLY A 1 26  ? 8.562   6.802   5.718   1.00 33.07 ? 26  GLY A C   1 
ATOM   169  O O   . GLY A 1 26  ? 8.939   5.651   5.612   1.00 33.64 ? 26  GLY A O   1 
ATOM   170  N N   . PHE A 1 27  ? 7.364   7.137   6.164   1.00 33.59 ? 27  PHE A N   1 
ATOM   171  C CA  . PHE A 1 27  ? 6.458   6.160   6.697   1.00 33.74 ? 27  PHE A CA  1 
ATOM   172  C C   . PHE A 1 27  ? 5.110   6.275   6.027   1.00 33.70 ? 27  PHE A C   1 
ATOM   173  O O   . PHE A 1 27  ? 4.715   7.332   5.564   1.00 32.13 ? 27  PHE A O   1 
ATOM   174  C CB  . PHE A 1 27  ? 6.401   6.238   8.235   1.00 33.74 ? 27  PHE A CB  1 
ATOM   175  C CG  . PHE A 1 27  ? 6.004   7.552   8.774   1.00 34.56 ? 27  PHE A CG  1 
ATOM   176  C CD1 . PHE A 1 27  ? 4.712   7.757   9.253   1.00 37.16 ? 27  PHE A CD1 1 
ATOM   177  C CD2 . PHE A 1 27  ? 6.922   8.612   8.831   1.00 37.17 ? 27  PHE A CD2 1 
ATOM   178  C CE1 . PHE A 1 27  ? 4.339   9.046   9.776   1.00 38.54 ? 27  PHE A CE1 1 
ATOM   179  C CE2 . PHE A 1 27  ? 6.565   9.876   9.337   1.00 34.59 ? 27  PHE A CE2 1 
ATOM   180  C CZ  . PHE A 1 27  ? 5.286   10.094  9.815   1.00 35.19 ? 27  PHE A CZ  1 
ATOM   181  N N   . SER A 1 28  ? 4.426   5.140   5.973   1.00 34.87 ? 28  SER A N   1 
ATOM   182  C CA  . SER A 1 28  ? 3.269   4.938   5.076   1.00 36.27 ? 28  SER A CA  1 
ATOM   183  C C   . SER A 1 28  ? 2.213   4.052   5.688   1.00 35.20 ? 28  SER A C   1 
ATOM   184  O O   . SER A 1 28  ? 2.002   2.934   5.254   1.00 35.78 ? 28  SER A O   1 
ATOM   185  C CB  . SER A 1 28  ? 3.727   4.301   3.770   1.00 36.06 ? 28  SER A CB  1 
ATOM   186  O OG  . SER A 1 28  ? 3.966   5.360   2.904   1.00 41.82 ? 28  SER A OG  1 
ATOM   187  N N   . PRO A 1 29  ? 1.569   4.536   6.720   1.00 34.58 ? 29  PRO A N   1 
ATOM   188  C CA  . PRO A 1 29  ? 0.465   3.786   7.295   1.00 34.59 ? 29  PRO A CA  1 
ATOM   189  C C   . PRO A 1 29  ? -0.644  3.566   6.233   1.00 35.31 ? 29  PRO A C   1 
ATOM   190  O O   . PRO A 1 29  ? -0.886  4.425   5.373   1.00 35.44 ? 29  PRO A O   1 
ATOM   191  C CB  . PRO A 1 29  ? 0.004   4.676   8.435   1.00 33.93 ? 29  PRO A CB  1 
ATOM   192  C CG  . PRO A 1 29  ? 0.536   5.956   8.173   1.00 33.83 ? 29  PRO A CG  1 
ATOM   193  C CD  . PRO A 1 29  ? 1.814   5.803   7.414   1.00 34.14 ? 29  PRO A CD  1 
ATOM   194  N N   . ARG A 1 30  ? -1.306  2.424   6.352   1.00 35.54 ? 30  ARG A N   1 
ATOM   195  C CA  . ARG A 1 30  ? -2.250  1.887   5.388   1.00 35.94 ? 30  ARG A CA  1 
ATOM   196  C C   . ARG A 1 30  ? -3.442  1.272   6.129   1.00 35.55 ? 30  ARG A C   1 
ATOM   197  O O   . ARG A 1 30  ? -3.285  0.655   7.181   1.00 34.74 ? 30  ARG A O   1 
ATOM   198  C CB  . ARG A 1 30  ? -1.527  0.781   4.639   1.00 36.57 ? 30  ARG A CB  1 
ATOM   199  C CG  . ARG A 1 30  ? -2.255  0.253   3.466   1.00 39.55 ? 30  ARG A CG  1 
ATOM   200  C CD  . ARG A 1 30  ? -1.572  -0.927  2.803   1.00 42.40 ? 30  ARG A CD  1 
ATOM   201  N NE  . ARG A 1 30  ? -0.142  -0.686  2.734   1.00 46.17 ? 30  ARG A NE  1 
ATOM   202  C CZ  . ARG A 1 30  ? 0.765   -1.633  2.538   1.00 49.63 ? 30  ARG A CZ  1 
ATOM   203  N NH1 . ARG A 1 30  ? 0.376   -2.886  2.364   1.00 52.98 ? 30  ARG A NH1 1 
ATOM   204  N NH2 . ARG A 1 30  ? 2.064   -1.332  2.516   1.00 49.67 ? 30  ARG A NH2 1 
ATOM   205  N N   . ILE A 1 31  ? -4.636  1.474   5.591   1.00 35.19 ? 31  ILE A N   1 
ATOM   206  C CA  . ILE A 1 31  ? -5.814  0.782   6.045   1.00 35.01 ? 31  ILE A CA  1 
ATOM   207  C C   . ILE A 1 31  ? -6.494  0.176   4.847   1.00 33.90 ? 31  ILE A C   1 
ATOM   208  O O   . ILE A 1 31  ? -6.601  0.796   3.823   1.00 32.78 ? 31  ILE A O   1 
ATOM   209  C CB  . ILE A 1 31  ? -6.779  1.690   6.846   1.00 35.97 ? 31  ILE A CB  1 
ATOM   210  C CG1 . ILE A 1 31  ? -7.965  0.862   7.327   1.00 37.58 ? 31  ILE A CG1 1 
ATOM   211  C CG2 . ILE A 1 31  ? -7.336  2.861   6.032   1.00 37.55 ? 31  ILE A CG2 1 
ATOM   212  C CD1 . ILE A 1 31  ? -8.616  1.394   8.564   1.00 40.64 ? 31  ILE A CD1 1 
ATOM   213  N N   . SER A 1 32  ? -6.933  -1.065  4.971   1.00 33.73 ? 32  SER A N   1 
ATOM   214  C CA  . SER A 1 32  ? -7.688  -1.697  3.890   1.00 33.61 ? 32  SER A CA  1 
ATOM   215  C C   . SER A 1 32  ? -8.831  -2.545  4.367   1.00 32.64 ? 32  SER A C   1 
ATOM   216  O O   . SER A 1 32  ? -8.921  -2.899  5.526   1.00 32.03 ? 32  SER A O   1 
ATOM   217  C CB  . SER A 1 32  ? -6.779  -2.531  3.000   1.00 33.30 ? 32  SER A CB  1 
ATOM   218  O OG  . SER A 1 32  ? -5.991  -3.347  3.795   1.00 35.64 ? 32  SER A OG  1 
ATOM   219  N N   . ALA A 1 33  ? -9.729  -2.811  3.431   1.00 32.39 ? 33  ALA A N   1 
ATOM   220  C CA  . ALA A 1 33  ? -10.849 -3.712  3.634   1.00 32.40 ? 33  ALA A CA  1 
ATOM   221  C C   . ALA A 1 33  ? -10.953 -4.635  2.413   1.00 31.97 ? 33  ALA A C   1 
ATOM   222  O O   . ALA A 1 33  ? -10.679 -4.224  1.289   1.00 30.58 ? 33  ALA A O   1 
ATOM   223  C CB  . ALA A 1 33  ? -12.145 -2.898  3.845   1.00 31.87 ? 33  ALA A CB  1 
ATOM   224  N N   . GLY A 1 34  ? -11.360 -5.879  2.623   1.00 32.11 ? 34  GLY A N   1 
ATOM   225  C CA  . GLY A 1 34  ? -11.359 -6.831  1.525   1.00 32.62 ? 34  GLY A CA  1 
ATOM   226  C C   . GLY A 1 34  ? -12.198 -8.059  1.718   1.00 33.05 ? 34  GLY A C   1 
ATOM   227  O O   . GLY A 1 34  ? -12.913 -8.139  2.711   1.00 32.43 ? 34  GLY A O   1 
ATOM   228  N N   . TYR A 1 35  ? -12.120 -8.999  0.765   1.00 33.61 ? 35  TYR A N   1 
ATOM   229  C CA  . TYR A 1 35  ? -12.720 -10.322 0.921   1.00 34.79 ? 35  TYR A CA  1 
ATOM   230  C C   . TYR A 1 35  ? -12.059 -11.385 0.030   1.00 35.01 ? 35  TYR A C   1 
ATOM   231  O O   . TYR A 1 35  ? -11.199 -11.058 -0.754  1.00 33.67 ? 35  TYR A O   1 
ATOM   232  C CB  . TYR A 1 35  ? -14.198 -10.232 0.603   1.00 35.30 ? 35  TYR A CB  1 
ATOM   233  C CG  . TYR A 1 35  ? -14.431 -9.579  -0.710  1.00 37.92 ? 35  TYR A CG  1 
ATOM   234  C CD1 . TYR A 1 35  ? -14.539 -10.337 -1.887  1.00 41.22 ? 35  TYR A CD1 1 
ATOM   235  C CD2 . TYR A 1 35  ? -14.510 -8.195  -0.797  1.00 39.75 ? 35  TYR A CD2 1 
ATOM   236  C CE1 . TYR A 1 35  ? -14.725 -9.704  -3.125  1.00 42.47 ? 35  TYR A CE1 1 
ATOM   237  C CE2 . TYR A 1 35  ? -14.703 -7.559  -2.015  1.00 40.88 ? 35  TYR A CE2 1 
ATOM   238  C CZ  . TYR A 1 35  ? -14.801 -8.306  -3.167  1.00 42.22 ? 35  TYR A CZ  1 
ATOM   239  O OH  . TYR A 1 35  ? -14.993 -7.639  -4.344  1.00 45.05 ? 35  TYR A OH  1 
ATOM   240  N N   . ARG A 1 36  ? -12.496 -12.645 0.155   1.00 35.90 ? 36  ARG A N   1 
ATOM   241  C CA  . ARG A 1 36  ? -12.048 -13.762 -0.685  1.00 36.76 ? 36  ARG A CA  1 
ATOM   242  C C   . ARG A 1 36  ? -13.148 -14.237 -1.561  1.00 36.53 ? 36  ARG A C   1 
ATOM   243  O O   . ARG A 1 36  ? -14.253 -14.380 -1.093  1.00 35.86 ? 36  ARG A O   1 
ATOM   244  C CB  . ARG A 1 36  ? -11.636 -14.973 0.146   1.00 37.42 ? 36  ARG A CB  1 
ATOM   245  C CG  . ARG A 1 36  ? -10.584 -14.726 1.234   1.00 41.99 ? 36  ARG A CG  1 
ATOM   246  C CD  . ARG A 1 36  ? -9.680  -15.964 1.482   1.00 47.25 ? 36  ARG A CD  1 
ATOM   247  N NE  . ARG A 1 36  ? -8.440  -15.791 0.712   1.00 52.14 ? 36  ARG A NE  1 
ATOM   248  C CZ  . ARG A 1 36  ? -7.932  -16.656 -0.173  1.00 54.96 ? 36  ARG A CZ  1 
ATOM   249  N NH1 . ARG A 1 36  ? -8.484  -17.858 -0.402  1.00 54.60 ? 36  ARG A NH1 1 
ATOM   250  N NH2 . ARG A 1 36  ? -6.824  -16.303 -0.825  1.00 57.94 ? 36  ARG A NH2 1 
ATOM   251  N N   . ILE A 1 37  ? -12.848 -14.457 -2.839  1.00 37.63 ? 37  ILE A N   1 
ATOM   252  C CA  . ILE A 1 37  ? -13.666 -15.282 -3.748  1.00 38.44 ? 37  ILE A CA  1 
ATOM   253  C C   . ILE A 1 37  ? -12.691 -16.231 -4.415  1.00 39.42 ? 37  ILE A C   1 
ATOM   254  O O   . ILE A 1 37  ? -11.515 -15.891 -4.522  1.00 40.19 ? 37  ILE A O   1 
ATOM   255  C CB  . ILE A 1 37  ? -14.359 -14.458 -4.854  1.00 38.39 ? 37  ILE A CB  1 
ATOM   256  C CG1 . ILE A 1 37  ? -14.608 -13.027 -4.413  1.00 39.47 ? 37  ILE A CG1 1 
ATOM   257  C CG2 . ILE A 1 37  ? -15.692 -15.132 -5.296  1.00 38.30 ? 37  ILE A CG2 1 
ATOM   258  C CD1 . ILE A 1 37  ? -15.369 -12.207 -5.452  1.00 42.18 ? 37  ILE A CD1 1 
ATOM   259  N N   . ASN A 1 38  ? -13.141 -17.399 -4.890  1.00 40.36 ? 38  ASN A N   1 
ATOM   260  C CA  . ASN A 1 38  ? -12.200 -18.420 -5.361  1.00 40.61 ? 38  ASN A CA  1 
ATOM   261  C C   . ASN A 1 38  ? -11.093 -18.517 -4.259  1.00 41.30 ? 38  ASN A C   1 
ATOM   262  O O   . ASN A 1 38  ? -11.381 -18.485 -3.025  1.00 41.98 ? 38  ASN A O   1 
ATOM   263  C CB  . ASN A 1 38  ? -11.627 -17.998 -6.740  1.00 40.68 ? 38  ASN A CB  1 
ATOM   264  C CG  . ASN A 1 38  ? -12.111 -18.863 -7.911  1.00 39.99 ? 38  ASN A CG  1 
ATOM   265  O OD1 . ASN A 1 38  ? -12.305 -20.068 -7.798  1.00 39.85 ? 38  ASN A OD1 1 
ATOM   266  N ND2 . ASN A 1 38  ? -12.242 -18.234 -9.072  1.00 39.41 ? 38  ASN A ND2 1 
ATOM   267  N N   . ASP A 1 39  ? -9.832  -18.575 -4.685  1.00 41.06 ? 39  ASP A N   1 
ATOM   268  C CA  . ASP A 1 39  ? -8.705  -18.482 -3.774  1.00 40.40 ? 39  ASP A CA  1 
ATOM   269  C C   . ASP A 1 39  ? -8.003  -17.173 -3.931  1.00 38.50 ? 39  ASP A C   1 
ATOM   270  O O   . ASP A 1 39  ? -6.803  -17.095 -3.686  1.00 39.19 ? 39  ASP A O   1 
ATOM   271  C CB  . ASP A 1 39  ? -7.711  -19.589 -4.067  1.00 41.18 ? 39  ASP A CB  1 
ATOM   272  C CG  . ASP A 1 39  ? -8.341  -20.910 -4.048  1.00 43.50 ? 39  ASP A CG  1 
ATOM   273  O OD1 . ASP A 1 39  ? -9.394  -21.036 -3.372  1.00 47.12 ? 39  ASP A OD1 1 
ATOM   274  O OD2 . ASP A 1 39  ? -7.867  -21.872 -4.690  1.00 48.66 ? 39  ASP A OD2 1 
ATOM   275  N N   . LEU A 1 40  ? -8.754  -16.150 -4.307  1.00 36.46 ? 40  LEU A N   1 
ATOM   276  C CA  . LEU A 1 40  ? -8.233  -14.817 -4.473  1.00 35.17 ? 40  LEU A CA  1 
ATOM   277  C C   . LEU A 1 40  ? -8.782  -13.860 -3.409  1.00 35.04 ? 40  LEU A C   1 
ATOM   278  O O   . LEU A 1 40  ? -9.970  -13.922 -3.089  1.00 35.64 ? 40  LEU A O   1 
ATOM   279  C CB  . LEU A 1 40  ? -8.584  -14.318 -5.868  1.00 34.69 ? 40  LEU A CB  1 
ATOM   280  C CG  . LEU A 1 40  ? -7.993  -15.172 -6.999  1.00 34.73 ? 40  LEU A CG  1 
ATOM   281  C CD1 . LEU A 1 40  ? -8.492  -14.661 -8.325  1.00 35.74 ? 40  LEU A CD1 1 
ATOM   282  C CD2 . LEU A 1 40  ? -6.458  -15.220 -6.985  1.00 33.46 ? 40  LEU A CD2 1 
ATOM   283  N N   . ARG A 1 41  ? -7.902  -13.002 -2.881  1.00 33.53 ? 41  ARG A N   1 
ATOM   284  C CA  . ARG A 1 41  ? -8.243  -11.873 -2.069  1.00 33.19 ? 41  ARG A CA  1 
ATOM   285  C C   . ARG A 1 41  ? -8.312  -10.596 -2.880  1.00 32.82 ? 41  ARG A C   1 
ATOM   286  O O   . ARG A 1 41  ? -7.383  -10.278 -3.605  1.00 32.12 ? 41  ARG A O   1 
ATOM   287  C CB  . ARG A 1 41  ? -7.163  -11.598 -0.999  1.00 33.57 ? 41  ARG A CB  1 
ATOM   288  C CG  . ARG A 1 41  ? -7.423  -12.215 0.324   1.00 33.73 ? 41  ARG A CG  1 
ATOM   289  C CD  . ARG A 1 41  ? -6.597  -11.713 1.438   1.00 33.47 ? 41  ARG A CD  1 
ATOM   290  N NE  . ARG A 1 41  ? -5.179  -12.028 1.285   1.00 34.98 ? 41  ARG A NE  1 
ATOM   291  C CZ  . ARG A 1 41  ? -4.218  -11.153 1.530   1.00 34.96 ? 41  ARG A CZ  1 
ATOM   292  N NH1 . ARG A 1 41  ? -4.512  -9.927  1.912   1.00 33.27 ? 41  ARG A NH1 1 
ATOM   293  N NH2 . ARG A 1 41  ? -2.954  -11.500 1.370   1.00 37.76 ? 41  ARG A NH2 1 
ATOM   294  N N   . PHE A 1 42  ? -9.377  -9.824  -2.665  1.00 32.40 ? 42  PHE A N   1 
ATOM   295  C CA  . PHE A 1 42  ? -9.507  -8.498  -3.219  1.00 32.19 ? 42  PHE A CA  1 
ATOM   296  C C   . PHE A 1 42  ? -9.612  -7.450  -2.122  1.00 32.82 ? 42  PHE A C   1 
ATOM   297  O O   . PHE A 1 42  ? -10.203 -7.676  -1.098  1.00 32.97 ? 42  PHE A O   1 
ATOM   298  C CB  . PHE A 1 42  ? -10.672 -8.464  -4.162  1.00 31.40 ? 42  PHE A CB  1 
ATOM   299  C CG  . PHE A 1 42  ? -10.562 -9.487  -5.271  1.00 31.28 ? 42  PHE A CG  1 
ATOM   300  C CD1 . PHE A 1 42  ? -9.861  -9.207  -6.422  1.00 30.20 ? 42  PHE A CD1 1 
ATOM   301  C CD2 . PHE A 1 42  ? -11.144 -10.749 -5.139  1.00 31.39 ? 42  PHE A CD2 1 
ATOM   302  C CE1 . PHE A 1 42  ? -9.768  -10.143 -7.436  1.00 30.30 ? 42  PHE A CE1 1 
ATOM   303  C CE2 . PHE A 1 42  ? -11.049 -11.683 -6.139  1.00 30.97 ? 42  PHE A CE2 1 
ATOM   304  C CZ  . PHE A 1 42  ? -10.350 -11.385 -7.287  1.00 31.16 ? 42  PHE A CZ  1 
ATOM   305  N N   . ALA A 1 43  ? -8.968  -6.310  -2.306  1.00 33.30 ? 43  ALA A N   1 
ATOM   306  C CA  . ALA A 1 43  ? -8.957  -5.332  -1.249  1.00 34.15 ? 43  ALA A CA  1 
ATOM   307  C C   . ALA A 1 43  ? -8.823  -3.917  -1.791  1.00 34.67 ? 43  ALA A C   1 
ATOM   308  O O   . ALA A 1 43  ? -8.168  -3.695  -2.780  1.00 34.18 ? 43  ALA A O   1 
ATOM   309  C CB  . ALA A 1 43  ? -7.824  -5.639  -0.269  1.00 34.04 ? 43  ALA A CB  1 
ATOM   310  N N   . VAL A 1 44  ? -9.484  -2.985  -1.113  1.00 35.18 ? 44  VAL A N   1 
ATOM   311  C CA  . VAL A 1 44  ? -9.280  -1.553  -1.259  1.00 35.06 ? 44  VAL A CA  1 
ATOM   312  C C   . VAL A 1 44  ? -8.443  -1.020  -0.075  1.00 34.84 ? 44  VAL A C   1 
ATOM   313  O O   . VAL A 1 44  ? -8.683  -1.371  1.064   1.00 34.18 ? 44  VAL A O   1 
ATOM   314  C CB  . VAL A 1 44  ? -10.646 -0.855  -1.354  1.00 35.02 ? 44  VAL A CB  1 
ATOM   315  C CG1 . VAL A 1 44  ? -10.507 0.636   -1.348  1.00 36.45 ? 44  VAL A CG1 1 
ATOM   316  C CG2 . VAL A 1 44  ? -11.287 -1.236  -2.646  1.00 35.46 ? 44  VAL A CG2 1 
ATOM   317  N N   . ASP A 1 45  ? -7.438  -0.202  -0.356  1.00 34.46 ? 45  ASP A N   1 
ATOM   318  C CA  . ASP A 1 45  ? -6.655  0.415   0.700   1.00 34.38 ? 45  ASP A CA  1 
ATOM   319  C C   . ASP A 1 45  ? -6.540  1.951   0.537   1.00 33.93 ? 45  ASP A C   1 
ATOM   320  O O   . ASP A 1 45  ? -6.612  2.496   -0.579  1.00 33.24 ? 45  ASP A O   1 
ATOM   321  C CB  . ASP A 1 45  ? -5.271  -0.224  0.756   1.00 34.71 ? 45  ASP A CB  1 
ATOM   322  C CG  . ASP A 1 45  ? -4.369  0.176   -0.425  1.00 39.42 ? 45  ASP A CG  1 
ATOM   323  O OD1 . ASP A 1 45  ? -4.505  -0.432  -1.540  1.00 45.59 ? 45  ASP A OD1 1 
ATOM   324  O OD2 . ASP A 1 45  ? -3.486  1.067   -0.333  1.00 43.14 ? 45  ASP A OD2 1 
ATOM   325  N N   . TYR A 1 46  ? -6.385  2.633   1.663   1.00 32.55 ? 46  TYR A N   1 
ATOM   326  C CA  . TYR A 1 46  ? -5.963  4.009   1.680   1.00 32.51 ? 46  TYR A CA  1 
ATOM   327  C C   . TYR A 1 46  ? -4.581  4.105   2.365   1.00 32.13 ? 46  TYR A C   1 
ATOM   328  O O   . TYR A 1 46  ? -4.420  3.673   3.481   1.00 31.62 ? 46  TYR A O   1 
ATOM   329  C CB  . TYR A 1 46  ? -7.001  4.845   2.404   1.00 32.50 ? 46  TYR A CB  1 
ATOM   330  C CG  . TYR A 1 46  ? -6.573  6.261   2.648   1.00 33.38 ? 46  TYR A CG  1 
ATOM   331  C CD1 . TYR A 1 46  ? -6.349  7.138   1.586   1.00 35.74 ? 46  TYR A CD1 1 
ATOM   332  C CD2 . TYR A 1 46  ? -6.389  6.741   3.946   1.00 34.13 ? 46  TYR A CD2 1 
ATOM   333  C CE1 . TYR A 1 46  ? -5.961  8.461   1.807   1.00 35.57 ? 46  TYR A CE1 1 
ATOM   334  C CE2 . TYR A 1 46  ? -5.980  8.040   4.183   1.00 35.07 ? 46  TYR A CE2 1 
ATOM   335  C CZ  . TYR A 1 46  ? -5.768  8.895   3.110   1.00 36.89 ? 46  TYR A CZ  1 
ATOM   336  O OH  . TYR A 1 46  ? -5.368  10.178  3.354   1.00 41.16 ? 46  TYR A OH  1 
ATOM   337  N N   . THR A 1 47  ? -3.610  4.697   1.682   1.00 32.09 ? 47  THR A N   1 
ATOM   338  C CA  . THR A 1 47  ? -2.233  4.844   2.137   1.00 32.03 ? 47  THR A CA  1 
ATOM   339  C C   . THR A 1 47  ? -1.858  6.320   2.150   1.00 31.58 ? 47  THR A C   1 
ATOM   340  O O   . THR A 1 47  ? -2.246  7.065   1.288   1.00 30.02 ? 47  THR A O   1 
ATOM   341  C CB  . THR A 1 47  ? -1.325  4.102   1.141   1.00 32.94 ? 47  THR A CB  1 
ATOM   342  O OG1 . THR A 1 47  ? -1.637  2.686   1.108   1.00 34.30 ? 47  THR A OG1 1 
ATOM   343  C CG2 . THR A 1 47  ? 0.115   4.153   1.569   1.00 35.14 ? 47  THR A CG2 1 
ATOM   344  N N   . ARG A 1 48  ? -1.093  6.762   3.140   1.00 32.52 ? 48  ARG A N   1 
ATOM   345  C CA  . ARG A 1 48  ? -0.606  8.143   3.165   1.00 32.42 ? 48  ARG A CA  1 
ATOM   346  C C   . ARG A 1 48  ? 0.860   8.163   3.573   1.00 32.23 ? 48  ARG A C   1 
ATOM   347  O O   . ARG A 1 48  ? 1.199   7.729   4.675   1.00 32.80 ? 48  ARG A O   1 
ATOM   348  C CB  . ARG A 1 48  ? -1.427  8.969   4.144   1.00 32.96 ? 48  ARG A CB  1 
ATOM   349  C CG  . ARG A 1 48  ? -1.203  10.494  4.042   1.00 35.05 ? 48  ARG A CG  1 
ATOM   350  C CD  . ARG A 1 48  ? -0.082  11.068  4.883   1.00 35.52 ? 48  ARG A CD  1 
ATOM   351  N NE  . ARG A 1 48  ? -0.449  11.290  6.284   1.00 38.24 ? 48  ARG A NE  1 
ATOM   352  C CZ  . ARG A 1 48  ? -0.060  10.521  7.330   1.00 41.25 ? 48  ARG A CZ  1 
ATOM   353  N NH1 . ARG A 1 48  ? 0.712   9.443   7.178   1.00 41.27 ? 48  ARG A NH1 1 
ATOM   354  N NH2 . ARG A 1 48  ? -0.473  10.836  8.555   1.00 42.34 ? 48  ARG A NH2 1 
ATOM   355  N N   . TYR A 1 49  ? 1.714   8.698   2.701   1.00 31.66 ? 49  TYR A N   1 
ATOM   356  C CA  . TYR A 1 49  ? 3.159   8.741   2.909   1.00 30.87 ? 49  TYR A CA  1 
ATOM   357  C C   . TYR A 1 49  ? 3.549   10.097  3.479   1.00 30.76 ? 49  TYR A C   1 
ATOM   358  O O   . TYR A 1 49  ? 3.077   11.122  2.998   1.00 31.11 ? 49  TYR A O   1 
ATOM   359  C CB  . TYR A 1 49  ? 3.912   8.500   1.574   1.00 30.32 ? 49  TYR A CB  1 
ATOM   360  C CG  . TYR A 1 49  ? 5.384   8.845   1.634   1.00 30.79 ? 49  TYR A CG  1 
ATOM   361  C CD1 . TYR A 1 49  ? 6.348   7.855   1.863   1.00 33.18 ? 49  TYR A CD1 1 
ATOM   362  C CD2 . TYR A 1 49  ? 5.824   10.173  1.499   1.00 28.39 ? 49  TYR A CD2 1 
ATOM   363  C CE1 . TYR A 1 49  ? 7.728   8.189   1.948   1.00 32.68 ? 49  TYR A CE1 1 
ATOM   364  C CE2 . TYR A 1 49  ? 7.166   10.510  1.578   1.00 28.53 ? 49  TYR A CE2 1 
ATOM   365  C CZ  . TYR A 1 49  ? 8.132   9.520   1.802   1.00 30.90 ? 49  TYR A CZ  1 
ATOM   366  O OH  . TYR A 1 49  ? 9.492   9.864   1.892   1.00 28.03 ? 49  TYR A OH  1 
ATOM   367  N N   . LYS A 1 50  ? 4.440   10.085  4.474   1.00 30.40 ? 50  LYS A N   1 
ATOM   368  C CA  . LYS A 1 50  ? 5.107   11.270  5.005   1.00 30.51 ? 50  LYS A CA  1 
ATOM   369  C C   . LYS A 1 50  ? 6.604   11.038  5.124   1.00 30.24 ? 50  LYS A C   1 
ATOM   370  O O   . LYS A 1 50  ? 7.034   9.957   5.509   1.00 30.10 ? 50  LYS A O   1 
ATOM   371  C CB  . LYS A 1 50  ? 4.610   11.583  6.418   1.00 30.76 ? 50  LYS A CB  1 
ATOM   372  C CG  . LYS A 1 50  ? 3.308   12.347  6.484   1.00 32.77 ? 50  LYS A CG  1 
ATOM   373  C CD  . LYS A 1 50  ? 2.752   12.404  7.912   1.00 34.78 ? 50  LYS A CD  1 
ATOM   374  C CE  . LYS A 1 50  ? 3.288   13.590  8.702   1.00 33.63 ? 50  LYS A CE  1 
ATOM   375  N NZ  . LYS A 1 50  ? 2.756   14.871  8.193   1.00 34.11 ? 50  LYS A NZ  1 
ATOM   376  N N   . ASN A 1 51  ? 7.386   12.080  4.856   1.00 30.33 ? 51  ASN A N   1 
ATOM   377  C CA  . ASN A 1 51  ? 8.826   12.104  5.139   1.00 30.14 ? 51  ASN A CA  1 
ATOM   378  C C   . ASN A 1 51  ? 9.164   12.067  6.619   1.00 29.88 ? 51  ASN A C   1 
ATOM   379  O O   . ASN A 1 51  ? 8.474   12.680  7.399   1.00 29.35 ? 51  ASN A O   1 
ATOM   380  C CB  . ASN A 1 51  ? 9.441   13.370  4.559   1.00 30.30 ? 51  ASN A CB  1 
ATOM   381  C CG  . ASN A 1 51  ? 9.386   13.392  3.075   1.00 30.57 ? 51  ASN A CG  1 
ATOM   382  O OD1 . ASN A 1 51  ? 9.719   12.401  2.415   1.00 29.90 ? 51  ASN A OD1 1 
ATOM   383  N ND2 . ASN A 1 51  ? 8.942   14.505  2.526   1.00 32.44 ? 51  ASN A ND2 1 
ATOM   384  N N   . TYR A 1 52  ? 10.222  11.351  7.003   1.00 30.47 ? 52  TYR A N   1 
ATOM   385  C CA  . TYR A 1 52  ? 10.702  11.400  8.397   1.00 31.31 ? 52  TYR A CA  1 
ATOM   386  C C   . TYR A 1 52  ? 11.191  12.762  8.676   1.00 31.52 ? 52  TYR A C   1 
ATOM   387  O O   . TYR A 1 52  ? 10.905  13.320  9.714   1.00 32.46 ? 52  TYR A O   1 
ATOM   388  C CB  . TYR A 1 52  ? 11.868  10.447  8.670   1.00 31.10 ? 52  TYR A CB  1 
ATOM   389  C CG  . TYR A 1 52  ? 11.467  9.000   8.660   1.00 32.34 ? 52  TYR A CG  1 
ATOM   390  C CD1 . TYR A 1 52  ? 12.005  8.119   7.716   1.00 31.23 ? 52  TYR A CD1 1 
ATOM   391  C CD2 . TYR A 1 52  ? 10.532  8.504   9.588   1.00 32.78 ? 52  TYR A CD2 1 
ATOM   392  C CE1 . TYR A 1 52  ? 11.659  6.808   7.714   1.00 33.34 ? 52  TYR A CE1 1 
ATOM   393  C CE2 . TYR A 1 52  ? 10.161  7.151   9.581   1.00 33.96 ? 52  TYR A CE2 1 
ATOM   394  C CZ  . TYR A 1 52  ? 10.723  6.317   8.633   1.00 34.50 ? 52  TYR A CZ  1 
ATOM   395  O OH  . TYR A 1 52  ? 10.376  4.988   8.580   1.00 37.31 ? 52  TYR A OH  1 
ATOM   396  N N   . LYS A 1 53  ? 11.931  13.292  7.723   1.00 32.17 ? 53  LYS A N   1 
ATOM   397  C CA  . LYS A 1 53  ? 12.565  14.576  7.874   1.00 32.92 ? 53  LYS A CA  1 
ATOM   398  C C   . LYS A 1 53  ? 12.229  15.413  6.639   1.00 33.08 ? 53  LYS A C   1 
ATOM   399  O O   . LYS A 1 53  ? 12.275  14.934  5.521   1.00 33.95 ? 53  LYS A O   1 
ATOM   400  C CB  . LYS A 1 53  ? 14.062  14.345  8.127   1.00 33.12 ? 53  LYS A CB  1 
ATOM   401  N N   . ALA A 1 54  ? 11.827  16.656  6.855   1.00 33.59 ? 54  ALA A N   1 
ATOM   402  C CA  . ALA A 1 54  ? 11.236  17.477  5.792   1.00 33.13 ? 54  ALA A CA  1 
ATOM   403  C C   . ALA A 1 54  ? 12.320  18.094  4.937   1.00 32.70 ? 54  ALA A C   1 
ATOM   404  O O   . ALA A 1 54  ? 13.178  18.811  5.457   1.00 32.18 ? 54  ALA A O   1 
ATOM   405  C CB  . ALA A 1 54  ? 10.384  18.577  6.398   1.00 33.37 ? 54  ALA A CB  1 
ATOM   406  N N   . PRO A 1 55  ? 12.267  17.838  3.630   1.00 32.46 ? 55  PRO A N   1 
ATOM   407  C CA  . PRO A 1 55  ? 13.136  18.534  2.668   1.00 32.20 ? 55  PRO A CA  1 
ATOM   408  C C   . PRO A 1 55  ? 12.732  20.005  2.467   1.00 31.75 ? 55  PRO A C   1 
ATOM   409  O O   . PRO A 1 55  ? 11.728  20.454  3.036   1.00 31.63 ? 55  PRO A O   1 
ATOM   410  C CB  . PRO A 1 55  ? 12.956  17.738  1.367   1.00 32.18 ? 55  PRO A CB  1 
ATOM   411  C CG  . PRO A 1 55  ? 11.790  16.838  1.552   1.00 32.51 ? 55  PRO A CG  1 
ATOM   412  C CD  . PRO A 1 55  ? 11.365  16.874  2.974   1.00 32.61 ? 55  PRO A CD  1 
ATOM   413  N N   . SER A 1 56  ? 13.501  20.745  1.670   1.00 31.25 ? 56  SER A N   1 
ATOM   414  C CA  . SER A 1 56  ? 13.213  22.171  1.464   1.00 31.00 ? 56  SER A CA  1 
ATOM   415  C C   . SER A 1 56  ? 11.795  22.381  0.927   1.00 30.41 ? 56  SER A C   1 
ATOM   416  O O   . SER A 1 56  ? 11.133  23.359  1.265   1.00 30.18 ? 56  SER A O   1 
ATOM   417  C CB  . SER A 1 56  ? 14.234  22.820  0.535   1.00 30.75 ? 56  SER A CB  1 
ATOM   418  O OG  . SER A 1 56  ? 14.079  24.226  0.557   1.00 32.08 ? 56  SER A OG  1 
ATOM   419  N N   . THR A 1 57  ? 11.357  21.456  0.080   1.00 30.20 ? 57  THR A N   1 
ATOM   420  C CA  . THR A 1 57  ? 9.969   21.326  -0.315  1.00 30.30 ? 57  THR A CA  1 
ATOM   421  C C   . THR A 1 57  ? 9.410   20.053  0.318   1.00 30.34 ? 57  THR A C   1 
ATOM   422  O O   . THR A 1 57  ? 9.565   18.963  -0.252  1.00 31.04 ? 57  THR A O   1 
ATOM   423  C CB  . THR A 1 57  ? 9.891   21.206  -1.830  1.00 30.27 ? 57  THR A CB  1 
ATOM   424  O OG1 . THR A 1 57  ? 10.409  22.389  -2.437  1.00 31.18 ? 57  THR A OG1 1 
ATOM   425  C CG2 . THR A 1 57  ? 8.444   21.141  -2.309  1.00 30.83 ? 57  THR A CG2 1 
ATOM   426  N N   . ASP A 1 58  ? 8.768   20.163  1.479   1.00 29.95 ? 58  ASP A N   1 
ATOM   427  C CA  . ASP A 1 58  ? 8.047   19.010  2.047   1.00 30.18 ? 58  ASP A CA  1 
ATOM   428  C C   . ASP A 1 58  ? 6.844   18.596  1.192   1.00 29.83 ? 58  ASP A C   1 
ATOM   429  O O   . ASP A 1 58  ? 6.274   19.376  0.459   1.00 30.27 ? 58  ASP A O   1 
ATOM   430  C CB  . ASP A 1 58  ? 7.577   19.301  3.478   1.00 30.25 ? 58  ASP A CB  1 
ATOM   431  C CG  . ASP A 1 58  ? 7.623   18.073  4.378   1.00 30.74 ? 58  ASP A CG  1 
ATOM   432  O OD1 . ASP A 1 58  ? 7.754   16.921  3.883   1.00 30.55 ? 58  ASP A OD1 1 
ATOM   433  O OD2 . ASP A 1 58  ? 7.539   18.180  5.613   1.00 33.05 ? 58  ASP A OD2 1 
ATOM   434  N N   . PHE A 1 59  ? 6.461   17.350  1.262   1.00 29.86 ? 59  PHE A N   1 
ATOM   435  C CA  . PHE A 1 59  ? 5.278   16.927  0.535   1.00 30.15 ? 59  PHE A CA  1 
ATOM   436  C C   . PHE A 1 59  ? 4.711   15.704  1.213   1.00 29.98 ? 59  PHE A C   1 
ATOM   437  O O   . PHE A 1 59  ? 5.414   15.039  1.948   1.00 29.93 ? 59  PHE A O   1 
ATOM   438  C CB  . PHE A 1 59  ? 5.633   16.587  -0.929  1.00 30.02 ? 59  PHE A CB  1 
ATOM   439  C CG  . PHE A 1 59  ? 6.655   15.506  -1.043  1.00 30.67 ? 59  PHE A CG  1 
ATOM   440  C CD1 . PHE A 1 59  ? 6.264   14.163  -1.032  1.00 30.27 ? 59  PHE A CD1 1 
ATOM   441  C CD2 . PHE A 1 59  ? 8.019   15.826  -1.077  1.00 31.44 ? 59  PHE A CD2 1 
ATOM   442  C CE1 . PHE A 1 59  ? 7.211   13.154  -1.110  1.00 31.01 ? 59  PHE A CE1 1 
ATOM   443  C CE2 . PHE A 1 59  ? 8.985   14.828  -1.151  1.00 30.93 ? 59  PHE A CE2 1 
ATOM   444  C CZ  . PHE A 1 59  ? 8.592   13.486  -1.160  1.00 31.43 ? 59  PHE A CZ  1 
ATOM   445  N N   . LYS A 1 60  ? 3.441   15.419  0.947   1.00 30.08 ? 60  LYS A N   1 
ATOM   446  C CA  . LYS A 1 60  ? 2.865   14.132  1.268   1.00 30.58 ? 60  LYS A CA  1 
ATOM   447  C C   . LYS A 1 60  ? 2.405   13.450  -0.011  1.00 30.57 ? 60  LYS A C   1 
ATOM   448  O O   . LYS A 1 60  ? 2.153   14.108  -1.003  1.00 29.52 ? 60  LYS A O   1 
ATOM   449  C CB  . LYS A 1 60  ? 1.716   14.295  2.282   1.00 30.63 ? 60  LYS A CB  1 
ATOM   450  C CG  . LYS A 1 60  ? 1.977   15.400  3.307   1.00 31.67 ? 60  LYS A CG  1 
ATOM   451  C CD  . LYS A 1 60  ? 1.172   15.227  4.595   1.00 34.22 ? 60  LYS A CD  1 
ATOM   452  C CE  . LYS A 1 60  ? -0.030  16.145  4.704   1.00 34.13 ? 60  LYS A CE  1 
ATOM   453  N NZ  . LYS A 1 60  ? 0.324   17.406  5.367   1.00 37.66 ? 60  LYS A NZ  1 
ATOM   454  N N   . LEU A 1 61  ? 2.310   12.124  0.038   1.00 31.63 ? 61  LEU A N   1 
ATOM   455  C CA  . LEU A 1 61  ? 1.780   11.296  -1.054  1.00 32.65 ? 61  LEU A CA  1 
ATOM   456  C C   . LEU A 1 61  ? 0.574   10.508  -0.549  1.00 32.29 ? 61  LEU A C   1 
ATOM   457  O O   . LEU A 1 61  ? 0.565   10.035  0.573   1.00 34.14 ? 61  LEU A O   1 
ATOM   458  C CB  . LEU A 1 61  ? 2.844   10.317  -1.505  1.00 32.92 ? 61  LEU A CB  1 
ATOM   459  C CG  . LEU A 1 61  ? 3.657   10.568  -2.769  1.00 37.69 ? 61  LEU A CG  1 
ATOM   460  C CD1 . LEU A 1 61  ? 3.906   12.067  -3.058  1.00 38.65 ? 61  LEU A CD1 1 
ATOM   461  C CD2 . LEU A 1 61  ? 5.011   9.795   -2.650  1.00 39.96 ? 61  LEU A CD2 1 
ATOM   462  N N   . TYR A 1 62  ? -0.472  10.424  -1.344  1.00 31.99 ? 62  TYR A N   1 
ATOM   463  C CA  . TYR A 1 62  ? -1.687  9.715   -0.964  1.00 31.48 ? 62  TYR A CA  1 
ATOM   464  C C   . TYR A 1 62  ? -2.078  8.791   -2.078  1.00 31.48 ? 62  TYR A C   1 
ATOM   465  O O   . TYR A 1 62  ? -2.042  9.182   -3.238  1.00 29.75 ? 62  TYR A O   1 
ATOM   466  C CB  . TYR A 1 62  ? -2.886  10.657  -0.752  1.00 31.12 ? 62  TYR A CB  1 
ATOM   467  C CG  . TYR A 1 62  ? -2.650  11.839  0.101   1.00 30.81 ? 62  TYR A CG  1 
ATOM   468  C CD1 . TYR A 1 62  ? -1.903  12.891  -0.386  1.00 31.80 ? 62  TYR A CD1 1 
ATOM   469  C CD2 . TYR A 1 62  ? -3.162  11.934  1.408   1.00 31.18 ? 62  TYR A CD2 1 
ATOM   470  C CE1 . TYR A 1 62  ? -1.666  13.991  0.359   1.00 29.72 ? 62  TYR A CE1 1 
ATOM   471  C CE2 . TYR A 1 62  ? -2.895  13.061  2.194   1.00 28.31 ? 62  TYR A CE2 1 
ATOM   472  C CZ  . TYR A 1 62  ? -2.155  14.086  1.635   1.00 29.54 ? 62  TYR A CZ  1 
ATOM   473  O OH  . TYR A 1 62  ? -1.845  15.260  2.295   1.00 34.94 ? 62  TYR A OH  1 
ATOM   474  N N   . SER A 1 63  ? -2.517  7.594   -1.710  1.00 32.32 ? 63  SER A N   1 
ATOM   475  C CA  . SER A 1 63  ? -3.178  6.730   -2.658  1.00 33.77 ? 63  SER A CA  1 
ATOM   476  C C   . SER A 1 63  ? -4.392  5.975   -2.101  1.00 33.99 ? 63  SER A C   1 
ATOM   477  O O   . SER A 1 63  ? -4.472  5.655   -0.931  1.00 33.32 ? 63  SER A O   1 
ATOM   478  C CB  . SER A 1 63  ? -2.181  5.747   -3.276  1.00 34.14 ? 63  SER A CB  1 
ATOM   479  O OG  . SER A 1 63  ? -1.503  5.014   -2.292  1.00 36.94 ? 63  SER A OG  1 
ATOM   480  N N   . ILE A 1 64  ? -5.333  5.718   -2.999  1.00 34.30 ? 64  ILE A N   1 
ATOM   481  C CA  . ILE A 1 64  ? -6.396  4.752   -2.812  1.00 34.60 ? 64  ILE A CA  1 
ATOM   482  C C   . ILE A 1 64  ? -6.181  3.657   -3.858  1.00 34.07 ? 64  ILE A C   1 
ATOM   483  O O   . ILE A 1 64  ? -6.065  3.952   -5.044  1.00 34.32 ? 64  ILE A O   1 
ATOM   484  C CB  . ILE A 1 64  ? -7.757  5.443   -3.031  1.00 35.03 ? 64  ILE A CB  1 
ATOM   485  C CG1 . ILE A 1 64  ? -7.991  6.470   -1.924  1.00 34.95 ? 64  ILE A CG1 1 
ATOM   486  C CG2 . ILE A 1 64  ? -8.902  4.400   -3.063  1.00 35.73 ? 64  ILE A CG2 1 
ATOM   487  C CD1 . ILE A 1 64  ? -9.111  7.443   -2.274  1.00 36.73 ? 64  ILE A CD1 1 
ATOM   488  N N   . GLY A 1 65  ? -6.108  2.404   -3.426  1.00 33.60 ? 65  GLY A N   1 
ATOM   489  C CA  . GLY A 1 65  ? -5.711  1.301   -4.299  1.00 32.30 ? 65  GLY A CA  1 
ATOM   490  C C   . GLY A 1 65  ? -6.695  0.149   -4.294  1.00 31.86 ? 65  GLY A C   1 
ATOM   491  O O   . GLY A 1 65  ? -7.471  -0.006  -3.367  1.00 31.32 ? 65  GLY A O   1 
ATOM   492  N N   . ALA A 1 66  ? -6.636  -0.659  -5.351  1.00 31.31 ? 66  ALA A N   1 
ATOM   493  C CA  . ALA A 1 66  ? -7.400  -1.885  -5.494  1.00 31.09 ? 66  ALA A CA  1 
ATOM   494  C C   . ALA A 1 66  ? -6.420  -3.019  -5.799  1.00 30.69 ? 66  ALA A C   1 
ATOM   495  O O   . ALA A 1 66  ? -5.689  -2.942  -6.736  1.00 30.96 ? 66  ALA A O   1 
ATOM   496  C CB  . ALA A 1 66  ? -8.419  -1.742  -6.612  1.00 30.90 ? 66  ALA A CB  1 
ATOM   497  N N   . SER A 1 67  ? -6.418  -4.061  -4.985  1.00 30.64 ? 67  SER A N   1 
ATOM   498  C CA  . SER A 1 67  ? -5.433  -5.142  -5.028  1.00 30.16 ? 67  SER A CA  1 
ATOM   499  C C   . SER A 1 67  ? -6.118  -6.462  -5.298  1.00 29.87 ? 67  SER A C   1 
ATOM   500  O O   . SER A 1 67  ? -7.226  -6.707  -4.800  1.00 29.41 ? 67  SER A O   1 
ATOM   501  C CB  . SER A 1 67  ? -4.703  -5.242  -3.688  1.00 29.92 ? 67  SER A CB  1 
ATOM   502  O OG  . SER A 1 67  ? -3.944  -4.061  -3.419  1.00 31.76 ? 67  SER A OG  1 
ATOM   503  N N   . ALA A 1 68  ? -5.475  -7.295  -6.117  1.00 29.93 ? 68  ALA A N   1 
ATOM   504  C CA  . ALA A 1 68  ? -5.852  -8.699  -6.279  1.00 29.75 ? 68  ALA A CA  1 
ATOM   505  C C   . ALA A 1 68  ? -4.636  -9.561  -5.913  1.00 30.39 ? 68  ALA A C   1 
ATOM   506  O O   . ALA A 1 68  ? -3.530  -9.368  -6.417  1.00 30.16 ? 68  ALA A O   1 
ATOM   507  C CB  . ALA A 1 68  ? -6.288  -8.957  -7.654  1.00 29.08 ? 68  ALA A CB  1 
ATOM   508  N N   . ILE A 1 69  ? -4.843  -10.510 -5.017  1.00 31.41 ? 69  ILE A N   1 
ATOM   509  C CA  . ILE A 1 69  ? -3.749  -11.218 -4.352  1.00 32.12 ? 69  ILE A CA  1 
ATOM   510  C C   . ILE A 1 69  ? -3.975  -12.717 -4.345  1.00 32.16 ? 69  ILE A C   1 
ATOM   511  O O   . ILE A 1 69  ? -5.067  -13.155 -4.100  1.00 31.95 ? 69  ILE A O   1 
ATOM   512  C CB  . ILE A 1 69  ? -3.653  -10.728 -2.922  1.00 32.43 ? 69  ILE A CB  1 
ATOM   513  C CG1 . ILE A 1 69  ? -3.204  -9.275  -2.874  1.00 32.33 ? 69  ILE A CG1 1 
ATOM   514  C CG2 . ILE A 1 69  ? -2.650  -11.535 -2.140  1.00 34.40 ? 69  ILE A CG2 1 
ATOM   515  C CD1 . ILE A 1 69  ? -3.447  -8.633  -1.521  1.00 33.05 ? 69  ILE A CD1 1 
ATOM   516  N N   . TYR A 1 70  ? -2.948  -13.499 -4.661  1.00 33.04 ? 70  TYR A N   1 
ATOM   517  C CA  . TYR A 1 70  ? -3.002  -14.950 -4.470  1.00 33.91 ? 70  TYR A CA  1 
ATOM   518  C C   . TYR A 1 70  ? -2.216  -15.372 -3.224  1.00 34.02 ? 70  TYR A C   1 
ATOM   519  O O   . TYR A 1 70  ? -1.029  -15.083 -3.120  1.00 34.02 ? 70  TYR A O   1 
ATOM   520  C CB  . TYR A 1 70  ? -2.451  -15.695 -5.677  1.00 33.88 ? 70  TYR A CB  1 
ATOM   521  C CG  . TYR A 1 70  ? -2.539  -17.190 -5.505  1.00 35.55 ? 70  TYR A CG  1 
ATOM   522  C CD1 . TYR A 1 70  ? -3.751  -17.858 -5.676  1.00 37.54 ? 70  TYR A CD1 1 
ATOM   523  C CD2 . TYR A 1 70  ? -1.417  -17.950 -5.170  1.00 36.62 ? 70  TYR A CD2 1 
ATOM   524  C CE1 . TYR A 1 70  ? -3.846  -19.236 -5.519  1.00 37.93 ? 70  TYR A CE1 1 
ATOM   525  C CE2 . TYR A 1 70  ? -1.511  -19.333 -5.003  1.00 37.33 ? 70  TYR A CE2 1 
ATOM   526  C CZ  . TYR A 1 70  ? -2.727  -19.960 -5.172  1.00 38.64 ? 70  TYR A CZ  1 
ATOM   527  O OH  . TYR A 1 70  ? -2.834  -21.324 -5.020  1.00 42.52 ? 70  TYR A OH  1 
ATOM   528  N N   . ASP A 1 71  ? -2.883  -16.081 -2.315  1.00 34.13 ? 71  ASP A N   1 
ATOM   529  C CA  . ASP A 1 71  ? -2.248  -16.669 -1.138  1.00 34.23 ? 71  ASP A CA  1 
ATOM   530  C C   . ASP A 1 71  ? -1.858  -18.115 -1.416  1.00 34.57 ? 71  ASP A C   1 
ATOM   531  O O   . ASP A 1 71  ? -2.684  -18.921 -1.800  1.00 35.14 ? 71  ASP A O   1 
ATOM   532  C CB  . ASP A 1 71  ? -3.196  -16.603 0.050   1.00 33.35 ? 71  ASP A CB  1 
ATOM   533  C CG  . ASP A 1 71  ? -3.611  -15.187 0.386   1.00 34.39 ? 71  ASP A CG  1 
ATOM   534  O OD1 . ASP A 1 71  ? -2.751  -14.328 0.680   1.00 34.20 ? 71  ASP A OD1 1 
ATOM   535  O OD2 . ASP A 1 71  ? -4.802  -14.821 0.410   1.00 37.33 ? 71  ASP A OD2 1 
ATOM   536  N N   . PHE A 1 72  ? -0.592  -18.458 -1.244  1.00 36.00 ? 72  PHE A N   1 
ATOM   537  C CA  . PHE A 1 72  ? -0.142  -19.854 -1.414  1.00 36.60 ? 72  PHE A CA  1 
ATOM   538  C C   . PHE A 1 72  ? -0.463  -20.692 -0.194  1.00 37.98 ? 72  PHE A C   1 
ATOM   539  O O   . PHE A 1 72  ? -0.177  -20.305 0.913   1.00 38.81 ? 72  PHE A O   1 
ATOM   540  C CB  . PHE A 1 72  ? 1.356   -19.914 -1.701  1.00 36.03 ? 72  PHE A CB  1 
ATOM   541  C CG  . PHE A 1 72  ? 1.740   -19.267 -2.991  1.00 34.97 ? 72  PHE A CG  1 
ATOM   542  C CD1 . PHE A 1 72  ? 1.931   -17.895 -3.068  1.00 35.32 ? 72  PHE A CD1 1 
ATOM   543  C CD2 . PHE A 1 72  ? 1.902   -20.024 -4.144  1.00 36.22 ? 72  PHE A CD2 1 
ATOM   544  C CE1 . PHE A 1 72  ? 2.288   -17.286 -4.273  1.00 34.95 ? 72  PHE A CE1 1 
ATOM   545  C CE2 . PHE A 1 72  ? 2.261   -19.423 -5.369  1.00 35.41 ? 72  PHE A CE2 1 
ATOM   546  C CZ  . PHE A 1 72  ? 2.443   -18.055 -5.429  1.00 34.69 ? 72  PHE A CZ  1 
ATOM   547  N N   . ASP A 1 73  ? -1.100  -21.830 -0.407  1.00 40.69 ? 73  ASP A N   1 
ATOM   548  C CA  . ASP A 1 73  ? -1.301  -22.828 0.645   1.00 42.47 ? 73  ASP A CA  1 
ATOM   549  C C   . ASP A 1 73  ? -0.021  -23.627 0.893   1.00 43.23 ? 73  ASP A C   1 
ATOM   550  O O   . ASP A 1 73  ? 0.625   -24.093 -0.061  1.00 43.13 ? 73  ASP A O   1 
ATOM   551  C CB  . ASP A 1 73  ? -2.394  -23.832 0.262   1.00 42.73 ? 73  ASP A CB  1 
ATOM   552  C CG  . ASP A 1 73  ? -2.774  -24.738 1.434   1.00 45.66 ? 73  ASP A CG  1 
ATOM   553  O OD1 . ASP A 1 73  ? -2.729  -24.210 2.587   1.00 48.41 ? 73  ASP A OD1 1 
ATOM   554  O OD2 . ASP A 1 73  ? -3.113  -25.959 1.313   1.00 46.42 ? 73  ASP A OD2 1 
ATOM   555  N N   . THR A 1 74  ? 0.343   -23.765 2.165   1.00 44.13 ? 74  THR A N   1 
ATOM   556  C CA  . THR A 1 74  ? 1.336   -24.754 2.584   1.00 45.08 ? 74  THR A CA  1 
ATOM   557  C C   . THR A 1 74  ? 0.663   -25.683 3.612   1.00 45.66 ? 74  THR A C   1 
ATOM   558  O O   . THR A 1 74  ? -0.576  -25.706 3.686   1.00 46.19 ? 74  THR A O   1 
ATOM   559  C CB  . THR A 1 74  ? 2.616   -24.083 3.149   1.00 45.45 ? 74  THR A CB  1 
ATOM   560  O OG1 . THR A 1 74  ? 2.692   -22.699 2.759   1.00 44.27 ? 74  THR A OG1 1 
ATOM   561  C CG2 . THR A 1 74  ? 3.871   -24.755 2.532   1.00 45.95 ? 74  THR A CG2 1 
ATOM   562  N N   . GLN A 1 75  ? 1.436   -26.448 4.387   1.00 45.70 ? 75  GLN A N   1 
ATOM   563  C CA  . GLN A 1 75  ? 0.841   -27.317 5.427   1.00 45.85 ? 75  GLN A CA  1 
ATOM   564  C C   . GLN A 1 75  ? 0.923   -26.667 6.820   1.00 45.51 ? 75  GLN A C   1 
ATOM   565  O O   . GLN A 1 75  ? 1.205   -27.349 7.816   1.00 46.23 ? 75  GLN A O   1 
ATOM   566  C CB  . GLN A 1 75  ? 1.535   -28.683 5.446   1.00 45.89 ? 75  GLN A CB  1 
ATOM   567  C CG  . GLN A 1 75  ? 1.795   -29.310 4.060   1.00 46.89 ? 75  GLN A CG  1 
ATOM   568  C CD  . GLN A 1 75  ? 0.542   -29.400 3.183   1.00 47.87 ? 75  GLN A CD  1 
ATOM   569  O OE1 . GLN A 1 75  ? -0.163  -28.395 2.966   1.00 46.63 ? 75  GLN A OE1 1 
ATOM   570  N NE2 . GLN A 1 75  ? 0.271   -30.604 2.664   1.00 46.61 ? 75  GLN A NE2 1 
ATOM   571  N N   . SER A 1 76  ? 0.617   -25.368 6.885   1.00 44.44 ? 76  SER A N   1 
ATOM   572  C CA  . SER A 1 76  ? 1.095   -24.500 7.963   1.00 43.57 ? 76  SER A CA  1 
ATOM   573  C C   . SER A 1 76  ? 0.311   -23.191 8.109   1.00 43.10 ? 76  SER A C   1 
ATOM   574  O O   . SER A 1 76  ? -0.400  -22.767 7.186   1.00 42.94 ? 76  SER A O   1 
ATOM   575  C CB  . SER A 1 76  ? 2.560   -24.125 7.688   1.00 43.43 ? 76  SER A CB  1 
ATOM   576  O OG  . SER A 1 76  ? 2.676   -23.318 6.525   1.00 42.04 ? 76  SER A OG  1 
ATOM   577  N N   . PRO A 1 77  ? 0.487   -22.513 9.245   1.00 42.67 ? 77  PRO A N   1 
ATOM   578  C CA  . PRO A 1 77  ? -0.056  -21.149 9.402   1.00 42.19 ? 77  PRO A CA  1 
ATOM   579  C C   . PRO A 1 77  ? 0.759   -20.053 8.674   1.00 41.38 ? 77  PRO A C   1 
ATOM   580  O O   . PRO A 1 77  ? 0.339   -18.905 8.757   1.00 41.26 ? 77  PRO A O   1 
ATOM   581  C CB  . PRO A 1 77  ? -0.050  -20.924 10.930  1.00 42.50 ? 77  PRO A CB  1 
ATOM   582  C CG  . PRO A 1 77  ? 0.630   -22.149 11.556  1.00 42.35 ? 77  PRO A CG  1 
ATOM   583  C CD  . PRO A 1 77  ? 1.217   -22.956 10.453  1.00 42.43 ? 77  PRO A CD  1 
ATOM   584  N N   . VAL A 1 78  ? 1.858   -20.409 7.997   1.00 40.31 ? 78  VAL A N   1 
ATOM   585  C CA  . VAL A 1 78  ? 2.658   -19.505 7.162   1.00 40.05 ? 78  VAL A CA  1 
ATOM   586  C C   . VAL A 1 78  ? 2.251   -19.471 5.651   1.00 39.39 ? 78  VAL A C   1 
ATOM   587  O O   . VAL A 1 78  ? 2.385   -20.455 4.937   1.00 39.18 ? 78  VAL A O   1 
ATOM   588  C CB  . VAL A 1 78  ? 4.152   -19.889 7.262   1.00 40.17 ? 78  VAL A CB  1 
ATOM   589  C CG1 . VAL A 1 78  ? 4.955   -19.256 6.137   1.00 41.58 ? 78  VAL A CG1 1 
ATOM   590  C CG2 . VAL A 1 78  ? 4.721   -19.444 8.601   1.00 40.70 ? 78  VAL A CG2 1 
ATOM   591  N N   . LYS A 1 79  ? 1.814   -18.317 5.144   1.00 38.73 ? 79  LYS A N   1 
ATOM   592  C CA  . LYS A 1 79  ? 1.255   -18.262 3.786   1.00 37.62 ? 79  LYS A CA  1 
ATOM   593  C C   . LYS A 1 79  ? 1.863   -17.151 2.939   1.00 34.99 ? 79  LYS A C   1 
ATOM   594  O O   . LYS A 1 79  ? 1.468   -16.019 3.044   1.00 33.49 ? 79  LYS A O   1 
ATOM   595  C CB  . LYS A 1 79  ? -0.265  -18.107 3.857   1.00 38.40 ? 79  LYS A CB  1 
ATOM   596  N N   . PRO A 1 80  ? 2.844   -17.461 2.100   1.00 33.66 ? 80  PRO A N   1 
ATOM   597  C CA  . PRO A 1 80  ? 3.313   -16.469 1.115   1.00 32.88 ? 80  PRO A CA  1 
ATOM   598  C C   . PRO A 1 80  ? 2.164   -15.969 0.215   1.00 32.01 ? 80  PRO A C   1 
ATOM   599  O O   . PRO A 1 80  ? 1.138   -16.639 0.032   1.00 30.13 ? 80  PRO A O   1 
ATOM   600  C CB  . PRO A 1 80  ? 4.377   -17.230 0.303   1.00 32.89 ? 80  PRO A CB  1 
ATOM   601  C CG  . PRO A 1 80  ? 4.777   -18.404 1.129   1.00 32.73 ? 80  PRO A CG  1 
ATOM   602  C CD  . PRO A 1 80  ? 3.614   -18.719 2.032   1.00 33.40 ? 80  PRO A CD  1 
ATOM   603  N N   . TYR A 1 81  ? 2.334   -14.767 -0.310  1.00 31.83 ? 81  TYR A N   1 
ATOM   604  C CA  . TYR A 1 81  ? 1.403   -14.221 -1.282  1.00 31.64 ? 81  TYR A CA  1 
ATOM   605  C C   . TYR A 1 81  ? 2.062   -13.317 -2.297  1.00 32.12 ? 81  TYR A C   1 
ATOM   606  O O   . TYR A 1 81  ? 3.124   -12.751 -2.068  1.00 32.63 ? 81  TYR A O   1 
ATOM   607  C CB  . TYR A 1 81  ? 0.277   -13.470 -0.594  1.00 31.26 ? 81  TYR A CB  1 
ATOM   608  C CG  . TYR A 1 81  ? 0.698   -12.235 0.174   1.00 31.03 ? 81  TYR A CG  1 
ATOM   609  C CD1 . TYR A 1 81  ? 0.903   -11.004 -0.472  1.00 33.70 ? 81  TYR A CD1 1 
ATOM   610  C CD2 . TYR A 1 81  ? 0.887   -12.281 1.524   1.00 29.79 ? 81  TYR A CD2 1 
ATOM   611  C CE1 . TYR A 1 81  ? 1.296   -9.859  0.231   1.00 32.25 ? 81  TYR A CE1 1 
ATOM   612  C CE2 . TYR A 1 81  ? 1.271   -11.147 2.238   1.00 32.10 ? 81  TYR A CE2 1 
ATOM   613  C CZ  . TYR A 1 81  ? 1.487   -9.941  1.586   1.00 32.69 ? 81  TYR A CZ  1 
ATOM   614  O OH  . TYR A 1 81  ? 1.861   -8.826  2.324   1.00 35.28 ? 81  TYR A OH  1 
ATOM   615  N N   . LEU A 1 82  ? 1.359   -13.142 -3.402  1.00 33.05 ? 82  LEU A N   1 
ATOM   616  C CA  . LEU A 1 82  ? 1.816   -12.386 -4.558  1.00 33.13 ? 82  LEU A CA  1 
ATOM   617  C C   . LEU A 1 82  ? 0.595   -11.713 -5.169  1.00 32.52 ? 82  LEU A C   1 
ATOM   618  O O   . LEU A 1 82  ? -0.439  -12.351 -5.337  1.00 32.09 ? 82  LEU A O   1 
ATOM   619  C CB  . LEU A 1 82  ? 2.447   -13.335 -5.573  1.00 33.29 ? 82  LEU A CB  1 
ATOM   620  C CG  . LEU A 1 82  ? 2.874   -12.721 -6.907  1.00 36.44 ? 82  LEU A CG  1 
ATOM   621  C CD1 . LEU A 1 82  ? 3.981   -11.642 -6.718  1.00 38.56 ? 82  LEU A CD1 1 
ATOM   622  C CD2 . LEU A 1 82  ? 3.339   -13.828 -7.862  1.00 37.40 ? 82  LEU A CD2 1 
ATOM   623  N N   . GLY A 1 83  ? 0.719   -10.437 -5.521  1.00 31.68 ? 83  GLY A N   1 
ATOM   624  C CA  . GLY A 1 83  ? -0.413  -9.688  -6.034  1.00 30.44 ? 83  GLY A CA  1 
ATOM   625  C C   . GLY A 1 83  ? -0.050  -8.489  -6.889  1.00 29.66 ? 83  GLY A C   1 
ATOM   626  O O   . GLY A 1 83  ? 1.115   -8.169  -7.099  1.00 27.90 ? 83  GLY A O   1 
ATOM   627  N N   . ALA A 1 84  ? -1.095  -7.827  -7.383  1.00 29.05 ? 84  ALA A N   1 
ATOM   628  C CA  . ALA A 1 84  ? -0.955  -6.634  -8.181  1.00 28.93 ? 84  ALA A CA  1 
ATOM   629  C C   . ALA A 1 84  ? -1.902  -5.581  -7.632  1.00 28.91 ? 84  ALA A C   1 
ATOM   630  O O   . ALA A 1 84  ? -2.908  -5.917  -7.048  1.00 28.48 ? 84  ALA A O   1 
ATOM   631  C CB  . ALA A 1 84  ? -1.260  -6.959  -9.654  1.00 29.07 ? 84  ALA A CB  1 
ATOM   632  N N   . ARG A 1 85  ? -1.579  -4.306  -7.831  1.00 29.39 ? 85  ARG A N   1 
ATOM   633  C CA  . ARG A 1 85  ? -2.360  -3.198  -7.290  1.00 29.47 ? 85  ARG A CA  1 
ATOM   634  C C   . ARG A 1 85  ? -2.518  -2.049  -8.311  1.00 29.72 ? 85  ARG A C   1 
ATOM   635  O O   . ARG A 1 85  ? -1.548  -1.596  -8.893  1.00 29.00 ? 85  ARG A O   1 
ATOM   636  C CB  . ARG A 1 85  ? -1.654  -2.691  -6.052  1.00 29.51 ? 85  ARG A CB  1 
ATOM   637  C CG  . ARG A 1 85  ? -2.319  -1.537  -5.362  1.00 30.26 ? 85  ARG A CG  1 
ATOM   638  C CD  . ARG A 1 85  ? -1.653  -1.234  -4.042  1.00 31.64 ? 85  ARG A CD  1 
ATOM   639  N NE  . ARG A 1 85  ? -2.208  -0.070  -3.364  1.00 32.40 ? 85  ARG A NE  1 
ATOM   640  C CZ  . ARG A 1 85  ? -1.781  1.157   -3.551  1.00 35.57 ? 85  ARG A CZ  1 
ATOM   641  N NH1 . ARG A 1 85  ? -0.801  1.406   -4.422  1.00 35.15 ? 85  ARG A NH1 1 
ATOM   642  N NH2 . ARG A 1 85  ? -2.329  2.148   -2.864  1.00 36.30 ? 85  ARG A NH2 1 
ATOM   643  N N   . LEU A 1 86  ? -3.753  -1.618  -8.538  1.00 30.58 ? 86  LEU A N   1 
ATOM   644  C CA  . LEU A 1 86  ? -4.062  -0.415  -9.301  1.00 31.66 ? 86  LEU A CA  1 
ATOM   645  C C   . LEU A 1 86  ? -4.389  0.730   -8.332  1.00 31.70 ? 86  LEU A C   1 
ATOM   646  O O   . LEU A 1 86  ? -5.120  0.532   -7.369  1.00 31.72 ? 86  LEU A O   1 
ATOM   647  C CB  . LEU A 1 86  ? -5.257  -0.682  -10.176 1.00 32.01 ? 86  LEU A CB  1 
ATOM   648  C CG  . LEU A 1 86  ? -5.532  0.275   -11.339 1.00 35.06 ? 86  LEU A CG  1 
ATOM   649  C CD1 . LEU A 1 86  ? -4.392  0.271   -12.364 1.00 37.43 ? 86  LEU A CD1 1 
ATOM   650  C CD2 . LEU A 1 86  ? -6.822  -0.138  -12.013 1.00 36.04 ? 86  LEU A CD2 1 
ATOM   651  N N   . SER A 1 87  ? -3.858  1.922   -8.575  1.00 31.37 ? 87  SER A N   1 
ATOM   652  C CA  . SER A 1 87  ? -4.034  3.008   -7.634  1.00 31.83 ? 87  SER A CA  1 
ATOM   653  C C   . SER A 1 87  ? -4.312  4.360   -8.275  1.00 31.94 ? 87  SER A C   1 
ATOM   654  O O   . SER A 1 87  ? -3.950  4.604   -9.411  1.00 31.70 ? 87  SER A O   1 
ATOM   655  C CB  . SER A 1 87  ? -2.792  3.105   -6.771  1.00 32.28 ? 87  SER A CB  1 
ATOM   656  O OG  . SER A 1 87  ? -1.668  3.403   -7.570  1.00 33.70 ? 87  SER A OG  1 
ATOM   657  N N   . LEU A 1 88  ? -5.023  5.201   -7.524  1.00 32.55 ? 88  LEU A N   1 
ATOM   658  C CA  . LEU A 1 88  ? -5.206  6.636   -7.781  1.00 32.37 ? 88  LEU A CA  1 
ATOM   659  C C   . LEU A 1 88  ? -4.341  7.367   -6.772  1.00 31.99 ? 88  LEU A C   1 
ATOM   660  O O   . LEU A 1 88  ? -4.508  7.178   -5.560  1.00 31.89 ? 88  LEU A O   1 
ATOM   661  C CB  . LEU A 1 88  ? -6.655  7.030   -7.576  1.00 32.27 ? 88  LEU A CB  1 
ATOM   662  C CG  . LEU A 1 88  ? -7.636  6.323   -8.517  1.00 33.47 ? 88  LEU A CG  1 
ATOM   663  C CD1 . LEU A 1 88  ? -9.083  6.784   -8.246  1.00 33.68 ? 88  LEU A CD1 1 
ATOM   664  C CD2 . LEU A 1 88  ? -7.278  6.547   -9.979  1.00 34.76 ? 88  LEU A CD2 1 
ATOM   665  N N   . ASN A 1 89  ? -3.411  8.173   -7.274  1.00 31.78 ? 89  ASN A N   1 
ATOM   666  C CA  . ASN A 1 89  ? -2.370  8.825   -6.459  1.00 31.29 ? 89  ASN A CA  1 
ATOM   667  C C   . ASN A 1 89  ? -2.420  10.358  -6.564  1.00 31.26 ? 89  ASN A C   1 
ATOM   668  O O   . ASN A 1 89  ? -2.713  10.907  -7.625  1.00 31.61 ? 89  ASN A O   1 
ATOM   669  C CB  . ASN A 1 89  ? -0.973  8.364   -6.896  1.00 31.26 ? 89  ASN A CB  1 
ATOM   670  C CG  . ASN A 1 89  ? -0.802  6.830   -6.873  1.00 31.53 ? 89  ASN A CG  1 
ATOM   671  O OD1 . ASN A 1 89  ? -0.330  6.272   -5.889  1.00 32.98 ? 89  ASN A OD1 1 
ATOM   672  N ND2 . ASN A 1 89  ? -1.156  6.167   -7.973  1.00 29.64 ? 89  ASN A ND2 1 
ATOM   673  N N   . ARG A 1 90  ? -2.120  11.034  -5.461  1.00 30.97 ? 90  ARG A N   1 
ATOM   674  C CA  . ARG A 1 90  ? -1.990  12.493  -5.400  1.00 30.80 ? 90  ARG A CA  1 
ATOM   675  C C   . ARG A 1 90  ? -0.790  12.870  -4.532  1.00 29.97 ? 90  ARG A C   1 
ATOM   676  O O   . ARG A 1 90  ? -0.428  12.148  -3.618  1.00 28.40 ? 90  ARG A O   1 
ATOM   677  C CB  . ARG A 1 90  ? -3.201  13.114  -4.723  1.00 31.05 ? 90  ARG A CB  1 
ATOM   678  C CG  . ARG A 1 90  ? -4.427  13.259  -5.551  1.00 33.22 ? 90  ARG A CG  1 
ATOM   679  C CD  . ARG A 1 90  ? -5.560  13.862  -4.728  1.00 36.91 ? 90  ARG A CD  1 
ATOM   680  N NE  . ARG A 1 90  ? -6.819  13.782  -5.437  1.00 40.79 ? 90  ARG A NE  1 
ATOM   681  C CZ  . ARG A 1 90  ? -7.266  14.690  -6.299  1.00 44.96 ? 90  ARG A CZ  1 
ATOM   682  N NH1 . ARG A 1 90  ? -6.573  15.799  -6.560  1.00 46.65 ? 90  ARG A NH1 1 
ATOM   683  N NH2 . ARG A 1 90  ? -8.437  14.497  -6.906  1.00 46.16 ? 90  ARG A NH2 1 
ATOM   684  N N   . ALA A 1 91  ? -0.196  14.019  -4.814  1.00 29.82 ? 91  ALA A N   1 
ATOM   685  C CA  . ALA A 1 91  ? 0.766   14.614  -3.897  1.00 30.28 ? 91  ALA A CA  1 
ATOM   686  C C   . ALA A 1 91  ? 0.206   15.902  -3.319  1.00 30.34 ? 91  ALA A C   1 
ATOM   687  O O   . ALA A 1 91  ? -0.731  16.500  -3.848  1.00 29.80 ? 91  ALA A O   1 
ATOM   688  C CB  . ALA A 1 91  ? 2.085   14.890  -4.573  1.00 30.54 ? 91  ALA A CB  1 
ATOM   689  N N   . SER A 1 92  ? 0.841   16.327  -2.243  1.00 31.00 ? 92  SER A N   1 
ATOM   690  C CA  . SER A 1 92  ? 0.410   17.460  -1.417  1.00 31.56 ? 92  SER A CA  1 
ATOM   691  C C   . SER A 1 92  ? 1.642   18.284  -1.153  1.00 31.48 ? 92  SER A C   1 
ATOM   692  O O   . SER A 1 92  ? 2.734   17.757  -1.010  1.00 31.43 ? 92  SER A O   1 
ATOM   693  C CB  . SER A 1 92  ? -0.144  16.871  -0.097  1.00 31.99 ? 92  SER A CB  1 
ATOM   694  O OG  . SER A 1 92  ? -0.537  17.792  0.872   1.00 32.31 ? 92  SER A OG  1 
ATOM   695  N N   . VAL A 1 93  ? 1.464   19.583  -1.054  1.00 32.17 ? 93  VAL A N   1 
ATOM   696  C CA  . VAL A 1 93  ? 2.516   20.484  -0.631  1.00 31.66 ? 93  VAL A CA  1 
ATOM   697  C C   . VAL A 1 93  ? 1.816   21.522  0.220   1.00 32.20 ? 93  VAL A C   1 
ATOM   698  O O   . VAL A 1 93  ? 0.698   21.928  -0.076  1.00 31.57 ? 93  VAL A O   1 
ATOM   699  C CB  . VAL A 1 93  ? 3.262   21.023  -1.888  1.00 31.91 ? 93  VAL A CB  1 
ATOM   700  C CG1 . VAL A 1 93  ? 3.201   22.533  -2.038  1.00 32.31 ? 93  VAL A CG1 1 
ATOM   701  C CG2 . VAL A 1 93  ? 4.683   20.524  -1.905  1.00 31.68 ? 93  VAL A CG2 1 
ATOM   702  N N   . ASP A 1 94  ? 2.454   21.923  1.310   1.00 33.36 ? 94  ASP A N   1 
ATOM   703  C CA  . ASP A 1 94  ? 1.824   22.802  2.264   1.00 34.20 ? 94  ASP A CA  1 
ATOM   704  C C   . ASP A 1 94  ? 2.156   24.217  1.760   1.00 35.04 ? 94  ASP A C   1 
ATOM   705  O O   . ASP A 1 94  ? 3.252   24.473  1.263   1.00 35.17 ? 94  ASP A O   1 
ATOM   706  C CB  . ASP A 1 94  ? 2.303   22.471  3.689   1.00 33.98 ? 94  ASP A CB  1 
ATOM   707  C CG  . ASP A 1 94  ? 1.757   23.464  4.776   1.00 37.73 ? 94  ASP A CG  1 
ATOM   708  O OD1 . ASP A 1 94  ? 1.801   24.733  4.602   1.00 36.74 ? 94  ASP A OD1 1 
ATOM   709  O OD2 . ASP A 1 94  ? 1.288   23.048  5.871   1.00 41.06 ? 94  ASP A OD2 1 
ATOM   710  N N   . LEU A 1 95  ? 1.184   25.119  1.843   1.00 36.12 ? 95  LEU A N   1 
ATOM   711  C CA  . LEU A 1 95  ? 1.297   26.434  1.241   1.00 37.01 ? 95  LEU A CA  1 
ATOM   712  C C   . LEU A 1 95  ? 0.566   27.397  2.144   1.00 37.28 ? 95  LEU A C   1 
ATOM   713  O O   . LEU A 1 95  ? -0.666  27.456  2.131   1.00 37.44 ? 95  LEU A O   1 
ATOM   714  C CB  . LEU A 1 95  ? 0.682   26.440  -0.167  1.00 37.51 ? 95  LEU A CB  1 
ATOM   715  C CG  . LEU A 1 95  ? 1.465   25.792  -1.330  1.00 38.55 ? 95  LEU A CG  1 
ATOM   716  C CD1 . LEU A 1 95  ? 0.687   25.927  -2.653  1.00 38.87 ? 95  LEU A CD1 1 
ATOM   717  C CD2 . LEU A 1 95  ? 2.862   26.401  -1.482  1.00 39.06 ? 95  LEU A CD2 1 
ATOM   718  N N   . GLY A 1 96  ? 1.336   28.122  2.951   1.00 37.62 ? 96  GLY A N   1 
ATOM   719  C CA  . GLY A 1 96  ? 0.795   29.063  3.914   1.00 38.00 ? 96  GLY A CA  1 
ATOM   720  C C   . GLY A 1 96  ? -0.126  28.424  4.934   1.00 38.33 ? 96  GLY A C   1 
ATOM   721  O O   . GLY A 1 96  ? -1.104  29.030  5.341   1.00 38.62 ? 96  GLY A O   1 
ATOM   722  N N   . GLY A 1 97  ? 0.176   27.191  5.330   1.00 38.87 ? 97  GLY A N   1 
ATOM   723  C CA  . GLY A 1 97  ? -0.615  26.478  6.321   1.00 39.12 ? 97  GLY A CA  1 
ATOM   724  C C   . GLY A 1 97  ? -1.523  25.366  5.823   1.00 39.24 ? 97  GLY A C   1 
ATOM   725  O O   . GLY A 1 97  ? -1.860  24.486  6.612   1.00 39.83 ? 97  GLY A O   1 
ATOM   726  N N   . SER A 1 98  ? -1.911  25.391  4.543   1.00 39.16 ? 98  SER A N   1 
ATOM   727  C CA  . SER A 1 98  ? -2.881  24.434  3.982   1.00 38.84 ? 98  SER A CA  1 
ATOM   728  C C   . SER A 1 98  ? -2.273  23.508  2.924   1.00 38.54 ? 98  SER A C   1 
ATOM   729  O O   . SER A 1 98  ? -1.430  23.912  2.142   1.00 38.93 ? 98  SER A O   1 
ATOM   730  C CB  . SER A 1 98  ? -4.045  25.198  3.327   1.00 38.75 ? 98  SER A CB  1 
ATOM   731  O OG  . SER A 1 98  ? -4.624  26.133  4.223   1.00 38.77 ? 98  SER A OG  1 
ATOM   732  N N   . ASP A 1 99  ? -2.728  22.272  2.871   1.00 38.06 ? 99  ASP A N   1 
ATOM   733  C CA  . ASP A 1 99  ? -2.328  21.393  1.786   1.00 37.88 ? 99  ASP A CA  1 
ATOM   734  C C   . ASP A 1 99  ? -2.923  21.885  0.446   1.00 37.20 ? 99  ASP A C   1 
ATOM   735  O O   . ASP A 1 99  ? -4.065  22.336  0.414   1.00 37.84 ? 99  ASP A O   1 
ATOM   736  C CB  . ASP A 1 99  ? -2.809  19.984  2.080   1.00 37.90 ? 99  ASP A CB  1 
ATOM   737  C CG  . ASP A 1 99  ? -2.115  19.360  3.289   1.00 39.57 ? 99  ASP A CG  1 
ATOM   738  O OD1 . ASP A 1 99  ? -1.073  19.900  3.721   1.00 39.65 ? 99  ASP A OD1 1 
ATOM   739  O OD2 . ASP A 1 99  ? -2.528  18.298  3.850   1.00 41.96 ? 99  ASP A OD2 1 
ATOM   740  N N   . SER A 1 100 ? -2.138  21.854  -0.632  1.00 35.71 ? 100 SER A N   1 
ATOM   741  C CA  . SER A 1 100 ? -2.680  21.956  -1.977  1.00 34.67 ? 100 SER A CA  1 
ATOM   742  C C   . SER A 1 100 ? -2.240  20.742  -2.814  1.00 33.70 ? 100 SER A C   1 
ATOM   743  O O   . SER A 1 100 ? -1.072  20.366  -2.859  1.00 33.03 ? 100 SER A O   1 
ATOM   744  C CB  . SER A 1 100 ? -2.301  23.280  -2.640  1.00 34.73 ? 100 SER A CB  1 
ATOM   745  O OG  . SER A 1 100 ? -0.933  23.312  -2.959  1.00 35.62 ? 100 SER A OG  1 
ATOM   746  N N   . PHE A 1 101 ? -3.205  20.143  -3.497  1.00 32.91 ? 101 PHE A N   1 
ATOM   747  C CA  . PHE A 1 101 ? -3.021  18.849  -4.113  1.00 32.30 ? 101 PHE A CA  1 
ATOM   748  C C   . PHE A 1 101 ? -2.712  18.945  -5.606  1.00 31.99 ? 101 PHE A C   1 
ATOM   749  O O   . PHE A 1 101 ? -2.988  19.946  -6.236  1.00 32.22 ? 101 PHE A O   1 
ATOM   750  C CB  . PHE A 1 101 ? -4.248  17.988  -3.838  1.00 32.22 ? 101 PHE A CB  1 
ATOM   751  C CG  . PHE A 1 101 ? -4.464  17.708  -2.380  1.00 32.04 ? 101 PHE A CG  1 
ATOM   752  C CD1 . PHE A 1 101 ? -4.944  18.691  -1.531  1.00 32.68 ? 101 PHE A CD1 1 
ATOM   753  C CD2 . PHE A 1 101 ? -4.172  16.466  -1.853  1.00 33.81 ? 101 PHE A CD2 1 
ATOM   754  C CE1 . PHE A 1 101 ? -5.140  18.438  -0.185  1.00 33.56 ? 101 PHE A CE1 1 
ATOM   755  C CE2 . PHE A 1 101 ? -4.354  16.206  -0.505  1.00 33.61 ? 101 PHE A CE2 1 
ATOM   756  C CZ  . PHE A 1 101 ? -4.845  17.191  0.327   1.00 33.27 ? 101 PHE A CZ  1 
ATOM   757  N N   . SER A 1 102 ? -2.084  17.893  -6.121  1.00 32.03 ? 102 SER A N   1 
ATOM   758  C CA  . SER A 1 102 ? -1.716  17.716  -7.524  1.00 31.84 ? 102 SER A CA  1 
ATOM   759  C C   . SER A 1 102 ? -2.903  17.128  -8.266  1.00 32.28 ? 102 SER A C   1 
ATOM   760  O O   . SER A 1 102 ? -3.892  16.739  -7.645  1.00 31.83 ? 102 SER A O   1 
ATOM   761  C CB  . SER A 1 102 ? -0.553  16.702  -7.625  1.00 32.00 ? 102 SER A CB  1 
ATOM   762  O OG  . SER A 1 102 ? -0.989  15.350  -7.375  1.00 29.51 ? 102 SER A OG  1 
ATOM   763  N N   . GLN A 1 103 ? -2.791  17.009  -9.583  1.00 32.71 ? 103 GLN A N   1 
ATOM   764  C CA  . GLN A 1 103 ? -3.741  16.158  -10.313 1.00 33.61 ? 103 GLN A CA  1 
ATOM   765  C C   . GLN A 1 103 ? -3.589  14.700  -9.873  1.00 33.25 ? 103 GLN A C   1 
ATOM   766  O O   . GLN A 1 103 ? -2.565  14.298  -9.331  1.00 33.78 ? 103 GLN A O   1 
ATOM   767  C CB  . GLN A 1 103 ? -3.552  16.244  -11.849 1.00 34.19 ? 103 GLN A CB  1 
ATOM   768  C CG  . GLN A 1 103 ? -4.366  17.363  -12.554 1.00 35.63 ? 103 GLN A CG  1 
ATOM   769  C CD  . GLN A 1 103 ? -4.681  17.010  -14.007 1.00 38.75 ? 103 GLN A CD  1 
ATOM   770  O OE1 . GLN A 1 103 ? -3.907  16.308  -14.664 1.00 41.55 ? 103 GLN A OE1 1 
ATOM   771  N NE2 . GLN A 1 103 ? -5.822  17.478  -14.503 1.00 39.48 ? 103 GLN A NE2 1 
ATOM   772  N N   . THR A 1 104 ? -4.624  13.918  -10.128 1.00 33.01 ? 104 THR A N   1 
ATOM   773  C CA  . THR A 1 104 ? -4.618  12.497  -9.879  1.00 32.93 ? 104 THR A CA  1 
ATOM   774  C C   . THR A 1 104 ? -3.869  11.741  -10.998 1.00 32.90 ? 104 THR A C   1 
ATOM   775  O O   . THR A 1 104 ? -4.036  12.030  -12.176 1.00 32.57 ? 104 THR A O   1 
ATOM   776  C CB  . THR A 1 104 ? -6.068  12.004  -9.723  1.00 32.58 ? 104 THR A CB  1 
ATOM   777  O OG1 . THR A 1 104 ? -6.077  10.656  -9.273  1.00 35.32 ? 104 THR A OG1 1 
ATOM   778  C CG2 . THR A 1 104 ? -6.771  11.881  -11.074 1.00 34.90 ? 104 THR A CG2 1 
ATOM   779  N N   . SER A 1 105 ? -3.032  10.786  -10.582 1.00 33.75 ? 105 SER A N   1 
ATOM   780  C CA  . SER A 1 105 ? -2.258  9.860   -11.436 1.00 33.76 ? 105 SER A CA  1 
ATOM   781  C C   . SER A 1 105 ? -2.573  8.375   -11.125 1.00 33.06 ? 105 SER A C   1 
ATOM   782  O O   . SER A 1 105 ? -2.550  7.983   -9.952  1.00 31.89 ? 105 SER A O   1 
ATOM   783  C CB  . SER A 1 105 ? -0.767  10.036  -11.130 1.00 34.20 ? 105 SER A CB  1 
ATOM   784  O OG  . SER A 1 105 ? -0.212  11.151  -11.778 1.00 35.93 ? 105 SER A OG  1 
ATOM   785  N N   . ILE A 1 106 ? -2.789  7.568   -12.173 1.00 32.89 ? 106 ILE A N   1 
ATOM   786  C CA  . ILE A 1 106 ? -2.965  6.111   -12.073 1.00 33.11 ? 106 ILE A CA  1 
ATOM   787  C C   . ILE A 1 106 ? -1.617  5.469   -11.843 1.00 32.81 ? 106 ILE A C   1 
ATOM   788  O O   . ILE A 1 106 ? -0.652  5.828   -12.474 1.00 33.68 ? 106 ILE A O   1 
ATOM   789  C CB  . ILE A 1 106 ? -3.604  5.491   -13.357 1.00 33.74 ? 106 ILE A CB  1 
ATOM   790  C CG1 . ILE A 1 106 ? -4.958  6.096   -13.666 1.00 34.31 ? 106 ILE A CG1 1 
ATOM   791  C CG2 . ILE A 1 106 ? -3.852  3.989   -13.188 1.00 35.19 ? 106 ILE A CG2 1 
ATOM   792  C CD1 . ILE A 1 106 ? -5.274  6.074   -15.112 1.00 35.84 ? 106 ILE A CD1 1 
ATOM   793  N N   . GLY A 1 107 ? -1.553  4.534   -10.906 1.00 32.96 ? 107 GLY A N   1 
ATOM   794  C CA  . GLY A 1 107 ? -0.320  3.835   -10.540 1.00 32.13 ? 107 GLY A CA  1 
ATOM   795  C C   . GLY A 1 107 ? -0.515  2.324   -10.700 1.00 31.18 ? 107 GLY A C   1 
ATOM   796  O O   . GLY A 1 107 ? -1.635  1.840   -10.668 1.00 30.88 ? 107 GLY A O   1 
ATOM   797  N N   . LEU A 1 108 ? 0.572   1.599   -10.925 1.00 30.22 ? 108 LEU A N   1 
ATOM   798  C CA  . LEU A 1 108 ? 0.526   0.156   -11.056 1.00 29.87 ? 108 LEU A CA  1 
ATOM   799  C C   . LEU A 1 108 ? 1.638   -0.454  -10.202 1.00 29.61 ? 108 LEU A C   1 
ATOM   800  O O   . LEU A 1 108 ? 2.789   -0.091  -10.348 1.00 29.40 ? 108 LEU A O   1 
ATOM   801  C CB  . LEU A 1 108 ? 0.657   -0.216  -12.529 1.00 29.46 ? 108 LEU A CB  1 
ATOM   802  C CG  . LEU A 1 108 ? 0.815   -1.698  -12.826 1.00 30.92 ? 108 LEU A CG  1 
ATOM   803  C CD1 . LEU A 1 108 ? -0.440  -2.509  -12.395 1.00 32.12 ? 108 LEU A CD1 1 
ATOM   804  C CD2 . LEU A 1 108 ? 1.139   -1.917  -14.304 1.00 31.37 ? 108 LEU A CD2 1 
ATOM   805  N N   . GLY A 1 109 ? 1.295   -1.376  -9.315  1.00 29.75 ? 109 GLY A N   1 
ATOM   806  C CA  . GLY A 1 109 ? 2.270   -1.986  -8.425  1.00 30.25 ? 109 GLY A CA  1 
ATOM   807  C C   . GLY A 1 109 ? 2.168   -3.512  -8.284  1.00 30.83 ? 109 GLY A C   1 
ATOM   808  O O   . GLY A 1 109 ? 1.176   -4.129  -8.689  1.00 30.00 ? 109 GLY A O   1 
ATOM   809  N N   . VAL A 1 110 ? 3.225   -4.092  -7.707  1.00 31.24 ? 110 VAL A N   1 
ATOM   810  C CA  . VAL A 1 110 ? 3.316   -5.505  -7.364  1.00 32.24 ? 110 VAL A CA  1 
ATOM   811  C C   . VAL A 1 110 ? 3.394   -5.595  -5.822  1.00 32.68 ? 110 VAL A C   1 
ATOM   812  O O   . VAL A 1 110 ? 3.887   -4.705  -5.179  1.00 31.37 ? 110 VAL A O   1 
ATOM   813  C CB  . VAL A 1 110 ? 4.514   -6.191  -8.135  1.00 32.52 ? 110 VAL A CB  1 
ATOM   814  C CG1 . VAL A 1 110 ? 5.870   -5.597  -7.743  1.00 34.89 ? 110 VAL A CG1 1 
ATOM   815  C CG2 . VAL A 1 110 ? 4.549   -7.689  -7.933  1.00 33.25 ? 110 VAL A CG2 1 
ATOM   816  N N   . LEU A 1 111 ? 2.826   -6.638  -5.224  1.00 33.76 ? 111 LEU A N   1 
ATOM   817  C CA  . LEU A 1 111 ? 2.921   -6.850  -3.760  1.00 34.37 ? 111 LEU A CA  1 
ATOM   818  C C   . LEU A 1 111 ? 3.356   -8.263  -3.520  1.00 33.82 ? 111 LEU A C   1 
ATOM   819  O O   . LEU A 1 111 ? 3.015   -9.175  -4.301  1.00 32.95 ? 111 LEU A O   1 
ATOM   820  C CB  . LEU A 1 111 ? 1.568   -6.703  -3.046  1.00 35.60 ? 111 LEU A CB  1 
ATOM   821  C CG  . LEU A 1 111 ? 0.478   -5.912  -3.748  1.00 39.41 ? 111 LEU A CG  1 
ATOM   822  C CD1 . LEU A 1 111 ? -0.879  -6.257  -3.263  1.00 41.30 ? 111 LEU A CD1 1 
ATOM   823  C CD2 . LEU A 1 111 ? 0.793   -4.481  -3.445  1.00 43.77 ? 111 LEU A CD2 1 
ATOM   824  N N   . THR A 1 112 ? 4.089   -8.470  -2.440  1.00 33.22 ? 112 THR A N   1 
ATOM   825  C CA  . THR A 1 112 ? 4.442   -9.828  -2.063  1.00 33.77 ? 112 THR A CA  1 
ATOM   826  C C   . THR A 1 112 ? 4.701   -9.882  -0.584  1.00 34.41 ? 112 THR A C   1 
ATOM   827  O O   . THR A 1 112 ? 4.858   -8.882  0.038   1.00 34.17 ? 112 THR A O   1 
ATOM   828  C CB  . THR A 1 112 ? 5.663   -10.347 -2.861  1.00 34.20 ? 112 THR A CB  1 
ATOM   829  O OG1 . THR A 1 112 ? 5.881   -11.736 -2.544  1.00 33.50 ? 112 THR A OG1 1 
ATOM   830  C CG2 . THR A 1 112 ? 6.983   -9.616  -2.455  1.00 33.35 ? 112 THR A CG2 1 
ATOM   831  N N   . GLY A 1 113 ? 4.728   -11.065 0.005   1.00 34.57 ? 113 GLY A N   1 
ATOM   832  C CA  . GLY A 1 113 ? 4.937   -11.098 1.434   1.00 33.91 ? 113 GLY A CA  1 
ATOM   833  C C   . GLY A 1 113 ? 4.544   -12.418 2.009   1.00 33.02 ? 113 GLY A C   1 
ATOM   834  O O   . GLY A 1 113 ? 4.462   -13.388 1.302   1.00 31.22 ? 113 GLY A O   1 
ATOM   835  N N   . VAL A 1 114 ? 4.269   -12.392 3.303   1.00 33.03 ? 114 VAL A N   1 
ATOM   836  C CA  . VAL A 1 114 ? 3.989   -13.572 4.099   1.00 33.67 ? 114 VAL A CA  1 
ATOM   837  C C   . VAL A 1 114 ? 2.991   -13.207 5.183   1.00 32.65 ? 114 VAL A C   1 
ATOM   838  O O   . VAL A 1 114 ? 3.151   -12.188 5.846   1.00 32.72 ? 114 VAL A O   1 
ATOM   839  C CB  . VAL A 1 114 ? 5.276   -14.099 4.776   1.00 33.84 ? 114 VAL A CB  1 
ATOM   840  C CG1 . VAL A 1 114 ? 4.976   -15.333 5.531   1.00 36.11 ? 114 VAL A CG1 1 
ATOM   841  C CG2 . VAL A 1 114 ? 6.284   -14.465 3.728   1.00 35.70 ? 114 VAL A CG2 1 
ATOM   842  N N   . SER A 1 115 ? 1.960   -14.026 5.328   1.00 31.59 ? 115 SER A N   1 
ATOM   843  C CA  . SER A 1 115 ? 1.028   -13.950 6.440   1.00 31.64 ? 115 SER A CA  1 
ATOM   844  C C   . SER A 1 115 ? 1.263   -15.121 7.401   1.00 31.61 ? 115 SER A C   1 
ATOM   845  O O   . SER A 1 115 ? 1.718   -16.225 7.002   1.00 31.85 ? 115 SER A O   1 
ATOM   846  C CB  . SER A 1 115 ? -0.404  -14.048 5.966   1.00 31.68 ? 115 SER A CB  1 
ATOM   847  O OG  . SER A 1 115 ? -0.759  -13.004 5.075   1.00 35.07 ? 115 SER A OG  1 
ATOM   848  N N   . TYR A 1 116 ? 0.936   -14.878 8.665   1.00 30.17 ? 116 TYR A N   1 
ATOM   849  C CA  . TYR A 1 116 ? 0.945   -15.898 9.667   1.00 28.86 ? 116 TYR A CA  1 
ATOM   850  C C   . TYR A 1 116 ? -0.413  -15.921 10.336  1.00 27.49 ? 116 TYR A C   1 
ATOM   851  O O   . TYR A 1 116 ? -0.870  -14.916 10.793  1.00 26.79 ? 116 TYR A O   1 
ATOM   852  C CB  . TYR A 1 116 ? 2.043   -15.602 10.690  1.00 29.19 ? 116 TYR A CB  1 
ATOM   853  C CG  . TYR A 1 116 ? 2.220   -16.745 11.630  1.00 31.04 ? 116 TYR A CG  1 
ATOM   854  C CD1 . TYR A 1 116 ? 1.410   -16.872 12.760  1.00 31.32 ? 116 TYR A CD1 1 
ATOM   855  C CD2 . TYR A 1 116 ? 3.128   -17.760 11.350  1.00 33.63 ? 116 TYR A CD2 1 
ATOM   856  C CE1 . TYR A 1 116 ? 1.540   -17.948 13.607  1.00 32.33 ? 116 TYR A CE1 1 
ATOM   857  C CE2 . TYR A 1 116 ? 3.262   -18.852 12.199  1.00 33.07 ? 116 TYR A CE2 1 
ATOM   858  C CZ  . TYR A 1 116 ? 2.472   -18.934 13.328  1.00 32.02 ? 116 TYR A CZ  1 
ATOM   859  O OH  . TYR A 1 116 ? 2.589   -20.025 14.163  1.00 33.25 ? 116 TYR A OH  1 
ATOM   860  N N   . ALA A 1 117 ? -1.050  -17.083 10.425  1.00 26.88 ? 117 ALA A N   1 
ATOM   861  C CA  . ALA A 1 117 ? -2.346  -17.184 11.082  1.00 25.94 ? 117 ALA A CA  1 
ATOM   862  C C   . ALA A 1 117 ? -2.109  -17.349 12.570  1.00 26.23 ? 117 ALA A C   1 
ATOM   863  O O   . ALA A 1 117 ? -1.585  -18.379 13.012  1.00 26.77 ? 117 ALA A O   1 
ATOM   864  C CB  . ALA A 1 117 ? -3.119  -18.345 10.548  1.00 24.96 ? 117 ALA A CB  1 
ATOM   865  N N   . VAL A 1 118 ? -2.470  -16.326 13.339  1.00 25.68 ? 118 VAL A N   1 
ATOM   866  C CA  . VAL A 1 118 ? -2.437  -16.393 14.794  1.00 24.80 ? 118 VAL A CA  1 
ATOM   867  C C   . VAL A 1 118 ? -3.589  -17.280 15.289  1.00 24.04 ? 118 VAL A C   1 
ATOM   868  O O   . VAL A 1 118 ? -3.404  -18.100 16.182  1.00 23.62 ? 118 VAL A O   1 
ATOM   869  C CB  . VAL A 1 118 ? -2.537  -14.983 15.395  1.00 24.96 ? 118 VAL A CB  1 
ATOM   870  C CG1 . VAL A 1 118 ? -2.538  -15.026 16.940  1.00 25.38 ? 118 VAL A CG1 1 
ATOM   871  C CG2 . VAL A 1 118 ? -1.378  -14.095 14.880  1.00 26.74 ? 118 VAL A CG2 1 
ATOM   872  N N   . THR A 1 119 ? -4.780  -17.047 14.748  1.00 23.50 ? 119 THR A N   1 
ATOM   873  C CA  . THR A 1 119 ? -5.982  -17.856 14.990  1.00 23.54 ? 119 THR A CA  1 
ATOM   874  C C   . THR A 1 119 ? -6.707  -17.942 13.637  1.00 23.71 ? 119 THR A C   1 
ATOM   875  O O   . THR A 1 119 ? -6.274  -17.315 12.676  1.00 23.31 ? 119 THR A O   1 
ATOM   876  C CB  . THR A 1 119 ? -6.923  -17.215 16.064  1.00 23.42 ? 119 THR A CB  1 
ATOM   877  O OG1 . THR A 1 119 ? -7.526  -16.026 15.539  1.00 22.32 ? 119 THR A OG1 1 
ATOM   878  C CG2 . THR A 1 119 ? -6.162  -16.729 17.300  1.00 23.29 ? 119 THR A CG2 1 
ATOM   879  N N   . PRO A 1 120 ? -7.771  -18.729 13.520  1.00 24.14 ? 120 PRO A N   1 
ATOM   880  C CA  . PRO A 1 120 ? -8.520  -18.757 12.251  1.00 24.61 ? 120 PRO A CA  1 
ATOM   881  C C   . PRO A 1 120 ? -9.084  -17.384 11.799  1.00 25.78 ? 120 PRO A C   1 
ATOM   882  O O   . PRO A 1 120 ? -9.374  -17.246 10.620  1.00 26.85 ? 120 PRO A O   1 
ATOM   883  C CB  . PRO A 1 120 ? -9.634  -19.780 12.520  1.00 23.98 ? 120 PRO A CB  1 
ATOM   884  C CG  . PRO A 1 120 ? -9.184  -20.578 13.675  1.00 22.84 ? 120 PRO A CG  1 
ATOM   885  C CD  . PRO A 1 120 ? -8.311  -19.694 14.502  1.00 23.84 ? 120 PRO A CD  1 
ATOM   886  N N   . ASN A 1 121 ? -9.216  -16.389 12.683  1.00 26.96 ? 121 ASN A N   1 
ATOM   887  C CA  . ASN A 1 121 ? -9.686  -15.062 12.272  1.00 27.11 ? 121 ASN A CA  1 
ATOM   888  C C   . ASN A 1 121 ? -8.649  -13.948 12.280  1.00 27.78 ? 121 ASN A C   1 
ATOM   889  O O   . ASN A 1 121 ? -8.955  -12.838 11.852  1.00 28.05 ? 121 ASN A O   1 
ATOM   890  C CB  . ASN A 1 121 ? -10.867 -14.609 13.132  1.00 27.07 ? 121 ASN A CB  1 
ATOM   891  C CG  . ASN A 1 121 ? -12.072 -15.535 13.014  1.00 26.42 ? 121 ASN A CG  1 
ATOM   892  O OD1 . ASN A 1 121 ? -12.345 -16.281 13.909  1.00 28.34 ? 121 ASN A OD1 1 
ATOM   893  N ND2 . ASN A 1 121 ? -12.781 -15.474 11.916  1.00 25.83 ? 121 ASN A ND2 1 
ATOM   894  N N   . VAL A 1 122 ? -7.431  -14.199 12.753  1.00 27.91 ? 122 VAL A N   1 
ATOM   895  C CA  . VAL A 1 122 ? -6.467  -13.110 12.855  1.00 28.29 ? 122 VAL A CA  1 
ATOM   896  C C   . VAL A 1 122 ? -5.174  -13.518 12.227  1.00 29.00 ? 122 VAL A C   1 
ATOM   897  O O   . VAL A 1 122 ? -4.640  -14.529 12.584  1.00 29.02 ? 122 VAL A O   1 
ATOM   898  C CB  . VAL A 1 122 ? -6.234  -12.703 14.319  1.00 28.09 ? 122 VAL A CB  1 
ATOM   899  C CG1 . VAL A 1 122 ? -5.234  -11.579 14.422  1.00 28.92 ? 122 VAL A CG1 1 
ATOM   900  C CG2 . VAL A 1 122 ? -7.543  -12.325 14.971  1.00 27.97 ? 122 VAL A CG2 1 
ATOM   901  N N   . ASP A 1 123 ? -4.691  -12.728 11.277  1.00 30.42 ? 123 ASP A N   1 
ATOM   902  C CA  . ASP A 1 123 ? -3.401  -12.921 10.639  1.00 31.71 ? 123 ASP A CA  1 
ATOM   903  C C   . ASP A 1 123 ? -2.432  -11.726 10.956  1.00 32.09 ? 123 ASP A C   1 
ATOM   904  O O   . ASP A 1 123 ? -2.838  -10.578 11.105  1.00 32.07 ? 123 ASP A O   1 
ATOM   905  C CB  . ASP A 1 123 ? -3.568  -12.970 9.114   1.00 32.25 ? 123 ASP A CB  1 
ATOM   906  C CG  . ASP A 1 123 ? -4.272  -14.223 8.579   1.00 36.05 ? 123 ASP A CG  1 
ATOM   907  O OD1 . ASP A 1 123 ? -4.122  -15.374 9.075   1.00 40.99 ? 123 ASP A OD1 1 
ATOM   908  O OD2 . ASP A 1 123 ? -5.007  -14.144 7.568   1.00 42.10 ? 123 ASP A OD2 1 
ATOM   909  N N   . LEU A 1 124 ? -1.146  -12.013 11.027  1.00 32.60 ? 124 LEU A N   1 
ATOM   910  C CA  . LEU A 1 124 ? -0.096  -11.023 10.915  1.00 32.65 ? 124 LEU A CA  1 
ATOM   911  C C   . LEU A 1 124 ? 0.396   -11.094 9.484   1.00 33.85 ? 124 LEU A C   1 
ATOM   912  O O   . LEU A 1 124 ? 0.314   -12.140 8.855   1.00 34.00 ? 124 LEU A O   1 
ATOM   913  C CB  . LEU A 1 124 ? 1.054   -11.403 11.818  1.00 32.42 ? 124 LEU A CB  1 
ATOM   914  C CG  . LEU A 1 124 ? 0.678   -11.518 13.265  1.00 32.97 ? 124 LEU A CG  1 
ATOM   915  C CD1 . LEU A 1 124 ? 1.793   -12.201 13.991  1.00 34.70 ? 124 LEU A CD1 1 
ATOM   916  C CD2 . LEU A 1 124 ? 0.376   -10.153 13.857  1.00 33.52 ? 124 LEU A CD2 1 
ATOM   917  N N   . ASP A 1 125 ? 0.970   -10.000 8.997   1.00 34.96 ? 125 ASP A N   1 
ATOM   918  C CA  . ASP A 1 125 ? 1.362   -9.846  7.583   1.00 35.62 ? 125 ASP A CA  1 
ATOM   919  C C   . ASP A 1 125 ? 2.653   -9.005  7.456   1.00 35.05 ? 125 ASP A C   1 
ATOM   920  O O   . ASP A 1 125 ? 2.719   -7.904  7.957   1.00 34.67 ? 125 ASP A O   1 
ATOM   921  C CB  . ASP A 1 125 ? 0.223   -9.140  6.869   1.00 36.38 ? 125 ASP A CB  1 
ATOM   922  C CG  . ASP A 1 125 ? 0.411   -9.043  5.367   1.00 39.28 ? 125 ASP A CG  1 
ATOM   923  O OD1 . ASP A 1 125 ? -0.613  -9.117  4.664   1.00 42.90 ? 125 ASP A OD1 1 
ATOM   924  O OD2 . ASP A 1 125 ? 1.512   -8.825  4.788   1.00 45.13 ? 125 ASP A OD2 1 
ATOM   925  N N   . ALA A 1 126 ? 3.677   -9.541  6.810   1.00 34.44 ? 126 ALA A N   1 
ATOM   926  C CA  . ALA A 1 126 ? 4.912   -8.812  6.581   1.00 33.83 ? 126 ALA A CA  1 
ATOM   927  C C   . ALA A 1 126 ? 4.992   -8.666  5.086   1.00 33.90 ? 126 ALA A C   1 
ATOM   928  O O   . ALA A 1 126 ? 5.021   -9.678  4.384   1.00 33.86 ? 126 ALA A O   1 
ATOM   929  C CB  . ALA A 1 126 ? 6.094   -9.608  7.102   1.00 33.29 ? 126 ALA A CB  1 
ATOM   930  N N   . GLY A 1 127 ? 5.017   -7.434  4.573   1.00 34.09 ? 127 GLY A N   1 
ATOM   931  C CA  . GLY A 1 127 ? 5.002   -7.242  3.122   1.00 33.63 ? 127 GLY A CA  1 
ATOM   932  C C   . GLY A 1 127 ? 6.011   -6.290  2.498   1.00 33.85 ? 127 GLY A C   1 
ATOM   933  O O   . GLY A 1 127 ? 6.619   -5.432  3.162   1.00 33.48 ? 127 GLY A O   1 
ATOM   934  N N   . TYR A 1 128 ? 6.186   -6.472  1.194   1.00 33.53 ? 128 TYR A N   1 
ATOM   935  C CA  . TYR A 1 128 ? 6.806   -5.508  0.311   1.00 34.49 ? 128 TYR A CA  1 
ATOM   936  C C   . TYR A 1 128 ? 5.821   -5.055  -0.798  1.00 34.36 ? 128 TYR A C   1 
ATOM   937  O O   . TYR A 1 128 ? 5.222   -5.860  -1.439  1.00 34.57 ? 128 TYR A O   1 
ATOM   938  C CB  . TYR A 1 128 ? 8.063   -6.140  -0.298  1.00 34.89 ? 128 TYR A CB  1 
ATOM   939  C CG  . TYR A 1 128 ? 8.732   -5.273  -1.343  1.00 37.53 ? 128 TYR A CG  1 
ATOM   940  C CD1 . TYR A 1 128 ? 9.468   -4.126  -0.975  1.00 39.43 ? 128 TYR A CD1 1 
ATOM   941  C CD2 . TYR A 1 128 ? 8.622   -5.569  -2.697  1.00 39.54 ? 128 TYR A CD2 1 
ATOM   942  C CE1 . TYR A 1 128 ? 10.080  -3.306  -1.934  1.00 38.79 ? 128 TYR A CE1 1 
ATOM   943  C CE2 . TYR A 1 128 ? 9.247   -4.761  -3.665  1.00 40.29 ? 128 TYR A CE2 1 
ATOM   944  C CZ  . TYR A 1 128 ? 9.968   -3.632  -3.272  1.00 41.68 ? 128 TYR A CZ  1 
ATOM   945  O OH  . TYR A 1 128 ? 10.581  -2.835  -4.236  1.00 46.27 ? 128 TYR A OH  1 
ATOM   946  N N   . ARG A 1 129 ? 5.638   -3.756  -0.998  1.00 35.30 ? 129 ARG A N   1 
ATOM   947  C CA  . ARG A 1 129 ? 4.972   -3.232  -2.194  1.00 35.31 ? 129 ARG A CA  1 
ATOM   948  C C   . ARG A 1 129 ? 5.924   -2.358  -2.966  1.00 34.69 ? 129 ARG A C   1 
ATOM   949  O O   . ARG A 1 129 ? 6.663   -1.559  -2.395  1.00 34.49 ? 129 ARG A O   1 
ATOM   950  C CB  . ARG A 1 129 ? 3.794   -2.332  -1.860  1.00 35.95 ? 129 ARG A CB  1 
ATOM   951  C CG  . ARG A 1 129 ? 2.666   -2.981  -1.175  1.00 39.76 ? 129 ARG A CG  1 
ATOM   952  C CD  . ARG A 1 129 ? 1.341   -2.235  -1.363  1.00 45.10 ? 129 ARG A CD  1 
ATOM   953  N NE  . ARG A 1 129 ? 1.375   -0.820  -0.942  1.00 47.69 ? 129 ARG A NE  1 
ATOM   954  C CZ  . ARG A 1 129 ? 0.296   -0.103  -0.622  1.00 46.85 ? 129 ARG A CZ  1 
ATOM   955  N NH1 . ARG A 1 129 ? -0.919  -0.636  -0.630  1.00 45.07 ? 129 ARG A NH1 1 
ATOM   956  N NH2 . ARG A 1 129 ? 0.445   1.162   -0.255  1.00 50.44 ? 129 ARG A NH2 1 
ATOM   957  N N   . TYR A 1 130 ? 5.847   -2.474  -4.275  1.00 34.29 ? 130 TYR A N   1 
ATOM   958  C CA  . TYR A 1 130 ? 6.478   -1.568  -5.189  1.00 34.57 ? 130 TYR A CA  1 
ATOM   959  C C   . TYR A 1 130 ? 5.397   -0.993  -6.091  1.00 34.85 ? 130 TYR A C   1 
ATOM   960  O O   . TYR A 1 130 ? 4.662   -1.756  -6.716  1.00 35.02 ? 130 TYR A O   1 
ATOM   961  C CB  . TYR A 1 130 ? 7.505   -2.311  -6.024  1.00 34.09 ? 130 TYR A CB  1 
ATOM   962  C CG  . TYR A 1 130 ? 8.202   -1.431  -7.011  1.00 36.46 ? 130 TYR A CG  1 
ATOM   963  C CD1 . TYR A 1 130 ? 9.308   -0.659  -6.633  1.00 38.27 ? 130 TYR A CD1 1 
ATOM   964  C CD2 . TYR A 1 130 ? 7.766   -1.349  -8.336  1.00 39.00 ? 130 TYR A CD2 1 
ATOM   965  C CE1 . TYR A 1 130 ? 9.966   0.165   -7.550  1.00 38.22 ? 130 TYR A CE1 1 
ATOM   966  C CE2 . TYR A 1 130 ? 8.416   -0.541  -9.262  1.00 38.58 ? 130 TYR A CE2 1 
ATOM   967  C CZ  . TYR A 1 130 ? 9.516   0.213   -8.863  1.00 40.27 ? 130 TYR A CZ  1 
ATOM   968  O OH  . TYR A 1 130 ? 10.163  1.019   -9.782  1.00 43.25 ? 130 TYR A OH  1 
ATOM   969  N N   . ASN A 1 131 ? 5.344   0.342   -6.188  1.00 35.42 ? 131 ASN A N   1 
ATOM   970  C CA  . ASN A 1 131 ? 4.377   1.075   -7.026  1.00 35.40 ? 131 ASN A CA  1 
ATOM   971  C C   . ASN A 1 131 ? 5.004   2.023   -8.030  1.00 35.83 ? 131 ASN A C   1 
ATOM   972  O O   . ASN A 1 131 ? 5.810   2.849   -7.676  1.00 35.59 ? 131 ASN A O   1 
ATOM   973  C CB  . ASN A 1 131 ? 3.473   1.877   -6.131  1.00 35.56 ? 131 ASN A CB  1 
ATOM   974  C CG  . ASN A 1 131 ? 2.521   1.016   -5.375  1.00 36.08 ? 131 ASN A CG  1 
ATOM   975  O OD1 . ASN A 1 131 ? 1.638   0.353   -5.962  1.00 39.26 ? 131 ASN A OD1 1 
ATOM   976  N ND2 . ASN A 1 131 ? 2.668   1.008   -4.078  1.00 34.99 ? 131 ASN A ND2 1 
ATOM   977  N N   . TYR A 1 132 ? 4.657   1.870   -9.297  1.00 37.47 ? 132 TYR A N   1 
ATOM   978  C CA  . TYR A 1 132 ? 4.961   2.870   -10.304 1.00 38.95 ? 132 TYR A CA  1 
ATOM   979  C C   . TYR A 1 132 ? 3.841   3.910   -10.396 1.00 39.60 ? 132 TYR A C   1 
ATOM   980  O O   . TYR A 1 132 ? 2.797   3.658   -10.979 1.00 40.14 ? 132 TYR A O   1 
ATOM   981  C CB  . TYR A 1 132 ? 5.171   2.251   -11.664 1.00 39.22 ? 132 TYR A CB  1 
ATOM   982  C CG  . TYR A 1 132 ? 5.580   3.320   -12.628 1.00 41.68 ? 132 TYR A CG  1 
ATOM   983  C CD1 . TYR A 1 132 ? 6.913   3.706   -12.718 1.00 43.20 ? 132 TYR A CD1 1 
ATOM   984  C CD2 . TYR A 1 132 ? 4.629   4.021   -13.391 1.00 44.63 ? 132 TYR A CD2 1 
ATOM   985  C CE1 . TYR A 1 132 ? 7.307   4.725   -13.568 1.00 44.79 ? 132 TYR A CE1 1 
ATOM   986  C CE2 . TYR A 1 132 ? 5.019   5.047   -14.249 1.00 44.95 ? 132 TYR A CE2 1 
ATOM   987  C CZ  . TYR A 1 132 ? 6.368   5.388   -14.323 1.00 45.39 ? 132 TYR A CZ  1 
ATOM   988  O OH  . TYR A 1 132 ? 6.810   6.383   -15.150 1.00 48.80 ? 132 TYR A OH  1 
ATOM   989  N N   . ILE A 1 133 ? 4.086   5.079   -9.812  1.00 40.72 ? 133 ILE A N   1 
ATOM   990  C CA  . ILE A 1 133 ? 3.119   6.182   -9.734  1.00 40.87 ? 133 ILE A CA  1 
ATOM   991  C C   . ILE A 1 133 ? 3.243   7.167   -10.898 1.00 40.84 ? 133 ILE A C   1 
ATOM   992  O O   . ILE A 1 133 ? 2.327   7.936   -11.156 1.00 40.73 ? 133 ILE A O   1 
ATOM   993  C CB  . ILE A 1 133 ? 3.300   6.896   -8.388  1.00 41.21 ? 133 ILE A CB  1 
ATOM   994  C CG1 . ILE A 1 133 ? 3.054   5.906   -7.232  1.00 41.53 ? 133 ILE A CG1 1 
ATOM   995  C CG2 . ILE A 1 133 ? 2.387   8.142   -8.272  1.00 42.25 ? 133 ILE A CG2 1 
ATOM   996  C CD1 . ILE A 1 133 ? 3.345   6.488   -5.818  1.00 41.72 ? 133 ILE A CD1 1 
ATOM   997  N N   . GLY A 1 134 ? 4.354   7.114   -11.625 1.00 41.15 ? 134 GLY A N   1 
ATOM   998  C CA  . GLY A 1 134 ? 4.541   7.935   -12.807 1.00 41.32 ? 134 GLY A CA  1 
ATOM   999  C C   . GLY A 1 134 ? 4.758   9.437   -12.601 1.00 41.73 ? 134 GLY A C   1 
ATOM   1000 O O   . GLY A 1 134 ? 5.618   9.860   -11.814 1.00 41.94 ? 134 GLY A O   1 
ATOM   1001 N N   . LYS A 1 135 ? 3.985   10.248  -13.334 1.00 42.09 ? 135 LYS A N   1 
ATOM   1002 C CA  . LYS A 1 135 ? 4.196   11.694  -13.421 1.00 42.07 ? 135 LYS A CA  1 
ATOM   1003 C C   . LYS A 1 135 ? 3.154   12.479  -12.623 1.00 41.96 ? 135 LYS A C   1 
ATOM   1004 O O   . LYS A 1 135 ? 1.977   12.458  -12.933 1.00 41.93 ? 135 LYS A O   1 
ATOM   1005 C CB  . LYS A 1 135 ? 4.198   12.130  -14.873 1.00 42.15 ? 135 LYS A CB  1 
ATOM   1006 C CG  . LYS A 1 135 ? 5.503   11.775  -15.635 1.00 43.45 ? 135 LYS A CG  1 
ATOM   1007 C CD  . LYS A 1 135 ? 5.950   10.300  -15.495 1.00 43.54 ? 135 LYS A CD  1 
ATOM   1008 C CE  . LYS A 1 135 ? 7.097   9.938   -16.439 1.00 44.80 ? 135 LYS A CE  1 
ATOM   1009 N NZ  . LYS A 1 135 ? 6.791   10.119  -17.955 1.00 46.90 ? 135 LYS A NZ  1 
ATOM   1010 N N   . VAL A 1 136 ? 3.614   13.162  -11.581 1.00 42.23 ? 136 VAL A N   1 
ATOM   1011 C CA  . VAL A 1 136 ? 2.750   13.924  -10.671 1.00 42.04 ? 136 VAL A CA  1 
ATOM   1012 C C   . VAL A 1 136 ? 3.006   15.434  -10.836 1.00 42.13 ? 136 VAL A C   1 
ATOM   1013 O O   . VAL A 1 136 ? 3.995   15.963  -10.311 1.00 41.91 ? 136 VAL A O   1 
ATOM   1014 C CB  . VAL A 1 136 ? 2.997   13.497  -9.189  1.00 41.59 ? 136 VAL A CB  1 
ATOM   1015 C CG1 . VAL A 1 136 ? 2.082   14.263  -8.259  1.00 41.24 ? 136 VAL A CG1 1 
ATOM   1016 C CG2 . VAL A 1 136 ? 2.837   11.966  -9.012  1.00 40.69 ? 136 VAL A CG2 1 
ATOM   1017 N N   . ASN A 1 137 ? 2.123   16.108  -11.578 1.00 42.44 ? 137 ASN A N   1 
ATOM   1018 C CA  . ASN A 1 137 ? 2.231   17.553  -11.827 1.00 42.59 ? 137 ASN A CA  1 
ATOM   1019 C C   . ASN A 1 137 ? 3.708   18.062  -11.913 1.00 42.66 ? 137 ASN A C   1 
ATOM   1020 O O   . ASN A 1 137 ? 4.229   18.685  -10.969 1.00 43.00 ? 137 ASN A O   1 
ATOM   1021 C CB  . ASN A 1 137 ? 1.393   18.309  -10.769 1.00 42.49 ? 137 ASN A CB  1 
ATOM   1022 C CG  . ASN A 1 137 ? 1.878   19.747  -10.524 1.00 43.05 ? 137 ASN A CG  1 
ATOM   1023 O OD1 . ASN A 1 137 ? 1.551   20.673  -11.273 1.00 43.85 ? 137 ASN A OD1 1 
ATOM   1024 N ND2 . ASN A 1 137 ? 2.658   19.929  -9.466  1.00 42.99 ? 137 ASN A ND2 1 
ATOM   1025 N N   . THR A 1 138 ? 4.365   17.760  -13.042 1.00 42.24 ? 138 THR A N   1 
ATOM   1026 C CA  . THR A 1 138 ? 5.757   18.178  -13.366 1.00 42.24 ? 138 THR A CA  1 
ATOM   1027 C C   . THR A 1 138 ? 6.816   17.085  -13.144 1.00 41.56 ? 138 THR A C   1 
ATOM   1028 O O   . THR A 1 138 ? 7.586   16.774  -14.055 1.00 42.41 ? 138 THR A O   1 
ATOM   1029 C CB  . THR A 1 138 ? 6.198   19.546  -12.677 1.00 42.43 ? 138 THR A CB  1 
ATOM   1030 O OG1 . THR A 1 138 ? 5.725   20.654  -13.459 1.00 42.97 ? 138 THR A OG1 1 
ATOM   1031 C CG2 . THR A 1 138 ? 7.733   19.750  -12.692 1.00 42.58 ? 138 THR A CG2 1 
ATOM   1032 N N   . VAL A 1 139 ? 6.858   16.519  -11.946 1.00 40.52 ? 139 VAL A N   1 
ATOM   1033 C CA  . VAL A 1 139 ? 7.894   15.555  -11.565 1.00 39.81 ? 139 VAL A CA  1 
ATOM   1034 C C   . VAL A 1 139 ? 7.700   14.201  -12.273 1.00 38.83 ? 139 VAL A C   1 
ATOM   1035 O O   . VAL A 1 139 ? 6.586   13.679  -12.336 1.00 38.65 ? 139 VAL A O   1 
ATOM   1036 C CB  . VAL A 1 139 ? 7.913   15.372  -10.015 1.00 39.98 ? 139 VAL A CB  1 
ATOM   1037 C CG1 . VAL A 1 139 ? 8.929   14.310  -9.582  1.00 40.67 ? 139 VAL A CG1 1 
ATOM   1038 C CG2 . VAL A 1 139 ? 8.194   16.711  -9.334  1.00 40.49 ? 139 VAL A CG2 1 
ATOM   1039 N N   . LYS A 1 140 ? 8.796   13.641  -12.780 1.00 37.84 ? 140 LYS A N   1 
ATOM   1040 C CA  . LYS A 1 140 ? 8.770   12.422  -13.595 1.00 37.01 ? 140 LYS A CA  1 
ATOM   1041 C C   . LYS A 1 140 ? 9.206   11.152  -12.808 1.00 36.82 ? 140 LYS A C   1 
ATOM   1042 O O   . LYS A 1 140 ? 9.858   11.245  -11.756 1.00 36.41 ? 140 LYS A O   1 
ATOM   1043 C CB  . LYS A 1 140 ? 9.619   12.614  -14.852 1.00 36.76 ? 140 LYS A CB  1 
ATOM   1044 C CG  . LYS A 1 140 ? 8.912   13.495  -15.917 1.00 38.13 ? 140 LYS A CG  1 
ATOM   1045 C CD  . LYS A 1 140 ? 9.852   14.135  -16.965 1.00 38.95 ? 140 LYS A CD  1 
ATOM   1046 C CE  . LYS A 1 140 ? 9.975   15.651  -16.770 1.00 39.47 ? 140 LYS A CE  1 
ATOM   1047 N NZ  . LYS A 1 140 ? 10.733  16.315  -17.892 1.00 39.74 ? 140 LYS A NZ  1 
ATOM   1048 N N   . ASN A 1 141 ? 8.762   9.989   -13.312 1.00 36.06 ? 141 ASN A N   1 
ATOM   1049 C CA  . ASN A 1 141 ? 9.156   8.652   -12.861 1.00 35.22 ? 141 ASN A CA  1 
ATOM   1050 C C   . ASN A 1 141 ? 9.031   8.424   -11.366 1.00 33.57 ? 141 ASN A C   1 
ATOM   1051 O O   . ASN A 1 141 ? 9.893   7.827   -10.745 1.00 31.70 ? 141 ASN A O   1 
ATOM   1052 C CB  . ASN A 1 141 ? 10.562  8.305   -13.373 1.00 35.37 ? 141 ASN A CB  1 
ATOM   1053 C CG  . ASN A 1 141 ? 10.718  8.593   -14.838 1.00 38.19 ? 141 ASN A CG  1 
ATOM   1054 O OD1 . ASN A 1 141 ? 10.020  8.016   -15.683 1.00 41.61 ? 141 ASN A OD1 1 
ATOM   1055 N ND2 . ASN A 1 141 ? 11.618  9.523   -15.164 1.00 43.63 ? 141 ASN A ND2 1 
ATOM   1056 N N   . VAL A 1 142 ? 7.925   8.882   -10.813 1.00 33.00 ? 142 VAL A N   1 
ATOM   1057 C CA  . VAL A 1 142 ? 7.651   8.696   -9.408  1.00 33.33 ? 142 VAL A CA  1 
ATOM   1058 C C   . VAL A 1 142 ? 7.349   7.229   -9.100  1.00 33.52 ? 142 VAL A C   1 
ATOM   1059 O O   . VAL A 1 142 ? 6.581   6.587   -9.808  1.00 33.42 ? 142 VAL A O   1 
ATOM   1060 C CB  . VAL A 1 142 ? 6.526   9.609   -8.932  1.00 33.43 ? 142 VAL A CB  1 
ATOM   1061 C CG1 . VAL A 1 142 ? 6.231   9.373   -7.470  1.00 32.99 ? 142 VAL A CG1 1 
ATOM   1062 C CG2 . VAL A 1 142 ? 6.930   11.067  -9.148  1.00 34.41 ? 142 VAL A CG2 1 
ATOM   1063 N N   . ARG A 1 143 ? 7.957   6.715   -8.033  1.00 33.49 ? 143 ARG A N   1 
ATOM   1064 C CA  . ARG A 1 143 ? 7.868   5.301   -7.686  1.00 33.76 ? 143 ARG A CA  1 
ATOM   1065 C C   . ARG A 1 143 ? 8.136   5.109   -6.187  1.00 32.94 ? 143 ARG A C   1 
ATOM   1066 O O   . ARG A 1 143 ? 8.759   5.927   -5.558  1.00 31.91 ? 143 ARG A O   1 
ATOM   1067 C CB  . ARG A 1 143 ? 8.838   4.497   -8.547  1.00 34.35 ? 143 ARG A CB  1 
ATOM   1068 C CG  . ARG A 1 143 ? 10.207  4.305   -7.928  1.00 37.49 ? 143 ARG A CG  1 
ATOM   1069 C CD  . ARG A 1 143 ? 11.370  4.229   -8.899  1.00 39.62 ? 143 ARG A CD  1 
ATOM   1070 N NE  . ARG A 1 143 ? 11.702  5.575   -9.387  1.00 43.56 ? 143 ARG A NE  1 
ATOM   1071 C CZ  . ARG A 1 143 ? 12.935  6.070   -9.607  1.00 42.70 ? 143 ARG A CZ  1 
ATOM   1072 N NH1 . ARG A 1 143 ? 14.035  5.361   -9.364  1.00 41.89 ? 143 ARG A NH1 1 
ATOM   1073 N NH2 . ARG A 1 143 ? 13.053  7.316   -10.058 1.00 42.72 ? 143 ARG A NH2 1 
ATOM   1074 N N   . SER A 1 144 ? 7.607   4.058   -5.590  1.00 33.21 ? 144 SER A N   1 
ATOM   1075 C CA  . SER A 1 144 ? 7.820   3.845   -4.174  1.00 32.98 ? 144 SER A CA  1 
ATOM   1076 C C   . SER A 1 144 ? 8.066   2.389   -3.837  1.00 32.52 ? 144 SER A C   1 
ATOM   1077 O O   . SER A 1 144 ? 7.590   1.507   -4.516  1.00 31.34 ? 144 SER A O   1 
ATOM   1078 C CB  . SER A 1 144 ? 6.667   4.435   -3.368  1.00 33.24 ? 144 SER A CB  1 
ATOM   1079 O OG  . SER A 1 144 ? 5.464   3.757   -3.625  1.00 36.90 ? 144 SER A OG  1 
ATOM   1080 N N   . GLY A 1 145 ? 8.888   2.155   -2.825  1.00 33.18 ? 145 GLY A N   1 
ATOM   1081 C CA  . GLY A 1 145 ? 9.030   0.842   -2.223  1.00 33.98 ? 145 GLY A CA  1 
ATOM   1082 C C   . GLY A 1 145 ? 8.624   0.917   -0.768  1.00 34.83 ? 145 GLY A C   1 
ATOM   1083 O O   . GLY A 1 145 ? 8.971   1.870   -0.081  1.00 35.90 ? 145 GLY A O   1 
ATOM   1084 N N   . GLU A 1 146 ? 7.886   -0.071  -0.301  1.00 35.50 ? 146 GLU A N   1 
ATOM   1085 C CA  . GLU A 1 146 ? 7.358   -0.073  1.051   1.00 37.05 ? 146 GLU A CA  1 
ATOM   1086 C C   . GLU A 1 146 ? 7.584   -1.439  1.693   1.00 37.55 ? 146 GLU A C   1 
ATOM   1087 O O   . GLU A 1 146 ? 7.245   -2.475  1.105   1.00 38.35 ? 146 GLU A O   1 
ATOM   1088 C CB  . GLU A 1 146 ? 5.851   0.178   1.062   1.00 37.41 ? 146 GLU A CB  1 
ATOM   1089 C CG  . GLU A 1 146 ? 5.402   1.551   0.620   1.00 41.05 ? 146 GLU A CG  1 
ATOM   1090 C CD  . GLU A 1 146 ? 3.924   1.590   0.246   1.00 46.92 ? 146 GLU A CD  1 
ATOM   1091 O OE1 . GLU A 1 146 ? 3.123   2.148   1.020   1.00 54.44 ? 146 GLU A OE1 1 
ATOM   1092 O OE2 . GLU A 1 146 ? 3.547   1.079   -0.828  1.00 50.20 ? 146 GLU A OE2 1 
ATOM   1093 N N   . LEU A 1 147 ? 8.140   -1.435  2.890   1.00 37.32 ? 147 LEU A N   1 
ATOM   1094 C CA  . LEU A 1 147 ? 8.249   -2.607  3.703   1.00 37.87 ? 147 LEU A CA  1 
ATOM   1095 C C   . LEU A 1 147 ? 7.300   -2.439  4.833   1.00 37.23 ? 147 LEU A C   1 
ATOM   1096 O O   . LEU A 1 147 ? 7.359   -1.450  5.496   1.00 37.60 ? 147 LEU A O   1 
ATOM   1097 C CB  . LEU A 1 147 ? 9.661   -2.720  4.234   1.00 38.77 ? 147 LEU A CB  1 
ATOM   1098 C CG  . LEU A 1 147 ? 10.519  -3.676  3.415   1.00 42.75 ? 147 LEU A CG  1 
ATOM   1099 C CD1 . LEU A 1 147 ? 12.017  -3.509  3.768   1.00 44.14 ? 147 LEU A CD1 1 
ATOM   1100 C CD2 . LEU A 1 147 ? 9.999   -5.155  3.645   1.00 45.33 ? 147 LEU A CD2 1 
ATOM   1101 N N   . SER A 1 148 ? 6.425   -3.414  5.077   1.00 37.44 ? 148 SER A N   1 
ATOM   1102 C CA  . SER A 1 148 ? 5.367   -3.282  6.078   1.00 37.20 ? 148 SER A CA  1 
ATOM   1103 C C   . SER A 1 148 ? 5.110   -4.502  6.963   1.00 35.62 ? 148 SER A C   1 
ATOM   1104 O O   . SER A 1 148 ? 5.585   -5.594  6.743   1.00 35.02 ? 148 SER A O   1 
ATOM   1105 C CB  . SER A 1 148 ? 4.081   -2.981  5.365   1.00 37.69 ? 148 SER A CB  1 
ATOM   1106 O OG  . SER A 1 148 ? 3.737   -4.156  4.619   1.00 44.26 ? 148 SER A OG  1 
ATOM   1107 N N   . ALA A 1 149 ? 4.289   -4.261  7.966   1.00 35.06 ? 149 ALA A N   1 
ATOM   1108 C CA  . ALA A 1 149 ? 3.942   -5.219  8.987   1.00 34.19 ? 149 ALA A CA  1 
ATOM   1109 C C   . ALA A 1 149 ? 2.563   -4.808  9.420   1.00 33.53 ? 149 ALA A C   1 
ATOM   1110 O O   . ALA A 1 149 ? 2.366   -3.649  9.730   1.00 33.62 ? 149 ALA A O   1 
ATOM   1111 C CB  . ALA A 1 149 ? 4.900   -5.123  10.149  1.00 34.27 ? 149 ALA A CB  1 
ATOM   1112 N N   . GLY A 1 150 ? 1.619   -5.743  9.463   1.00 33.01 ? 150 GLY A N   1 
ATOM   1113 C CA  . GLY A 1 150 ? 0.252   -5.406  9.799   1.00 32.90 ? 150 GLY A CA  1 
ATOM   1114 C C   . GLY A 1 150 ? -0.520  -6.557  10.405  1.00 33.00 ? 150 GLY A C   1 
ATOM   1115 O O   . GLY A 1 150 ? 0.026   -7.654  10.538  1.00 32.77 ? 150 GLY A O   1 
ATOM   1116 N N   . VAL A 1 151 ? -1.777  -6.264  10.754  1.00 32.94 ? 151 VAL A N   1 
ATOM   1117 C CA  . VAL A 1 151 ? -2.764  -7.186  11.303  1.00 33.14 ? 151 VAL A CA  1 
ATOM   1118 C C   . VAL A 1 151 ? -4.040  -7.148  10.507  1.00 32.28 ? 151 VAL A C   1 
ATOM   1119 O O   . VAL A 1 151 ? -4.514  -6.095  10.145  1.00 31.45 ? 151 VAL A O   1 
ATOM   1120 C CB  . VAL A 1 151 ? -3.204  -6.788  12.736  1.00 33.39 ? 151 VAL A CB  1 
ATOM   1121 C CG1 . VAL A 1 151 ? -3.824  -7.986  13.456  1.00 35.70 ? 151 VAL A CG1 1 
ATOM   1122 C CG2 . VAL A 1 151 ? -2.045  -6.305  13.506  1.00 34.43 ? 151 VAL A CG2 1 
ATOM   1123 N N   . ARG A 1 152 ? -4.611  -8.328  10.299  1.00 32.38 ? 152 ARG A N   1 
ATOM   1124 C CA  . ARG A 1 152 ? -5.816  -8.541  9.498   1.00 31.62 ? 152 ARG A CA  1 
ATOM   1125 C C   . ARG A 1 152 ? -6.803  -9.343  10.336  1.00 32.27 ? 152 ARG A C   1 
ATOM   1126 O O   . ARG A 1 152 ? -6.460  -10.358 10.951  1.00 31.80 ? 152 ARG A O   1 
ATOM   1127 C CB  . ARG A 1 152 ? -5.442  -9.272  8.226   1.00 30.87 ? 152 ARG A CB  1 
ATOM   1128 C CG  . ARG A 1 152 ? -6.561  -9.617  7.269   1.00 30.73 ? 152 ARG A CG  1 
ATOM   1129 C CD  . ARG A 1 152 ? -6.165  -10.728 6.321   1.00 33.31 ? 152 ARG A CD  1 
ATOM   1130 N NE  . ARG A 1 152 ? -4.922  -10.318 5.687   1.00 37.84 ? 152 ARG A NE  1 
ATOM   1131 C CZ  . ARG A 1 152 ? -3.916  -11.085 5.350   1.00 36.72 ? 152 ARG A CZ  1 
ATOM   1132 N NH1 . ARG A 1 152 ? -3.956  -12.387 5.494   1.00 39.56 ? 152 ARG A NH1 1 
ATOM   1133 N NH2 . ARG A 1 152 ? -2.859  -10.520 4.842   1.00 38.25 ? 152 ARG A NH2 1 
ATOM   1134 N N   . VAL A 1 153 ? -8.027  -8.857  10.389  1.00 33.39 ? 153 VAL A N   1 
ATOM   1135 C CA  . VAL A 1 153 ? -9.079  -9.461  11.194  1.00 34.47 ? 153 VAL A CA  1 
ATOM   1136 C C   . VAL A 1 153 ? -10.171 -9.849  10.214  1.00 35.29 ? 153 VAL A C   1 
ATOM   1137 O O   . VAL A 1 153 ? -10.797 -8.965  9.646   1.00 33.79 ? 153 VAL A O   1 
ATOM   1138 C CB  . VAL A 1 153 ? -9.599  -8.455  12.218  1.00 34.29 ? 153 VAL A CB  1 
ATOM   1139 C CG1 . VAL A 1 153 ? -10.868 -8.954  12.895  1.00 36.27 ? 153 VAL A CG1 1 
ATOM   1140 C CG2 . VAL A 1 153 ? -8.539  -8.190  13.255  1.00 34.49 ? 153 VAL A CG2 1 
ATOM   1141 N N   . LYS A 1 154 ? -10.332 -11.154 9.952   1.00 37.59 ? 154 LYS A N   1 
ATOM   1142 C CA  . LYS A 1 154 ? -11.439 -11.615 9.105   1.00 40.01 ? 154 LYS A CA  1 
ATOM   1143 C C   . LYS A 1 154 ? -12.644 -11.843 9.961   1.00 41.29 ? 154 LYS A C   1 
ATOM   1144 O O   . LYS A 1 154 ? -12.726 -12.818 10.660  1.00 41.80 ? 154 LYS A O   1 
ATOM   1145 C CB  . LYS A 1 154 ? -11.155 -12.824 8.199   1.00 39.98 ? 154 LYS A CB  1 
ATOM   1146 C CG  . LYS A 1 154 ? -10.318 -13.956 8.732   1.00 43.39 ? 154 LYS A CG  1 
ATOM   1147 C CD  . LYS A 1 154 ? -8.978  -14.141 7.923   1.00 45.40 ? 154 LYS A CD  1 
ATOM   1148 C CE  . LYS A 1 154 ? -8.536  -15.632 7.836   1.00 45.84 ? 154 LYS A CE  1 
ATOM   1149 N NZ  . LYS A 1 154 ? -7.210  -15.823 7.041   1.00 47.22 ? 154 LYS A NZ  1 
ATOM   1150 N N   . PHE A 1 155 ? -13.534 -10.861 9.937   1.00 43.58 ? 155 PHE A N   1 
ATOM   1151 C CA  . PHE A 1 155 ? -14.836 -10.933 10.580  1.00 45.32 ? 155 PHE A CA  1 
ATOM   1152 C C   . PHE A 1 155 ? -15.742 -11.560 9.546   1.00 46.18 ? 155 PHE A C   1 
ATOM   1153 O O   . PHE A 1 155 ? -16.957 -11.415 9.632   1.00 46.81 ? 155 PHE A O   1 
ATOM   1154 C CB  . PHE A 1 155 ? -15.344 -9.543  11.017  1.00 45.27 ? 155 PHE A CB  1 
ATOM   1155 C CG  . PHE A 1 155 ? -15.547 -8.567  9.882   1.00 46.59 ? 155 PHE A CG  1 
ATOM   1156 C CD1 . PHE A 1 155 ? -16.816 -8.400  9.298   1.00 47.57 ? 155 PHE A CD1 1 
ATOM   1157 C CD2 . PHE A 1 155 ? -14.482 -7.770  9.420   1.00 46.51 ? 155 PHE A CD2 1 
ATOM   1158 C CE1 . PHE A 1 155 ? -17.023 -7.467  8.245   1.00 47.90 ? 155 PHE A CE1 1 
ATOM   1159 C CE2 . PHE A 1 155 ? -14.668 -6.852  8.369   1.00 46.76 ? 155 PHE A CE2 1 
ATOM   1160 C CZ  . PHE A 1 155 ? -15.941 -6.698  7.772   1.00 47.60 ? 155 PHE A CZ  1 
ATOM   1161 O OXT . PHE A 1 155 ? -15.212 -12.216 8.625   1.00 47.80 ? 155 PHE A OXT 1 
HETATM 1162 S S   . SO4 B 2 .   ? 17.048  4.237   6.509   1.00 90.79 ? 156 SO4 A S   1 
HETATM 1163 O O1  . SO4 B 2 .   ? 17.815  3.506   7.518   1.00 90.45 ? 156 SO4 A O1  1 
HETATM 1164 O O2  . SO4 B 2 .   ? 16.322  3.222   5.740   1.00 92.62 ? 156 SO4 A O2  1 
HETATM 1165 O O3  . SO4 B 2 .   ? 16.124  5.272   7.022   1.00 89.24 ? 156 SO4 A O3  1 
HETATM 1166 O O4  . SO4 B 2 .   ? 18.031  4.889   5.658   1.00 92.93 ? 156 SO4 A O4  1 
HETATM 1167 C C3  . CXE C 3 .   ? 6.472   -10.230 12.916  1.00 71.10 ? 157 CXE A C3  1 
HETATM 1168 C C4  . CXE C 3 .   ? 5.116   -9.830  12.323  1.00 70.97 ? 157 CXE A C4  1 
HETATM 1169 C C5  . CXE C 3 .   ? 4.952   -8.314  12.272  1.00 69.31 ? 157 CXE A C5  1 
HETATM 1170 C C6  . CXE C 3 .   ? 4.291   -7.696  13.502  1.00 68.14 ? 157 CXE A C6  1 
HETATM 1171 C C7  . CXE C 3 .   ? 3.051   -6.904  13.069  1.00 68.56 ? 157 CXE A C7  1 
HETATM 1172 C C8  . CXE C 3 .   ? 2.473   -5.974  14.139  1.00 68.18 ? 157 CXE A C8  1 
HETATM 1173 C C9  . CXE C 3 .   ? 1.409   -5.001  13.618  1.00 67.93 ? 157 CXE A C9  1 
HETATM 1174 C C10 . CXE C 3 .   ? 1.795   -3.535  13.777  1.00 68.98 ? 157 CXE A C10 1 
HETATM 1175 O O11 . CXE C 3 .   ? 1.109   -2.722  12.815  1.00 72.40 ? 157 CXE A O11 1 
HETATM 1176 C C12 . CXE C 3 .   ? -0.264  -2.410  13.037  1.00 70.86 ? 157 CXE A C12 1 
HETATM 1177 C C13 . CXE C 3 .   ? -0.297  -0.923  13.306  1.00 72.89 ? 157 CXE A C13 1 
HETATM 1178 O O14 . CXE C 3 .   ? -1.296  -0.237  12.559  1.00 75.10 ? 157 CXE A O14 1 
HETATM 1179 C C15 . CXE C 3 .   ? -0.855  1.067   12.134  1.00 78.26 ? 157 CXE A C15 1 
HETATM 1180 C C16 . CXE C 3 .   ? -2.020  2.035   11.910  1.00 80.40 ? 157 CXE A C16 1 
HETATM 1181 O O17 . CXE C 3 .   ? -2.227  2.430   10.531  1.00 81.46 ? 157 CXE A O17 1 
HETATM 1182 C C18 . CXE C 3 .   ? -3.595  2.762   10.183  1.00 79.85 ? 157 CXE A C18 1 
HETATM 1183 C C19 . CXE C 3 .   ? -3.725  4.233   9.784   1.00 79.92 ? 157 CXE A C19 1 
HETATM 1184 O O20 . CXE C 3 .   ? -4.389  4.388   8.526   1.00 79.89 ? 157 CXE A O20 1 
HETATM 1185 C C21 . CXE C 3 .   ? -3.823  5.331   7.588   1.00 78.70 ? 157 CXE A C21 1 
HETATM 1186 C C22 . CXE C 3 .   ? -4.191  6.763   7.986   1.00 78.15 ? 157 CXE A C22 1 
HETATM 1187 O O23 . CXE C 3 .   ? -3.504  7.721   7.182   1.00 75.64 ? 157 CXE A O23 1 
HETATM 1188 C C6  . CXE D 3 .   ? 10.417  -14.433 4.869   1.00 85.54 ? 200 CXE A C6  1 
HETATM 1189 C C7  . CXE D 3 .   ? 10.368  -14.101 6.365   1.00 85.85 ? 200 CXE A C7  1 
HETATM 1190 C C8  . CXE D 3 .   ? 10.096  -12.617 6.576   1.00 86.43 ? 200 CXE A C8  1 
HETATM 1191 C C9  . CXE D 3 .   ? 10.047  -12.299 8.064   1.00 87.22 ? 200 CXE A C9  1 
HETATM 1192 C C10 . CXE D 3 .   ? 9.388   -10.939 8.316   1.00 88.29 ? 200 CXE A C10 1 
HETATM 1193 O O11 . CXE D 3 .   ? 9.671   -10.451 9.646   1.00 89.85 ? 200 CXE A O11 1 
HETATM 1194 C C12 . CXE D 3 .   ? 8.869   -9.316  10.046  1.00 90.22 ? 200 CXE A C12 1 
HETATM 1195 C C13 . CXE D 3 .   ? 9.503   -8.005  9.555   1.00 90.09 ? 200 CXE A C13 1 
HETATM 1196 O O14 . CXE D 3 .   ? 8.599   -6.902  9.329   1.00 89.38 ? 200 CXE A O14 1 
HETATM 1197 C C15 . CXE D 3 .   ? 9.328   -5.834  8.701   1.00 87.53 ? 200 CXE A C15 1 
HETATM 1198 C C16 . CXE D 3 .   ? 8.427   -4.658  8.380   1.00 87.32 ? 200 CXE A C16 1 
HETATM 1199 O O17 . CXE D 3 .   ? 8.775   -3.513  9.176   1.00 88.43 ? 200 CXE A O17 1 
HETATM 1200 C C18 . CXE D 3 .   ? 8.405   -2.276  8.562   1.00 86.56 ? 200 CXE A C18 1 
HETATM 1201 C C19 . CXE D 3 .   ? 8.558   -1.138  9.556   1.00 87.02 ? 200 CXE A C19 1 
HETATM 1202 O O20 . CXE D 3 .   ? 7.308   -0.837  10.218  1.00 86.12 ? 200 CXE A O20 1 
HETATM 1203 C C21 . CXE D 3 .   ? 6.858   0.516   10.005  1.00 84.28 ? 200 CXE A C21 1 
HETATM 1204 C C22 . CXE D 3 .   ? 7.418   1.494   11.035  1.00 84.85 ? 200 CXE A C22 1 
HETATM 1205 O O23 . CXE D 3 .   ? 8.012   2.630   10.385  1.00 86.11 ? 200 CXE A O23 1 
HETATM 1206 C C24 . CXE D 3 .   ? 8.366   3.684   11.296  1.00 86.99 ? 200 CXE A C24 1 
HETATM 1207 C C25 . CXE D 3 .   ? 7.183   4.633   11.572  1.00 88.02 ? 200 CXE A C25 1 
HETATM 1208 O O26 . CXE D 3 .   ? 7.591   5.714   12.422  1.00 88.43 ? 200 CXE A O26 1 
HETATM 1209 C C3  . CXE E 3 .   ? 2.983   -5.896  -12.380 1.00 64.97 ? 300 CXE A C3  1 
HETATM 1210 C C4  . CXE E 3 .   ? 3.233   -4.401  -12.697 1.00 65.30 ? 300 CXE A C4  1 
HETATM 1211 C C5  . CXE E 3 .   ? 4.713   -4.072  -12.933 1.00 65.44 ? 300 CXE A C5  1 
HETATM 1212 C C6  . CXE E 3 .   ? 5.121   -2.618  -12.667 1.00 66.48 ? 300 CXE A C6  1 
HETATM 1213 C C7  . CXE E 3 .   ? 6.631   -2.449  -12.935 1.00 67.82 ? 300 CXE A C7  1 
HETATM 1214 C C8  . CXE E 3 .   ? 7.090   -1.011  -13.207 1.00 67.63 ? 300 CXE A C8  1 
HETATM 1215 C C9  . CXE E 3 .   ? 8.592   -0.901  -13.476 1.00 69.01 ? 300 CXE A C9  1 
HETATM 1216 C C10 . CXE E 3 .   ? 9.014   0.583   -13.554 1.00 71.85 ? 300 CXE A C10 1 
HETATM 1217 O O11 . CXE E 3 .   ? 10.432  0.809   -13.780 1.00 72.76 ? 300 CXE A O11 1 
HETATM 1218 C C3  . CXE F 3 .   ? -5.759  -5.073  -10.076 1.00 72.23 ? 400 CXE A C3  1 
HETATM 1219 C C4  . CXE F 3 .   ? -6.659  -4.877  -8.869  1.00 74.02 ? 400 CXE A C4  1 
HETATM 1220 C C5  . CXE F 3 .   ? -7.953  -5.678  -8.913  1.00 75.29 ? 400 CXE A C5  1 
HETATM 1221 C C6  . CXE F 3 .   ? -9.191  -4.775  -8.884  1.00 76.45 ? 400 CXE A C6  1 
HETATM 1222 C C7  . CXE F 3 .   ? -10.188 -5.267  -7.835  1.00 78.05 ? 400 CXE A C7  1 
HETATM 1223 C C8  . CXE F 3 .   ? -11.546 -5.629  -8.436  1.00 79.59 ? 400 CXE A C8  1 
HETATM 1224 C C9  . CXE F 3 .   ? -12.316 -6.565  -7.507  1.00 80.65 ? 400 CXE A C9  1 
HETATM 1225 C C10 . CXE F 3 .   ? -13.645 -7.000  -8.115  1.00 81.98 ? 400 CXE A C10 1 
HETATM 1226 O O11 . CXE F 3 .   ? -13.694 -8.435  -8.165  1.00 82.11 ? 400 CXE A O11 1 
HETATM 1227 C C12 . CXE F 3 .   ? -14.753 -9.013  -7.375  1.00 80.38 ? 400 CXE A C12 1 
HETATM 1228 C C13 . CXE F 3 .   ? -16.151 -8.542  -7.809  1.00 78.63 ? 400 CXE A C13 1 
HETATM 1229 C C3  . CXE G 3 .   ? 16.476  14.939  -1.919  1.00 79.19 ? 500 CXE A C3  1 
HETATM 1230 C C4  . CXE G 3 .   ? 15.015  15.294  -1.620  1.00 79.37 ? 500 CXE A C4  1 
HETATM 1231 C C5  . CXE G 3 .   ? 14.052  14.264  -2.225  1.00 79.98 ? 500 CXE A C5  1 
HETATM 1232 C C6  . CXE G 3 .   ? 12.880  14.878  -3.019  1.00 80.02 ? 500 CXE A C6  1 
HETATM 1233 C C7  . CXE G 3 .   ? 12.466  13.938  -4.159  1.00 79.65 ? 500 CXE A C7  1 
HETATM 1234 C C8  . CXE G 3 .   ? 10.991  13.539  -4.170  1.00 79.20 ? 500 CXE A C8  1 
HETATM 1235 C C9  . CXE G 3 .   ? 10.800  12.037  -4.458  1.00 78.61 ? 500 CXE A C9  1 
HETATM 1236 C C10 . CXE G 3 .   ? 9.393   11.704  -4.958  1.00 78.84 ? 500 CXE A C10 1 
HETATM 1237 O O11 . CXE G 3 .   ? 8.496   12.822  -4.864  1.00 79.63 ? 500 CXE A O11 1 
HETATM 1238 C C12 . CXE G 3 .   ? 7.522   12.891  -5.906  1.00 81.49 ? 500 CXE A C12 1 
HETATM 1239 C C13 . CXE G 3 .   ? 6.312   13.713  -5.463  1.00 82.55 ? 500 CXE A C13 1 
HETATM 1240 O O14 . CXE G 3 .   ? 6.507   15.059  -5.888  1.00 86.09 ? 500 CXE A O14 1 
HETATM 1241 C C15 . CXE G 3 .   ? 5.559   16.006  -5.360  1.00 87.52 ? 500 CXE A C15 1 
HETATM 1242 C C16 . CXE G 3 .   ? 5.416   17.205  -6.306  1.00 88.08 ? 500 CXE A C16 1 
HETATM 1243 O O17 . CXE G 3 .   ? 4.032   17.463  -6.626  1.00 88.90 ? 500 CXE A O17 1 
HETATM 1244 C C18 . CXE G 3 .   ? 3.503   18.631  -5.960  1.00 87.51 ? 500 CXE A C18 1 
HETATM 1245 C C19 . CXE G 3 .   ? 1.989   18.687  -6.118  1.00 87.47 ? 500 CXE A C19 1 
HETATM 1246 O O20 . CXE G 3 .   ? 1.380   19.830  -5.492  1.00 88.08 ? 500 CXE A O20 1 
HETATM 1247 C C21 . CXE G 3 .   ? 1.650   21.083  -6.156  1.00 88.02 ? 500 CXE A C21 1 
HETATM 1248 C C22 . CXE G 3 .   ? 0.383   21.876  -6.483  1.00 87.42 ? 500 CXE A C22 1 
HETATM 1249 O O23 . CXE G 3 .   ? 0.736   23.054  -7.234  1.00 86.66 ? 500 CXE A O23 1 
HETATM 1250 C CA  . ETA H 4 .   ? -1.042  -6.553  1.014   1.00 73.60 ? 501 ETA A CA  1 
HETATM 1251 N N   . ETA H 4 .   ? -1.228  -5.163  1.407   1.00 74.12 ? 501 ETA A N   1 
HETATM 1252 C C   . ETA H 4 .   ? -2.182  -7.424  1.603   1.00 73.51 ? 501 ETA A C   1 
HETATM 1253 O O   . ETA H 4 .   ? -1.618  -8.743  1.908   1.00 72.97 ? 501 ETA A O   1 
HETATM 1254 O O   . HOH I 5 .   ? -5.122  -6.548  2.280   1.00 64.22 ? 502 HOH A O   1 
HETATM 1255 O O   . HOH I 5 .   ? 5.999   14.601  4.520   1.00 56.11 ? 503 HOH A O   1 
HETATM 1256 O O   . HOH I 5 .   ? 0.766   4.041   -4.662  1.00 44.93 ? 504 HOH A O   1 
HETATM 1257 O O   . HOH I 5 .   ? -0.974  -18.965 16.635  1.00 50.28 ? 505 HOH A O   1 
HETATM 1258 O O   . HOH I 5 .   ? -3.884  -2.202  5.194   1.00 55.68 ? 506 HOH A O   1 
HETATM 1259 O O   . HOH I 5 .   ? -16.084 -16.898 -0.943  1.00 69.68 ? 507 HOH A O   1 
HETATM 1260 O O   . HOH I 5 .   ? 1.802   1.491   3.159   1.00 55.63 ? 508 HOH A O   1 
HETATM 1261 O O   . HOH I 5 .   ? -5.802  -2.766  -1.929  1.00 56.71 ? 509 HOH A O   1 
HETATM 1262 O O   . HOH I 5 .   ? -0.408  0.636   -7.488  1.00 58.39 ? 510 HOH A O   1 
# 
loop_
_pdbx_poly_seq_scheme.asym_id 
_pdbx_poly_seq_scheme.entity_id 
_pdbx_poly_seq_scheme.seq_id 
_pdbx_poly_seq_scheme.mon_id 
_pdbx_poly_seq_scheme.ndb_seq_num 
_pdbx_poly_seq_scheme.pdb_seq_num 
_pdbx_poly_seq_scheme.auth_seq_num 
_pdbx_poly_seq_scheme.pdb_mon_id 
_pdbx_poly_seq_scheme.auth_mon_id 
_pdbx_poly_seq_scheme.pdb_strand_id 
_pdbx_poly_seq_scheme.pdb_ins_code 
_pdbx_poly_seq_scheme.hetero 
A 1 1   GLU 1   1   1   GLU GLU A . n 
A 1 2   GLY 2   2   2   GLY GLY A . n 
A 1 3   ALA 3   3   3   ALA ALA A . n 
A 1 4   SER 4   4   4   SER SER A . n 
A 1 5   GLY 5   5   5   GLY GLY A . n 
A 1 6   PHE 6   6   6   PHE PHE A . n 
A 1 7   TYR 7   7   7   TYR TYR A . n 
A 1 8   VAL 8   8   8   VAL VAL A . n 
A 1 9   GLN 9   9   9   GLN GLN A . n 
A 1 10  ALA 10  10  10  ALA ALA A . n 
A 1 11  ASP 11  11  11  ASP ASP A . n 
A 1 12  ALA 12  12  12  ALA ALA A . n 
A 1 13  ALA 13  13  13  ALA ALA A . n 
A 1 14  HIS 14  14  14  HIS HIS A . n 
A 1 15  ALA 15  15  15  ALA ALA A . n 
A 1 16  LYS 16  16  16  LYS LYS A . n 
A 1 17  ALA 17  17  17  ALA ALA A . n 
A 1 18  SER 18  18  18  SER SER A . n 
A 1 19  SER 19  19  19  SER SER A . n 
A 1 20  SER 20  20  20  SER SER A . n 
A 1 21  LEU 21  21  21  LEU LEU A . n 
A 1 22  GLY 22  22  22  GLY GLY A . n 
A 1 23  SER 23  23  23  SER SER A . n 
A 1 24  ALA 24  24  24  ALA ALA A . n 
A 1 25  LYS 25  25  25  LYS LYS A . n 
A 1 26  GLY 26  26  26  GLY GLY A . n 
A 1 27  PHE 27  27  27  PHE PHE A . n 
A 1 28  SER 28  28  28  SER SER A . n 
A 1 29  PRO 29  29  29  PRO PRO A . n 
A 1 30  ARG 30  30  30  ARG ARG A . n 
A 1 31  ILE 31  31  31  ILE ILE A . n 
A 1 32  SER 32  32  32  SER SER A . n 
A 1 33  ALA 33  33  33  ALA ALA A . n 
A 1 34  GLY 34  34  34  GLY GLY A . n 
A 1 35  TYR 35  35  35  TYR TYR A . n 
A 1 36  ARG 36  36  36  ARG ARG A . n 
A 1 37  ILE 37  37  37  ILE ILE A . n 
A 1 38  ASN 38  38  38  ASN ASN A . n 
A 1 39  ASP 39  39  39  ASP ASP A . n 
A 1 40  LEU 40  40  40  LEU LEU A . n 
A 1 41  ARG 41  41  41  ARG ARG A . n 
A 1 42  PHE 42  42  42  PHE PHE A . n 
A 1 43  ALA 43  43  43  ALA ALA A . n 
A 1 44  VAL 44  44  44  VAL VAL A . n 
A 1 45  ASP 45  45  45  ASP ASP A . n 
A 1 46  TYR 46  46  46  TYR TYR A . n 
A 1 47  THR 47  47  47  THR THR A . n 
A 1 48  ARG 48  48  48  ARG ARG A . n 
A 1 49  TYR 49  49  49  TYR TYR A . n 
A 1 50  LYS 50  50  50  LYS LYS A . n 
A 1 51  ASN 51  51  51  ASN ASN A . n 
A 1 52  TYR 52  52  52  TYR TYR A . n 
A 1 53  LYS 53  53  53  LYS LYS A . n 
A 1 54  ALA 54  54  54  ALA ALA A . n 
A 1 55  PRO 55  55  55  PRO PRO A . n 
A 1 56  SER 56  56  56  SER SER A . n 
A 1 57  THR 57  57  57  THR THR A . n 
A 1 58  ASP 58  58  58  ASP ASP A . n 
A 1 59  PHE 59  59  59  PHE PHE A . n 
A 1 60  LYS 60  60  60  LYS LYS A . n 
A 1 61  LEU 61  61  61  LEU LEU A . n 
A 1 62  TYR 62  62  62  TYR TYR A . n 
A 1 63  SER 63  63  63  SER SER A . n 
A 1 64  ILE 64  64  64  ILE ILE A . n 
A 1 65  GLY 65  65  65  GLY GLY A . n 
A 1 66  ALA 66  66  66  ALA ALA A . n 
A 1 67  SER 67  67  67  SER SER A . n 
A 1 68  ALA 68  68  68  ALA ALA A . n 
A 1 69  ILE 69  69  69  ILE ILE A . n 
A 1 70  TYR 70  70  70  TYR TYR A . n 
A 1 71  ASP 71  71  71  ASP ASP A . n 
A 1 72  PHE 72  72  72  PHE PHE A . n 
A 1 73  ASP 73  73  73  ASP ASP A . n 
A 1 74  THR 74  74  74  THR THR A . n 
A 1 75  GLN 75  75  75  GLN GLN A . n 
A 1 76  SER 76  76  76  SER SER A . n 
A 1 77  PRO 77  77  77  PRO PRO A . n 
A 1 78  VAL 78  78  78  VAL VAL A . n 
A 1 79  LYS 79  79  79  LYS LYS A . n 
A 1 80  PRO 80  80  80  PRO PRO A . n 
A 1 81  TYR 81  81  81  TYR TYR A . n 
A 1 82  LEU 82  82  82  LEU LEU A . n 
A 1 83  GLY 83  83  83  GLY GLY A . n 
A 1 84  ALA 84  84  84  ALA ALA A . n 
A 1 85  ARG 85  85  85  ARG ARG A . n 
A 1 86  LEU 86  86  86  LEU LEU A . n 
A 1 87  SER 87  87  87  SER SER A . n 
A 1 88  LEU 88  88  88  LEU LEU A . n 
A 1 89  ASN 89  89  89  ASN ASN A . n 
A 1 90  ARG 90  90  90  ARG ARG A . n 
A 1 91  ALA 91  91  91  ALA ALA A . n 
A 1 92  SER 92  92  92  SER SER A . n 
A 1 93  VAL 93  93  93  VAL VAL A . n 
A 1 94  ASP 94  94  94  ASP ASP A . n 
A 1 95  LEU 95  95  95  LEU LEU A . n 
A 1 96  GLY 96  96  96  GLY GLY A . n 
A 1 97  GLY 97  97  97  GLY GLY A . n 
A 1 98  SER 98  98  98  SER SER A . n 
A 1 99  ASP 99  99  99  ASP ASP A . n 
A 1 100 SER 100 100 100 SER SER A . n 
A 1 101 PHE 101 101 101 PHE PHE A . n 
A 1 102 SER 102 102 102 SER SER A . n 
A 1 103 GLN 103 103 103 GLN GLN A . n 
A 1 104 THR 104 104 104 THR THR A . n 
A 1 105 SER 105 105 105 SER SER A . n 
A 1 106 ILE 106 106 106 ILE ILE A . n 
A 1 107 GLY 107 107 107 GLY GLY A . n 
A 1 108 LEU 108 108 108 LEU LEU A . n 
A 1 109 GLY 109 109 109 GLY GLY A . n 
A 1 110 VAL 110 110 110 VAL VAL A . n 
A 1 111 LEU 111 111 111 LEU LEU A . n 
A 1 112 THR 112 112 112 THR THR A . n 
A 1 113 GLY 113 113 113 GLY GLY A . n 
A 1 114 VAL 114 114 114 VAL VAL A . n 
A 1 115 SER 115 115 115 SER SER A . n 
A 1 116 TYR 116 116 116 TYR TYR A . n 
A 1 117 ALA 117 117 117 ALA ALA A . n 
A 1 118 VAL 118 118 118 VAL VAL A . n 
A 1 119 THR 119 119 119 THR THR A . n 
A 1 120 PRO 120 120 120 PRO PRO A . n 
A 1 121 ASN 121 121 121 ASN ASN A . n 
A 1 122 VAL 122 122 122 VAL VAL A . n 
A 1 123 ASP 123 123 123 ASP ASP A . n 
A 1 124 LEU 124 124 124 LEU LEU A . n 
A 1 125 ASP 125 125 125 ASP ASP A . n 
A 1 126 ALA 126 126 126 ALA ALA A . n 
A 1 127 GLY 127 127 127 GLY GLY A . n 
A 1 128 TYR 128 128 128 TYR TYR A . n 
A 1 129 ARG 129 129 129 ARG ARG A . n 
A 1 130 TYR 130 130 130 TYR TYR A . n 
A 1 131 ASN 131 131 131 ASN ASN A . n 
A 1 132 TYR 132 132 132 TYR TYR A . n 
A 1 133 ILE 133 133 133 ILE ILE A . n 
A 1 134 GLY 134 134 134 GLY GLY A . n 
A 1 135 LYS 135 135 135 LYS LYS A . n 
A 1 136 VAL 136 136 136 VAL VAL A . n 
A 1 137 ASN 137 137 137 ASN ASN A . n 
A 1 138 THR 138 138 138 THR THR A . n 
A 1 139 VAL 139 139 139 VAL VAL A . n 
A 1 140 LYS 140 140 140 LYS LYS A . n 
A 1 141 ASN 141 141 141 ASN ASN A . n 
A 1 142 VAL 142 142 142 VAL VAL A . n 
A 1 143 ARG 143 143 143 ARG ARG A . n 
A 1 144 SER 144 144 144 SER SER A . n 
A 1 145 GLY 145 145 145 GLY GLY A . n 
A 1 146 GLU 146 146 146 GLU GLU A . n 
A 1 147 LEU 147 147 147 LEU LEU A . n 
A 1 148 SER 148 148 148 SER SER A . n 
A 1 149 ALA 149 149 149 ALA ALA A . n 
A 1 150 GLY 150 150 150 GLY GLY A . n 
A 1 151 VAL 151 151 151 VAL VAL A . n 
A 1 152 ARG 152 152 152 ARG ARG A . n 
A 1 153 VAL 153 153 153 VAL VAL A . n 
A 1 154 LYS 154 154 154 LYS LYS A . n 
A 1 155 PHE 155 155 155 PHE PHE A . n 
# 
loop_
_pdbx_nonpoly_scheme.asym_id 
_pdbx_nonpoly_scheme.entity_id 
_pdbx_nonpoly_scheme.mon_id 
_pdbx_nonpoly_scheme.ndb_seq_num 
_pdbx_nonpoly_scheme.pdb_seq_num 
_pdbx_nonpoly_scheme.auth_seq_num 
_pdbx_nonpoly_scheme.pdb_mon_id 
_pdbx_nonpoly_scheme.auth_mon_id 
_pdbx_nonpoly_scheme.pdb_strand_id 
_pdbx_nonpoly_scheme.pdb_ins_code 
B 2 SO4 1 156 10  SO4 SO4 A . 
C 3 CXE 1 157 100 CXE CXE A . 
D 3 CXE 1 200 200 CXE CXE A . 
E 3 CXE 1 300 300 CXE CXE A . 
F 3 CXE 1 400 400 CXE CXE A . 
G 3 CXE 1 500 500 CXE CXE A . 
H 4 ETA 1 501 20  ETA ETA A . 
I 5 HOH 1 502 1   HOH HOH A . 
I 5 HOH 2 503 2   HOH HOH A . 
I 5 HOH 3 504 3   HOH HOH A . 
I 5 HOH 4 505 4   HOH HOH A . 
I 5 HOH 5 506 5   HOH HOH A . 
I 5 HOH 6 507 7   HOH HOH A . 
I 5 HOH 7 508 8   HOH HOH A . 
I 5 HOH 8 509 9   HOH HOH A . 
I 5 HOH 9 510 10  HOH HOH A . 
# 
loop_
_pdbx_struct_assembly.id 
_pdbx_struct_assembly.details 
_pdbx_struct_assembly.method_details 
_pdbx_struct_assembly.oligomeric_details 
_pdbx_struct_assembly.oligomeric_count 
1 author_and_software_defined_assembly PQS  monomeric 1 
2 software_defined_assembly            PISA trimeric  3 
# 
loop_
_pdbx_struct_assembly_gen.assembly_id 
_pdbx_struct_assembly_gen.oper_expression 
_pdbx_struct_assembly_gen.asym_id_list 
1 1     A,B,C,D,E,F,G,H,I 
2 1,2,3 A,B,C,D,E,F,G,H,I 
# 
loop_
_pdbx_struct_assembly_prop.biol_id 
_pdbx_struct_assembly_prop.type 
_pdbx_struct_assembly_prop.value 
_pdbx_struct_assembly_prop.details 
2 'ABSA (A^2)' 10960 ? 
2 MORE         -60   ? 
2 'SSA (A^2)'  24350 ? 
# 
loop_
_pdbx_struct_oper_list.id 
_pdbx_struct_oper_list.type 
_pdbx_struct_oper_list.name 
_pdbx_struct_oper_list.symmetry_operation 
_pdbx_struct_oper_list.matrix[1][1] 
_pdbx_struct_oper_list.matrix[1][2] 
_pdbx_struct_oper_list.matrix[1][3] 
_pdbx_struct_oper_list.vector[1] 
_pdbx_struct_oper_list.matrix[2][1] 
_pdbx_struct_oper_list.matrix[2][2] 
_pdbx_struct_oper_list.matrix[2][3] 
_pdbx_struct_oper_list.vector[2] 
_pdbx_struct_oper_list.matrix[3][1] 
_pdbx_struct_oper_list.matrix[3][2] 
_pdbx_struct_oper_list.matrix[3][3] 
_pdbx_struct_oper_list.vector[3] 
1 'identity operation'         1_555 x,y,z         1.0000000000  0.0000000000 0.0000000000  0.0000000000  0.0000000000 1.0000000000 0.0000000000  0.0000000000  0.0000000000  0.0000000000  1.0000000000  0.0000000000  
2 'crystal symmetry operation' 2_655 -y+1,x-y,z    -0.2258059015 0.7402685036 0.6332568495  -5.9799863866 0.3898120663 0.6643960443 -0.6376711137 8.7459424981  -0.8927811870 0.1028612603  -0.4385901428 25.4475776527 
3 'crystal symmetry operation' 3_665 -x+y+1,-x+1,z -0.2258059015 0.3898120663 -0.8927811870 17.9595284466 0.7402685036 0.6643960443 0.1028612603  -4.0015439341 0.6332568495  -0.6376711137 -0.4385901428 20.5249589488 
# 
loop_
_pdbx_audit_revision_history.ordinal 
_pdbx_audit_revision_history.data_content_type 
_pdbx_audit_revision_history.major_revision 
_pdbx_audit_revision_history.minor_revision 
_pdbx_audit_revision_history.revision_date 
1 'Structure model' 1 0 2003-07-22 
2 'Structure model' 1 1 2008-04-29 
3 'Structure model' 1 2 2011-07-13 
4 'Structure model' 2 0 2023-11-15 
# 
_pdbx_audit_revision_details.ordinal             1 
_pdbx_audit_revision_details.revision_ordinal    1 
_pdbx_audit_revision_details.data_content_type   'Structure model' 
_pdbx_audit_revision_details.provider            repository 
_pdbx_audit_revision_details.type                'Initial release' 
_pdbx_audit_revision_details.description         ? 
_pdbx_audit_revision_details.details             ? 
# 
loop_
_pdbx_audit_revision_group.ordinal 
_pdbx_audit_revision_group.revision_ordinal 
_pdbx_audit_revision_group.data_content_type 
_pdbx_audit_revision_group.group 
1 2 'Structure model' 'Version format compliance' 
2 3 'Structure model' Advisory                    
3 3 'Structure model' 'Derived calculations'      
4 3 'Structure model' 'Version format compliance' 
5 4 'Structure model' 'Atomic model'              
6 4 'Structure model' 'Data collection'           
7 4 'Structure model' 'Database references'       
8 4 'Structure model' 'Derived calculations'      
# 
loop_
_pdbx_audit_revision_category.ordinal 
_pdbx_audit_revision_category.revision_ordinal 
_pdbx_audit_revision_category.data_content_type 
_pdbx_audit_revision_category.category 
1 4 'Structure model' atom_site      
2 4 'Structure model' chem_comp_atom 
3 4 'Structure model' chem_comp_bond 
4 4 'Structure model' database_2     
5 4 'Structure model' struct_site    
# 
loop_
_pdbx_audit_revision_item.ordinal 
_pdbx_audit_revision_item.revision_ordinal 
_pdbx_audit_revision_item.data_content_type 
_pdbx_audit_revision_item.item 
1 4 'Structure model' '_atom_site.auth_atom_id'             
2 4 'Structure model' '_atom_site.label_atom_id'            
3 4 'Structure model' '_database_2.pdbx_DOI'                
4 4 'Structure model' '_database_2.pdbx_database_accession' 
5 4 'Structure model' '_struct_site.pdbx_auth_asym_id'      
6 4 'Structure model' '_struct_site.pdbx_auth_comp_id'      
7 4 'Structure model' '_struct_site.pdbx_auth_seq_id'       
# 
_pdbx_refine_tls.id               1 
_pdbx_refine_tls.details          ? 
_pdbx_refine_tls.method           refined 
_pdbx_refine_tls.origin_x         -0.0478 
_pdbx_refine_tls.origin_y         -0.2052 
_pdbx_refine_tls.origin_z         -0.0836 
_pdbx_refine_tls.T[1][1]          0.1869 
_pdbx_refine_tls.T[2][2]          0.1317 
_pdbx_refine_tls.T[3][3]          0.1006 
_pdbx_refine_tls.T[1][2]          -0.0200 
_pdbx_refine_tls.T[1][3]          -0.0028 
_pdbx_refine_tls.T[2][3]          -0.1139 
_pdbx_refine_tls.L[1][1]          3.1827 
_pdbx_refine_tls.L[2][2]          4.4428 
_pdbx_refine_tls.L[3][3]          4.8404 
_pdbx_refine_tls.L[1][2]          0.8890 
_pdbx_refine_tls.L[1][3]          0.1190 
_pdbx_refine_tls.L[2][3]          -1.1111 
_pdbx_refine_tls.S[1][1]          -0.0907 
_pdbx_refine_tls.S[1][2]          0.1630 
_pdbx_refine_tls.S[1][3]          0.0543 
_pdbx_refine_tls.S[2][1]          -0.3484 
_pdbx_refine_tls.S[2][2]          0.0115 
_pdbx_refine_tls.S[2][3]          0.0711 
_pdbx_refine_tls.S[3][1]          -0.2103 
_pdbx_refine_tls.S[3][2]          0.0088 
_pdbx_refine_tls.S[3][3]          0.0792 
_pdbx_refine_tls.pdbx_refine_id   'X-RAY DIFFRACTION' 
# 
loop_
_pdbx_refine_tls_group.id 
_pdbx_refine_tls_group.refine_tls_id 
_pdbx_refine_tls_group.beg_label_asym_id 
_pdbx_refine_tls_group.beg_label_seq_id 
_pdbx_refine_tls_group.beg_auth_seq_id 
_pdbx_refine_tls_group.end_label_asym_id 
_pdbx_refine_tls_group.end_label_seq_id 
_pdbx_refine_tls_group.end_auth_seq_id 
_pdbx_refine_tls_group.selection 
_pdbx_refine_tls_group.beg_auth_asym_id 
_pdbx_refine_tls_group.end_auth_asym_id 
_pdbx_refine_tls_group.pdbx_refine_id 
_pdbx_refine_tls_group.selection_details 
1 1 A 1 1   A 155 155 ? A A 'X-RAY DIFFRACTION' ? 
2 1 C ? 157 G ?   500 ? A A 'X-RAY DIFFRACTION' ? 
# 
loop_
_software.name 
_software.classification 
_software.version 
_software.citation_id 
_software.pdbx_ordinal 
REFMAC    refinement       5.1.19 ? 1 
DENZO     'data reduction' .      ? 2 
SCALEPACK 'data scaling'   .      ? 3 
MLPHARE   phasing          .      ? 4 
# 
loop_
_pdbx_validate_rmsd_angle.id 
_pdbx_validate_rmsd_angle.PDB_model_num 
_pdbx_validate_rmsd_angle.auth_atom_id_1 
_pdbx_validate_rmsd_angle.auth_asym_id_1 
_pdbx_validate_rmsd_angle.auth_comp_id_1 
_pdbx_validate_rmsd_angle.auth_seq_id_1 
_pdbx_validate_rmsd_angle.PDB_ins_code_1 
_pdbx_validate_rmsd_angle.label_alt_id_1 
_pdbx_validate_rmsd_angle.auth_atom_id_2 
_pdbx_validate_rmsd_angle.auth_asym_id_2 
_pdbx_validate_rmsd_angle.auth_comp_id_2 
_pdbx_validate_rmsd_angle.auth_seq_id_2 
_pdbx_validate_rmsd_angle.PDB_ins_code_2 
_pdbx_validate_rmsd_angle.label_alt_id_2 
_pdbx_validate_rmsd_angle.auth_atom_id_3 
_pdbx_validate_rmsd_angle.auth_asym_id_3 
_pdbx_validate_rmsd_angle.auth_comp_id_3 
_pdbx_validate_rmsd_angle.auth_seq_id_3 
_pdbx_validate_rmsd_angle.PDB_ins_code_3 
_pdbx_validate_rmsd_angle.label_alt_id_3 
_pdbx_validate_rmsd_angle.angle_value 
_pdbx_validate_rmsd_angle.angle_target_value 
_pdbx_validate_rmsd_angle.angle_deviation 
_pdbx_validate_rmsd_angle.angle_standard_deviation 
_pdbx_validate_rmsd_angle.linker_flag 
1 1 CB A ASP 73  ? ? CG A ASP 73  ? ? OD2 A ASP 73  ? ? 124.18 118.30 5.88 0.90 N 
2 1 CB A ASP 125 ? ? CG A ASP 125 ? ? OD2 A ASP 125 ? ? 124.99 118.30 6.69 0.90 N 
# 
loop_
_pdbx_validate_torsion.id 
_pdbx_validate_torsion.PDB_model_num 
_pdbx_validate_torsion.auth_comp_id 
_pdbx_validate_torsion.auth_asym_id 
_pdbx_validate_torsion.auth_seq_id 
_pdbx_validate_torsion.PDB_ins_code 
_pdbx_validate_torsion.label_alt_id 
_pdbx_validate_torsion.phi 
_pdbx_validate_torsion.psi 
1 1 PHE A 6   ? ? -35.77  143.29  
2 1 ASN A 38  ? ? 46.61   -136.02 
3 1 THR A 74  ? ? -121.41 -163.41 
4 1 GLN A 75  ? ? -99.09  43.38   
5 1 ASN A 137 ? ? 33.25   74.78   
6 1 THR A 138 ? ? 100.66  -54.12  
# 
loop_
_pdbx_unobs_or_zero_occ_atoms.id 
_pdbx_unobs_or_zero_occ_atoms.PDB_model_num 
_pdbx_unobs_or_zero_occ_atoms.polymer_flag 
_pdbx_unobs_or_zero_occ_atoms.occupancy_flag 
_pdbx_unobs_or_zero_occ_atoms.auth_asym_id 
_pdbx_unobs_or_zero_occ_atoms.auth_comp_id 
_pdbx_unobs_or_zero_occ_atoms.auth_seq_id 
_pdbx_unobs_or_zero_occ_atoms.PDB_ins_code 
_pdbx_unobs_or_zero_occ_atoms.auth_atom_id 
_pdbx_unobs_or_zero_occ_atoms.label_alt_id 
_pdbx_unobs_or_zero_occ_atoms.label_asym_id 
_pdbx_unobs_or_zero_occ_atoms.label_comp_id 
_pdbx_unobs_or_zero_occ_atoms.label_seq_id 
_pdbx_unobs_or_zero_occ_atoms.label_atom_id 
1  1 Y 1 A GLU 1   ? CG  ? A GLU 1  CG  
2  1 Y 1 A GLU 1   ? CD  ? A GLU 1  CD  
3  1 Y 1 A GLU 1   ? OE1 ? A GLU 1  OE1 
4  1 Y 1 A GLU 1   ? OE2 ? A GLU 1  OE2 
5  1 Y 1 A LYS 53  ? CG  ? A LYS 53 CG  
6  1 Y 1 A LYS 53  ? CD  ? A LYS 53 CD  
7  1 Y 1 A LYS 53  ? CE  ? A LYS 53 CE  
8  1 Y 1 A LYS 53  ? NZ  ? A LYS 53 NZ  
9  1 Y 1 A LYS 79  ? CG  ? A LYS 79 CG  
10 1 Y 1 A LYS 79  ? CD  ? A LYS 79 CD  
11 1 Y 1 A LYS 79  ? CE  ? A LYS 79 CE  
12 1 Y 1 A LYS 79  ? NZ  ? A LYS 79 NZ  
13 1 N 1 A CXE 157 ? C1  ? C CXE 1  C1  
14 1 N 1 A CXE 157 ? C2  ? C CXE 1  C2  
15 1 N 1 A CXE 157 ? C24 ? C CXE 1  C24 
16 1 N 1 A CXE 157 ? C25 ? C CXE 1  C25 
17 1 N 1 A CXE 157 ? O26 ? C CXE 1  O26 
18 1 N 1 A CXE 200 ? C1  ? D CXE 1  C1  
19 1 N 1 A CXE 200 ? C2  ? D CXE 1  C2  
20 1 N 1 A CXE 200 ? C3  ? D CXE 1  C3  
21 1 N 1 A CXE 200 ? C4  ? D CXE 1  C4  
22 1 N 1 A CXE 200 ? C5  ? D CXE 1  C5  
23 1 N 1 A CXE 300 ? C1  ? E CXE 1  C1  
24 1 N 1 A CXE 300 ? C2  ? E CXE 1  C2  
25 1 N 1 A CXE 300 ? C12 ? E CXE 1  C12 
26 1 N 1 A CXE 300 ? C13 ? E CXE 1  C13 
27 1 N 1 A CXE 300 ? O14 ? E CXE 1  O14 
28 1 N 1 A CXE 300 ? C15 ? E CXE 1  C15 
29 1 N 1 A CXE 300 ? C16 ? E CXE 1  C16 
30 1 N 1 A CXE 300 ? O17 ? E CXE 1  O17 
31 1 N 1 A CXE 300 ? C18 ? E CXE 1  C18 
32 1 N 1 A CXE 300 ? C19 ? E CXE 1  C19 
33 1 N 1 A CXE 300 ? O20 ? E CXE 1  O20 
34 1 N 1 A CXE 300 ? C21 ? E CXE 1  C21 
35 1 N 1 A CXE 300 ? C22 ? E CXE 1  C22 
36 1 N 1 A CXE 300 ? O23 ? E CXE 1  O23 
37 1 N 1 A CXE 300 ? C24 ? E CXE 1  C24 
38 1 N 1 A CXE 300 ? C25 ? E CXE 1  C25 
39 1 N 1 A CXE 300 ? O26 ? E CXE 1  O26 
40 1 N 1 A CXE 400 ? C1  ? F CXE 1  C1  
41 1 N 1 A CXE 400 ? C2  ? F CXE 1  C2  
42 1 N 1 A CXE 400 ? O14 ? F CXE 1  O14 
43 1 N 1 A CXE 400 ? C15 ? F CXE 1  C15 
44 1 N 1 A CXE 400 ? C16 ? F CXE 1  C16 
45 1 N 1 A CXE 400 ? O17 ? F CXE 1  O17 
46 1 N 1 A CXE 400 ? C18 ? F CXE 1  C18 
47 1 N 1 A CXE 400 ? C19 ? F CXE 1  C19 
48 1 N 1 A CXE 400 ? O20 ? F CXE 1  O20 
49 1 N 1 A CXE 400 ? C21 ? F CXE 1  C21 
50 1 N 1 A CXE 400 ? C22 ? F CXE 1  C22 
51 1 N 1 A CXE 400 ? O23 ? F CXE 1  O23 
52 1 N 1 A CXE 400 ? C24 ? F CXE 1  C24 
53 1 N 1 A CXE 400 ? C25 ? F CXE 1  C25 
54 1 N 1 A CXE 400 ? O26 ? F CXE 1  O26 
55 1 N 1 A CXE 500 ? C1  ? G CXE 1  C1  
56 1 N 1 A CXE 500 ? C2  ? G CXE 1  C2  
57 1 N 1 A CXE 500 ? C24 ? G CXE 1  C24 
58 1 N 1 A CXE 500 ? C25 ? G CXE 1  C25 
59 1 N 1 A CXE 500 ? O26 ? G CXE 1  O26 
# 
loop_
_chem_comp_atom.comp_id 
_chem_comp_atom.atom_id 
_chem_comp_atom.type_symbol 
_chem_comp_atom.pdbx_aromatic_flag 
_chem_comp_atom.pdbx_stereo_config 
_chem_comp_atom.pdbx_ordinal 
ALA N    N N N 1   
ALA CA   C N S 2   
ALA C    C N N 3   
ALA O    O N N 4   
ALA CB   C N N 5   
ALA OXT  O N N 6   
ALA H    H N N 7   
ALA H2   H N N 8   
ALA HA   H N N 9   
ALA HB1  H N N 10  
ALA HB2  H N N 11  
ALA HB3  H N N 12  
ALA HXT  H N N 13  
ARG N    N N N 14  
ARG CA   C N S 15  
ARG C    C N N 16  
ARG O    O N N 17  
ARG CB   C N N 18  
ARG CG   C N N 19  
ARG CD   C N N 20  
ARG NE   N N N 21  
ARG CZ   C N N 22  
ARG NH1  N N N 23  
ARG NH2  N N N 24  
ARG OXT  O N N 25  
ARG H    H N N 26  
ARG H2   H N N 27  
ARG HA   H N N 28  
ARG HB2  H N N 29  
ARG HB3  H N N 30  
ARG HG2  H N N 31  
ARG HG3  H N N 32  
ARG HD2  H N N 33  
ARG HD3  H N N 34  
ARG HE   H N N 35  
ARG HH11 H N N 36  
ARG HH12 H N N 37  
ARG HH21 H N N 38  
ARG HH22 H N N 39  
ARG HXT  H N N 40  
ASN N    N N N 41  
ASN CA   C N S 42  
ASN C    C N N 43  
ASN O    O N N 44  
ASN CB   C N N 45  
ASN CG   C N N 46  
ASN OD1  O N N 47  
ASN ND2  N N N 48  
ASN OXT  O N N 49  
ASN H    H N N 50  
ASN H2   H N N 51  
ASN HA   H N N 52  
ASN HB2  H N N 53  
ASN HB3  H N N 54  
ASN HD21 H N N 55  
ASN HD22 H N N 56  
ASN HXT  H N N 57  
ASP N    N N N 58  
ASP CA   C N S 59  
ASP C    C N N 60  
ASP O    O N N 61  
ASP CB   C N N 62  
ASP CG   C N N 63  
ASP OD1  O N N 64  
ASP OD2  O N N 65  
ASP OXT  O N N 66  
ASP H    H N N 67  
ASP H2   H N N 68  
ASP HA   H N N 69  
ASP HB2  H N N 70  
ASP HB3  H N N 71  
ASP HD2  H N N 72  
ASP HXT  H N N 73  
CXE C1   C N N 74  
CXE C2   C N N 75  
CXE C3   C N N 76  
CXE C4   C N N 77  
CXE C5   C N N 78  
CXE C6   C N N 79  
CXE C7   C N N 80  
CXE C8   C N N 81  
CXE C9   C N N 82  
CXE C10  C N N 83  
CXE O11  O N N 84  
CXE C12  C N N 85  
CXE C13  C N N 86  
CXE O14  O N N 87  
CXE C15  C N N 88  
CXE C16  C N N 89  
CXE O17  O N N 90  
CXE C18  C N N 91  
CXE C19  C N N 92  
CXE O20  O N N 93  
CXE C21  C N N 94  
CXE C22  C N N 95  
CXE O23  O N N 96  
CXE C24  C N N 97  
CXE C25  C N N 98  
CXE O26  O N N 99  
CXE H011 H N N 100 
CXE H012 H N N 101 
CXE H013 H N N 102 
CXE H021 H N N 103 
CXE H022 H N N 104 
CXE H031 H N N 105 
CXE H032 H N N 106 
CXE H041 H N N 107 
CXE H042 H N N 108 
CXE H051 H N N 109 
CXE H052 H N N 110 
CXE H061 H N N 111 
CXE H062 H N N 112 
CXE H071 H N N 113 
CXE H072 H N N 114 
CXE H081 H N N 115 
CXE H082 H N N 116 
CXE H091 H N N 117 
CXE H092 H N N 118 
CXE H101 H N N 119 
CXE H102 H N N 120 
CXE H121 H N N 121 
CXE H122 H N N 122 
CXE H131 H N N 123 
CXE H132 H N N 124 
CXE H151 H N N 125 
CXE H152 H N N 126 
CXE H161 H N N 127 
CXE H162 H N N 128 
CXE H181 H N N 129 
CXE H182 H N N 130 
CXE H191 H N N 131 
CXE H192 H N N 132 
CXE H211 H N N 133 
CXE H212 H N N 134 
CXE H221 H N N 135 
CXE H222 H N N 136 
CXE H241 H N N 137 
CXE H242 H N N 138 
CXE H251 H N N 139 
CXE H252 H N N 140 
CXE H26  H N N 141 
ETA CA   C N N 142 
ETA N    N N N 143 
ETA C    C N N 144 
ETA O    O N N 145 
ETA HA1  H N N 146 
ETA HA2  H N N 147 
ETA H    H N N 148 
ETA H2   H N N 149 
ETA HB1  H N N 150 
ETA HB2  H N N 151 
ETA HO   H N N 152 
GLN N    N N N 153 
GLN CA   C N S 154 
GLN C    C N N 155 
GLN O    O N N 156 
GLN CB   C N N 157 
GLN CG   C N N 158 
GLN CD   C N N 159 
GLN OE1  O N N 160 
GLN NE2  N N N 161 
GLN OXT  O N N 162 
GLN H    H N N 163 
GLN H2   H N N 164 
GLN HA   H N N 165 
GLN HB2  H N N 166 
GLN HB3  H N N 167 
GLN HG2  H N N 168 
GLN HG3  H N N 169 
GLN HE21 H N N 170 
GLN HE22 H N N 171 
GLN HXT  H N N 172 
GLU N    N N N 173 
GLU CA   C N S 174 
GLU C    C N N 175 
GLU O    O N N 176 
GLU CB   C N N 177 
GLU CG   C N N 178 
GLU CD   C N N 179 
GLU OE1  O N N 180 
GLU OE2  O N N 181 
GLU OXT  O N N 182 
GLU H    H N N 183 
GLU H2   H N N 184 
GLU HA   H N N 185 
GLU HB2  H N N 186 
GLU HB3  H N N 187 
GLU HG2  H N N 188 
GLU HG3  H N N 189 
GLU HE2  H N N 190 
GLU HXT  H N N 191 
GLY N    N N N 192 
GLY CA   C N N 193 
GLY C    C N N 194 
GLY O    O N N 195 
GLY OXT  O N N 196 
GLY H    H N N 197 
GLY H2   H N N 198 
GLY HA2  H N N 199 
GLY HA3  H N N 200 
GLY HXT  H N N 201 
HIS N    N N N 202 
HIS CA   C N S 203 
HIS C    C N N 204 
HIS O    O N N 205 
HIS CB   C N N 206 
HIS CG   C Y N 207 
HIS ND1  N Y N 208 
HIS CD2  C Y N 209 
HIS CE1  C Y N 210 
HIS NE2  N Y N 211 
HIS OXT  O N N 212 
HIS H    H N N 213 
HIS H2   H N N 214 
HIS HA   H N N 215 
HIS HB2  H N N 216 
HIS HB3  H N N 217 
HIS HD1  H N N 218 
HIS HD2  H N N 219 
HIS HE1  H N N 220 
HIS HE2  H N N 221 
HIS HXT  H N N 222 
HOH O    O N N 223 
HOH H1   H N N 224 
HOH H2   H N N 225 
ILE N    N N N 226 
ILE CA   C N S 227 
ILE C    C N N 228 
ILE O    O N N 229 
ILE CB   C N S 230 
ILE CG1  C N N 231 
ILE CG2  C N N 232 
ILE CD1  C N N 233 
ILE OXT  O N N 234 
ILE H    H N N 235 
ILE H2   H N N 236 
ILE HA   H N N 237 
ILE HB   H N N 238 
ILE HG12 H N N 239 
ILE HG13 H N N 240 
ILE HG21 H N N 241 
ILE HG22 H N N 242 
ILE HG23 H N N 243 
ILE HD11 H N N 244 
ILE HD12 H N N 245 
ILE HD13 H N N 246 
ILE HXT  H N N 247 
LEU N    N N N 248 
LEU CA   C N S 249 
LEU C    C N N 250 
LEU O    O N N 251 
LEU CB   C N N 252 
LEU CG   C N N 253 
LEU CD1  C N N 254 
LEU CD2  C N N 255 
LEU OXT  O N N 256 
LEU H    H N N 257 
LEU H2   H N N 258 
LEU HA   H N N 259 
LEU HB2  H N N 260 
LEU HB3  H N N 261 
LEU HG   H N N 262 
LEU HD11 H N N 263 
LEU HD12 H N N 264 
LEU HD13 H N N 265 
LEU HD21 H N N 266 
LEU HD22 H N N 267 
LEU HD23 H N N 268 
LEU HXT  H N N 269 
LYS N    N N N 270 
LYS CA   C N S 271 
LYS C    C N N 272 
LYS O    O N N 273 
LYS CB   C N N 274 
LYS CG   C N N 275 
LYS CD   C N N 276 
LYS CE   C N N 277 
LYS NZ   N N N 278 
LYS OXT  O N N 279 
LYS H    H N N 280 
LYS H2   H N N 281 
LYS HA   H N N 282 
LYS HB2  H N N 283 
LYS HB3  H N N 284 
LYS HG2  H N N 285 
LYS HG3  H N N 286 
LYS HD2  H N N 287 
LYS HD3  H N N 288 
LYS HE2  H N N 289 
LYS HE3  H N N 290 
LYS HZ1  H N N 291 
LYS HZ2  H N N 292 
LYS HZ3  H N N 293 
LYS HXT  H N N 294 
PHE N    N N N 295 
PHE CA   C N S 296 
PHE C    C N N 297 
PHE O    O N N 298 
PHE CB   C N N 299 
PHE CG   C Y N 300 
PHE CD1  C Y N 301 
PHE CD2  C Y N 302 
PHE CE1  C Y N 303 
PHE CE2  C Y N 304 
PHE CZ   C Y N 305 
PHE OXT  O N N 306 
PHE H    H N N 307 
PHE H2   H N N 308 
PHE HA   H N N 309 
PHE HB2  H N N 310 
PHE HB3  H N N 311 
PHE HD1  H N N 312 
PHE HD2  H N N 313 
PHE HE1  H N N 314 
PHE HE2  H N N 315 
PHE HZ   H N N 316 
PHE HXT  H N N 317 
PRO N    N N N 318 
PRO CA   C N S 319 
PRO C    C N N 320 
PRO O    O N N 321 
PRO CB   C N N 322 
PRO CG   C N N 323 
PRO CD   C N N 324 
PRO OXT  O N N 325 
PRO H    H N N 326 
PRO HA   H N N 327 
PRO HB2  H N N 328 
PRO HB3  H N N 329 
PRO HG2  H N N 330 
PRO HG3  H N N 331 
PRO HD2  H N N 332 
PRO HD3  H N N 333 
PRO HXT  H N N 334 
SER N    N N N 335 
SER CA   C N S 336 
SER C    C N N 337 
SER O    O N N 338 
SER CB   C N N 339 
SER OG   O N N 340 
SER OXT  O N N 341 
SER H    H N N 342 
SER H2   H N N 343 
SER HA   H N N 344 
SER HB2  H N N 345 
SER HB3  H N N 346 
SER HG   H N N 347 
SER HXT  H N N 348 
SO4 S    S N N 349 
SO4 O1   O N N 350 
SO4 O2   O N N 351 
SO4 O3   O N N 352 
SO4 O4   O N N 353 
THR N    N N N 354 
THR CA   C N S 355 
THR C    C N N 356 
THR O    O N N 357 
THR CB   C N R 358 
THR OG1  O N N 359 
THR CG2  C N N 360 
THR OXT  O N N 361 
THR H    H N N 362 
THR H2   H N N 363 
THR HA   H N N 364 
THR HB   H N N 365 
THR HG1  H N N 366 
THR HG21 H N N 367 
THR HG22 H N N 368 
THR HG23 H N N 369 
THR HXT  H N N 370 
TYR N    N N N 371 
TYR CA   C N S 372 
TYR C    C N N 373 
TYR O    O N N 374 
TYR CB   C N N 375 
TYR CG   C Y N 376 
TYR CD1  C Y N 377 
TYR CD2  C Y N 378 
TYR CE1  C Y N 379 
TYR CE2  C Y N 380 
TYR CZ   C Y N 381 
TYR OH   O N N 382 
TYR OXT  O N N 383 
TYR H    H N N 384 
TYR H2   H N N 385 
TYR HA   H N N 386 
TYR HB2  H N N 387 
TYR HB3  H N N 388 
TYR HD1  H N N 389 
TYR HD2  H N N 390 
TYR HE1  H N N 391 
TYR HE2  H N N 392 
TYR HH   H N N 393 
TYR HXT  H N N 394 
VAL N    N N N 395 
VAL CA   C N S 396 
VAL C    C N N 397 
VAL O    O N N 398 
VAL CB   C N N 399 
VAL CG1  C N N 400 
VAL CG2  C N N 401 
VAL OXT  O N N 402 
VAL H    H N N 403 
VAL H2   H N N 404 
VAL HA   H N N 405 
VAL HB   H N N 406 
VAL HG11 H N N 407 
VAL HG12 H N N 408 
VAL HG13 H N N 409 
VAL HG21 H N N 410 
VAL HG22 H N N 411 
VAL HG23 H N N 412 
VAL HXT  H N N 413 
# 
loop_
_chem_comp_bond.comp_id 
_chem_comp_bond.atom_id_1 
_chem_comp_bond.atom_id_2 
_chem_comp_bond.value_order 
_chem_comp_bond.pdbx_aromatic_flag 
_chem_comp_bond.pdbx_stereo_config 
_chem_comp_bond.pdbx_ordinal 
ALA N   CA   sing N N 1   
ALA N   H    sing N N 2   
ALA N   H2   sing N N 3   
ALA CA  C    sing N N 4   
ALA CA  CB   sing N N 5   
ALA CA  HA   sing N N 6   
ALA C   O    doub N N 7   
ALA C   OXT  sing N N 8   
ALA CB  HB1  sing N N 9   
ALA CB  HB2  sing N N 10  
ALA CB  HB3  sing N N 11  
ALA OXT HXT  sing N N 12  
ARG N   CA   sing N N 13  
ARG N   H    sing N N 14  
ARG N   H2   sing N N 15  
ARG CA  C    sing N N 16  
ARG CA  CB   sing N N 17  
ARG CA  HA   sing N N 18  
ARG C   O    doub N N 19  
ARG C   OXT  sing N N 20  
ARG CB  CG   sing N N 21  
ARG CB  HB2  sing N N 22  
ARG CB  HB3  sing N N 23  
ARG CG  CD   sing N N 24  
ARG CG  HG2  sing N N 25  
ARG CG  HG3  sing N N 26  
ARG CD  NE   sing N N 27  
ARG CD  HD2  sing N N 28  
ARG CD  HD3  sing N N 29  
ARG NE  CZ   sing N N 30  
ARG NE  HE   sing N N 31  
ARG CZ  NH1  sing N N 32  
ARG CZ  NH2  doub N N 33  
ARG NH1 HH11 sing N N 34  
ARG NH1 HH12 sing N N 35  
ARG NH2 HH21 sing N N 36  
ARG NH2 HH22 sing N N 37  
ARG OXT HXT  sing N N 38  
ASN N   CA   sing N N 39  
ASN N   H    sing N N 40  
ASN N   H2   sing N N 41  
ASN CA  C    sing N N 42  
ASN CA  CB   sing N N 43  
ASN CA  HA   sing N N 44  
ASN C   O    doub N N 45  
ASN C   OXT  sing N N 46  
ASN CB  CG   sing N N 47  
ASN CB  HB2  sing N N 48  
ASN CB  HB3  sing N N 49  
ASN CG  OD1  doub N N 50  
ASN CG  ND2  sing N N 51  
ASN ND2 HD21 sing N N 52  
ASN ND2 HD22 sing N N 53  
ASN OXT HXT  sing N N 54  
ASP N   CA   sing N N 55  
ASP N   H    sing N N 56  
ASP N   H2   sing N N 57  
ASP CA  C    sing N N 58  
ASP CA  CB   sing N N 59  
ASP CA  HA   sing N N 60  
ASP C   O    doub N N 61  
ASP C   OXT  sing N N 62  
ASP CB  CG   sing N N 63  
ASP CB  HB2  sing N N 64  
ASP CB  HB3  sing N N 65  
ASP CG  OD1  doub N N 66  
ASP CG  OD2  sing N N 67  
ASP OD2 HD2  sing N N 68  
ASP OXT HXT  sing N N 69  
CXE C1  C2   sing N N 70  
CXE C1  H011 sing N N 71  
CXE C1  H012 sing N N 72  
CXE C1  H013 sing N N 73  
CXE C2  C3   sing N N 74  
CXE C2  H021 sing N N 75  
CXE C2  H022 sing N N 76  
CXE C3  C4   sing N N 77  
CXE C3  H031 sing N N 78  
CXE C3  H032 sing N N 79  
CXE C4  C5   sing N N 80  
CXE C4  H041 sing N N 81  
CXE C4  H042 sing N N 82  
CXE C5  C6   sing N N 83  
CXE C5  H051 sing N N 84  
CXE C5  H052 sing N N 85  
CXE C6  C7   sing N N 86  
CXE C6  H061 sing N N 87  
CXE C6  H062 sing N N 88  
CXE C7  C8   sing N N 89  
CXE C7  H071 sing N N 90  
CXE C7  H072 sing N N 91  
CXE C8  C9   sing N N 92  
CXE C8  H081 sing N N 93  
CXE C8  H082 sing N N 94  
CXE C9  C10  sing N N 95  
CXE C9  H091 sing N N 96  
CXE C9  H092 sing N N 97  
CXE C10 O11  sing N N 98  
CXE C10 H101 sing N N 99  
CXE C10 H102 sing N N 100 
CXE O11 C12  sing N N 101 
CXE C12 C13  sing N N 102 
CXE C12 H121 sing N N 103 
CXE C12 H122 sing N N 104 
CXE C13 O14  sing N N 105 
CXE C13 H131 sing N N 106 
CXE C13 H132 sing N N 107 
CXE O14 C15  sing N N 108 
CXE C15 C16  sing N N 109 
CXE C15 H151 sing N N 110 
CXE C15 H152 sing N N 111 
CXE C16 O17  sing N N 112 
CXE C16 H161 sing N N 113 
CXE C16 H162 sing N N 114 
CXE O17 C18  sing N N 115 
CXE C18 C19  sing N N 116 
CXE C18 H181 sing N N 117 
CXE C18 H182 sing N N 118 
CXE C19 O20  sing N N 119 
CXE C19 H191 sing N N 120 
CXE C19 H192 sing N N 121 
CXE O20 C21  sing N N 122 
CXE C21 C22  sing N N 123 
CXE C21 H211 sing N N 124 
CXE C21 H212 sing N N 125 
CXE C22 O23  sing N N 126 
CXE C22 H221 sing N N 127 
CXE C22 H222 sing N N 128 
CXE O23 C24  sing N N 129 
CXE C24 C25  sing N N 130 
CXE C24 H241 sing N N 131 
CXE C24 H242 sing N N 132 
CXE C25 O26  sing N N 133 
CXE C25 H251 sing N N 134 
CXE C25 H252 sing N N 135 
CXE O26 H26  sing N N 136 
ETA CA  N    sing N N 137 
ETA CA  C    sing N N 138 
ETA CA  HA1  sing N N 139 
ETA CA  HA2  sing N N 140 
ETA N   H    sing N N 141 
ETA N   H2   sing N N 142 
ETA C   O    sing N N 143 
ETA C   HB1  sing N N 144 
ETA C   HB2  sing N N 145 
ETA O   HO   sing N N 146 
GLN N   CA   sing N N 147 
GLN N   H    sing N N 148 
GLN N   H2   sing N N 149 
GLN CA  C    sing N N 150 
GLN CA  CB   sing N N 151 
GLN CA  HA   sing N N 152 
GLN C   O    doub N N 153 
GLN C   OXT  sing N N 154 
GLN CB  CG   sing N N 155 
GLN CB  HB2  sing N N 156 
GLN CB  HB3  sing N N 157 
GLN CG  CD   sing N N 158 
GLN CG  HG2  sing N N 159 
GLN CG  HG3  sing N N 160 
GLN CD  OE1  doub N N 161 
GLN CD  NE2  sing N N 162 
GLN NE2 HE21 sing N N 163 
GLN NE2 HE22 sing N N 164 
GLN OXT HXT  sing N N 165 
GLU N   CA   sing N N 166 
GLU N   H    sing N N 167 
GLU N   H2   sing N N 168 
GLU CA  C    sing N N 169 
GLU CA  CB   sing N N 170 
GLU CA  HA   sing N N 171 
GLU C   O    doub N N 172 
GLU C   OXT  sing N N 173 
GLU CB  CG   sing N N 174 
GLU CB  HB2  sing N N 175 
GLU CB  HB3  sing N N 176 
GLU CG  CD   sing N N 177 
GLU CG  HG2  sing N N 178 
GLU CG  HG3  sing N N 179 
GLU CD  OE1  doub N N 180 
GLU CD  OE2  sing N N 181 
GLU OE2 HE2  sing N N 182 
GLU OXT HXT  sing N N 183 
GLY N   CA   sing N N 184 
GLY N   H    sing N N 185 
GLY N   H2   sing N N 186 
GLY CA  C    sing N N 187 
GLY CA  HA2  sing N N 188 
GLY CA  HA3  sing N N 189 
GLY C   O    doub N N 190 
GLY C   OXT  sing N N 191 
GLY OXT HXT  sing N N 192 
HIS N   CA   sing N N 193 
HIS N   H    sing N N 194 
HIS N   H2   sing N N 195 
HIS CA  C    sing N N 196 
HIS CA  CB   sing N N 197 
HIS CA  HA   sing N N 198 
HIS C   O    doub N N 199 
HIS C   OXT  sing N N 200 
HIS CB  CG   sing N N 201 
HIS CB  HB2  sing N N 202 
HIS CB  HB3  sing N N 203 
HIS CG  ND1  sing Y N 204 
HIS CG  CD2  doub Y N 205 
HIS ND1 CE1  doub Y N 206 
HIS ND1 HD1  sing N N 207 
HIS CD2 NE2  sing Y N 208 
HIS CD2 HD2  sing N N 209 
HIS CE1 NE2  sing Y N 210 
HIS CE1 HE1  sing N N 211 
HIS NE2 HE2  sing N N 212 
HIS OXT HXT  sing N N 213 
HOH O   H1   sing N N 214 
HOH O   H2   sing N N 215 
ILE N   CA   sing N N 216 
ILE N   H    sing N N 217 
ILE N   H2   sing N N 218 
ILE CA  C    sing N N 219 
ILE CA  CB   sing N N 220 
ILE CA  HA   sing N N 221 
ILE C   O    doub N N 222 
ILE C   OXT  sing N N 223 
ILE CB  CG1  sing N N 224 
ILE CB  CG2  sing N N 225 
ILE CB  HB   sing N N 226 
ILE CG1 CD1  sing N N 227 
ILE CG1 HG12 sing N N 228 
ILE CG1 HG13 sing N N 229 
ILE CG2 HG21 sing N N 230 
ILE CG2 HG22 sing N N 231 
ILE CG2 HG23 sing N N 232 
ILE CD1 HD11 sing N N 233 
ILE CD1 HD12 sing N N 234 
ILE CD1 HD13 sing N N 235 
ILE OXT HXT  sing N N 236 
LEU N   CA   sing N N 237 
LEU N   H    sing N N 238 
LEU N   H2   sing N N 239 
LEU CA  C    sing N N 240 
LEU CA  CB   sing N N 241 
LEU CA  HA   sing N N 242 
LEU C   O    doub N N 243 
LEU C   OXT  sing N N 244 
LEU CB  CG   sing N N 245 
LEU CB  HB2  sing N N 246 
LEU CB  HB3  sing N N 247 
LEU CG  CD1  sing N N 248 
LEU CG  CD2  sing N N 249 
LEU CG  HG   sing N N 250 
LEU CD1 HD11 sing N N 251 
LEU CD1 HD12 sing N N 252 
LEU CD1 HD13 sing N N 253 
LEU CD2 HD21 sing N N 254 
LEU CD2 HD22 sing N N 255 
LEU CD2 HD23 sing N N 256 
LEU OXT HXT  sing N N 257 
LYS N   CA   sing N N 258 
LYS N   H    sing N N 259 
LYS N   H2   sing N N 260 
LYS CA  C    sing N N 261 
LYS CA  CB   sing N N 262 
LYS CA  HA   sing N N 263 
LYS C   O    doub N N 264 
LYS C   OXT  sing N N 265 
LYS CB  CG   sing N N 266 
LYS CB  HB2  sing N N 267 
LYS CB  HB3  sing N N 268 
LYS CG  CD   sing N N 269 
LYS CG  HG2  sing N N 270 
LYS CG  HG3  sing N N 271 
LYS CD  CE   sing N N 272 
LYS CD  HD2  sing N N 273 
LYS CD  HD3  sing N N 274 
LYS CE  NZ   sing N N 275 
LYS CE  HE2  sing N N 276 
LYS CE  HE3  sing N N 277 
LYS NZ  HZ1  sing N N 278 
LYS NZ  HZ2  sing N N 279 
LYS NZ  HZ3  sing N N 280 
LYS OXT HXT  sing N N 281 
PHE N   CA   sing N N 282 
PHE N   H    sing N N 283 
PHE N   H2   sing N N 284 
PHE CA  C    sing N N 285 
PHE CA  CB   sing N N 286 
PHE CA  HA   sing N N 287 
PHE C   O    doub N N 288 
PHE C   OXT  sing N N 289 
PHE CB  CG   sing N N 290 
PHE CB  HB2  sing N N 291 
PHE CB  HB3  sing N N 292 
PHE CG  CD1  doub Y N 293 
PHE CG  CD2  sing Y N 294 
PHE CD1 CE1  sing Y N 295 
PHE CD1 HD1  sing N N 296 
PHE CD2 CE2  doub Y N 297 
PHE CD2 HD2  sing N N 298 
PHE CE1 CZ   doub Y N 299 
PHE CE1 HE1  sing N N 300 
PHE CE2 CZ   sing Y N 301 
PHE CE2 HE2  sing N N 302 
PHE CZ  HZ   sing N N 303 
PHE OXT HXT  sing N N 304 
PRO N   CA   sing N N 305 
PRO N   CD   sing N N 306 
PRO N   H    sing N N 307 
PRO CA  C    sing N N 308 
PRO CA  CB   sing N N 309 
PRO CA  HA   sing N N 310 
PRO C   O    doub N N 311 
PRO C   OXT  sing N N 312 
PRO CB  CG   sing N N 313 
PRO CB  HB2  sing N N 314 
PRO CB  HB3  sing N N 315 
PRO CG  CD   sing N N 316 
PRO CG  HG2  sing N N 317 
PRO CG  HG3  sing N N 318 
PRO CD  HD2  sing N N 319 
PRO CD  HD3  sing N N 320 
PRO OXT HXT  sing N N 321 
SER N   CA   sing N N 322 
SER N   H    sing N N 323 
SER N   H2   sing N N 324 
SER CA  C    sing N N 325 
SER CA  CB   sing N N 326 
SER CA  HA   sing N N 327 
SER C   O    doub N N 328 
SER C   OXT  sing N N 329 
SER CB  OG   sing N N 330 
SER CB  HB2  sing N N 331 
SER CB  HB3  sing N N 332 
SER OG  HG   sing N N 333 
SER OXT HXT  sing N N 334 
SO4 S   O1   doub N N 335 
SO4 S   O2   doub N N 336 
SO4 S   O3   sing N N 337 
SO4 S   O4   sing N N 338 
THR N   CA   sing N N 339 
THR N   H    sing N N 340 
THR N   H2   sing N N 341 
THR CA  C    sing N N 342 
THR CA  CB   sing N N 343 
THR CA  HA   sing N N 344 
THR C   O    doub N N 345 
THR C   OXT  sing N N 346 
THR CB  OG1  sing N N 347 
THR CB  CG2  sing N N 348 
THR CB  HB   sing N N 349 
THR OG1 HG1  sing N N 350 
THR CG2 HG21 sing N N 351 
THR CG2 HG22 sing N N 352 
THR CG2 HG23 sing N N 353 
THR OXT HXT  sing N N 354 
TYR N   CA   sing N N 355 
TYR N   H    sing N N 356 
TYR N   H2   sing N N 357 
TYR CA  C    sing N N 358 
TYR CA  CB   sing N N 359 
TYR CA  HA   sing N N 360 
TYR C   O    doub N N 361 
TYR C   OXT  sing N N 362 
TYR CB  CG   sing N N 363 
TYR CB  HB2  sing N N 364 
TYR CB  HB3  sing N N 365 
TYR CG  CD1  doub Y N 366 
TYR CG  CD2  sing Y N 367 
TYR CD1 CE1  sing Y N 368 
TYR CD1 HD1  sing N N 369 
TYR CD2 CE2  doub Y N 370 
TYR CD2 HD2  sing N N 371 
TYR CE1 CZ   doub Y N 372 
TYR CE1 HE1  sing N N 373 
TYR CE2 CZ   sing Y N 374 
TYR CE2 HE2  sing N N 375 
TYR CZ  OH   sing N N 376 
TYR OH  HH   sing N N 377 
TYR OXT HXT  sing N N 378 
VAL N   CA   sing N N 379 
VAL N   H    sing N N 380 
VAL N   H2   sing N N 381 
VAL CA  C    sing N N 382 
VAL CA  CB   sing N N 383 
VAL CA  HA   sing N N 384 
VAL C   O    doub N N 385 
VAL C   OXT  sing N N 386 
VAL CB  CG1  sing N N 387 
VAL CB  CG2  sing N N 388 
VAL CB  HB   sing N N 389 
VAL CG1 HG11 sing N N 390 
VAL CG1 HG12 sing N N 391 
VAL CG1 HG13 sing N N 392 
VAL CG2 HG21 sing N N 393 
VAL CG2 HG22 sing N N 394 
VAL CG2 HG23 sing N N 395 
VAL OXT HXT  sing N N 396 
# 
loop_
_pdbx_entity_nonpoly.entity_id 
_pdbx_entity_nonpoly.name 
_pdbx_entity_nonpoly.comp_id 
2 'SULFATE ION'                          SO4 
3 'PENTAETHYLENE GLYCOL MONODECYL ETHER' CXE 
4 ETHANOLAMINE                           ETA 
5 water                                  HOH 
# 
